data_1Z6H
#
_entry.id   1Z6H
#
loop_
_entity.id
_entity.type
_entity.pdbx_description
1 polymer 'Biotin/Lipoyl Attachment Protein'
2 non-polymer 5-(HEXAHYDRO-2-OXO-1H-THIENO[3,4-D]IMIDAZOL-6-YL)PENTANAL
#
_entity_poly.entity_id   1
_entity_poly.type   'polypeptide(L)'
_entity_poly.pdbx_seq_one_letter_code
;TVSIQMAGNLWKVHVKAGDQIEKGQEVAILESMKMEIPIVADRSGIVKEVKKKEGDFVNEGDVLLELSNSTQ
;
_entity_poly.pdbx_strand_id   A
#
loop_
_chem_comp.id
_chem_comp.type
_chem_comp.name
_chem_comp.formula
BTI non-polymer 5-(HEXAHYDRO-2-OXO-1H-THIENO[3,4-D]IMIDAZOL-6-YL)PENTANAL 'C10 H16 N2 O2 S'
#
# COMPACT_ATOMS: atom_id res chain seq x y z
N THR A 1 -6.29 -3.86 -5.67
CA THR A 1 -6.55 -4.74 -4.50
C THR A 1 -6.50 -3.93 -3.20
N VAL A 2 -5.30 -3.57 -2.70
CA VAL A 2 -5.14 -2.75 -1.51
C VAL A 2 -5.16 -1.29 -1.97
N SER A 3 -5.65 -0.39 -1.12
CA SER A 3 -5.81 1.02 -1.41
C SER A 3 -5.49 1.82 -0.13
N ILE A 4 -5.10 3.07 -0.32
CA ILE A 4 -4.83 4.02 0.76
C ILE A 4 -6.17 4.39 1.42
N GLN A 5 -6.13 4.81 2.70
CA GLN A 5 -7.30 4.99 3.55
C GLN A 5 -7.40 6.41 4.15
N MET A 6 -6.47 7.31 3.81
CA MET A 6 -6.39 8.67 4.35
C MET A 6 -5.67 9.56 3.33
N ALA A 7 -5.99 10.86 3.34
CA ALA A 7 -5.32 11.88 2.54
C ALA A 7 -3.89 12.04 3.02
N GLY A 8 -2.92 12.04 2.11
CA GLY A 8 -1.53 12.12 2.51
C GLY A 8 -0.54 11.92 1.37
N ASN A 9 0.67 11.53 1.76
CA ASN A 9 1.83 11.33 0.91
C ASN A 9 2.43 10.01 1.37
N LEU A 10 2.77 9.15 0.42
CA LEU A 10 3.16 7.77 0.66
C LEU A 10 4.63 7.70 1.07
N TRP A 11 4.91 8.25 2.25
CA TRP A 11 6.21 8.46 2.90
C TRP A 11 7.19 7.33 2.63
N LYS A 12 6.78 6.06 2.78
CA LYS A 12 7.61 4.90 2.44
C LYS A 12 6.76 3.82 1.83
N VAL A 13 7.37 2.94 1.04
CA VAL A 13 6.76 1.77 0.44
C VAL A 13 7.71 0.61 0.70
N HIS A 14 7.13 -0.58 0.95
CA HIS A 14 7.82 -1.78 1.43
C HIS A 14 7.38 -3.03 0.65
N VAL A 15 6.79 -2.82 -0.53
CA VAL A 15 6.34 -3.86 -1.45
C VAL A 15 6.95 -3.59 -2.83
N LYS A 16 7.04 -4.64 -3.64
CA LYS A 16 7.59 -4.62 -5.00
C LYS A 16 6.76 -5.60 -5.81
N ALA A 17 6.72 -5.46 -7.15
CA ALA A 17 6.12 -6.50 -8.00
C ALA A 17 6.86 -7.82 -7.76
N GLY A 18 6.10 -8.91 -7.61
CA GLY A 18 6.62 -10.25 -7.36
C GLY A 18 6.97 -10.52 -5.89
N ASP A 19 6.82 -9.54 -5.00
CA ASP A 19 7.06 -9.73 -3.56
C ASP A 19 5.89 -10.49 -2.93
N GLN A 20 5.98 -10.86 -1.66
CA GLN A 20 4.98 -11.60 -0.89
C GLN A 20 4.58 -10.72 0.29
N ILE A 21 3.28 -10.69 0.60
CA ILE A 21 2.73 -10.02 1.77
C ILE A 21 1.76 -10.94 2.48
N GLU A 22 1.43 -10.57 3.71
CA GLU A 22 0.62 -11.35 4.62
C GLU A 22 -0.26 -10.33 5.33
N LYS A 23 -1.53 -10.65 5.58
CA LYS A 23 -2.48 -9.73 6.18
C LYS A 23 -1.90 -9.13 7.47
N GLY A 24 -1.81 -7.80 7.52
CA GLY A 24 -1.28 -7.07 8.68
C GLY A 24 0.23 -6.76 8.60
N GLN A 25 0.95 -7.20 7.56
CA GLN A 25 2.35 -6.87 7.35
C GLN A 25 2.39 -5.44 6.77
N GLU A 26 3.38 -4.64 7.13
CA GLU A 26 3.53 -3.26 6.70
C GLU A 26 3.95 -3.21 5.22
N VAL A 27 3.14 -2.54 4.39
CA VAL A 27 3.36 -2.43 2.96
C VAL A 27 3.67 -0.99 2.55
N ALA A 28 3.24 0.02 3.32
CA ALA A 28 3.62 1.41 3.10
C ALA A 28 3.44 2.19 4.40
N ILE A 29 3.78 3.48 4.37
CA ILE A 29 3.48 4.41 5.46
C ILE A 29 2.98 5.71 4.82
N LEU A 30 2.01 6.35 5.46
CA LEU A 30 1.55 7.68 5.13
C LEU A 30 2.21 8.66 6.08
N GLU A 31 2.78 9.70 5.48
CA GLU A 31 2.71 11.03 6.05
C GLU A 31 1.32 11.53 5.66
N SER A 32 0.68 12.25 6.56
CA SER A 32 -0.59 12.90 6.31
C SER A 32 -0.51 14.29 6.93
N MET A 33 0.09 15.22 6.19
CA MET A 33 0.21 16.63 6.57
C MET A 33 0.77 16.78 7.98
N LYS A 34 1.82 15.98 8.26
CA LYS A 34 2.64 15.91 9.48
C LYS A 34 2.12 14.88 10.51
N MET A 35 1.11 14.08 10.17
CA MET A 35 0.65 12.93 10.95
C MET A 35 1.24 11.66 10.33
N GLU A 36 1.21 10.54 11.05
CA GLU A 36 1.91 9.31 10.70
C GLU A 36 0.94 8.13 10.82
N ILE A 37 0.79 7.35 9.74
CA ILE A 37 -0.17 6.23 9.70
C ILE A 37 0.50 5.06 8.97
N PRO A 38 0.84 3.94 9.65
CA PRO A 38 1.25 2.70 9.00
C PRO A 38 0.16 2.21 8.04
N ILE A 39 0.55 1.65 6.90
CA ILE A 39 -0.36 1.05 5.94
C ILE A 39 0.07 -0.40 5.80
N VAL A 40 -0.84 -1.29 6.21
CA VAL A 40 -0.60 -2.71 6.33
C VAL A 40 -1.50 -3.46 5.34
N ALA A 41 -1.06 -4.65 4.93
CA ALA A 41 -1.70 -5.44 3.91
C ALA A 41 -3.11 -5.80 4.35
N ASP A 42 -4.11 -5.40 3.57
CA ASP A 42 -5.51 -5.74 3.80
C ASP A 42 -5.76 -7.26 3.68
N ARG A 43 -4.93 -7.96 2.91
CA ARG A 43 -5.00 -9.40 2.67
C ARG A 43 -3.63 -9.88 2.21
N SER A 44 -3.32 -11.15 2.50
CA SER A 44 -2.10 -11.81 2.05
C SER A 44 -2.11 -11.98 0.52
N GLY A 45 -0.92 -12.14 -0.09
CA GLY A 45 -0.81 -12.52 -1.50
C GLY A 45 0.56 -12.21 -2.09
N ILE A 46 0.76 -12.62 -3.35
CA ILE A 46 1.91 -12.21 -4.14
C ILE A 46 1.51 -10.87 -4.76
N VAL A 47 2.39 -9.88 -4.69
CA VAL A 47 2.17 -8.58 -5.32
C VAL A 47 2.28 -8.76 -6.83
N LYS A 48 1.26 -8.34 -7.57
CA LYS A 48 1.31 -8.25 -9.02
C LYS A 48 1.87 -6.88 -9.40
N GLU A 49 1.35 -5.79 -8.83
CA GLU A 49 1.71 -4.45 -9.26
C GLU A 49 1.61 -3.50 -8.07
N VAL A 50 2.49 -2.51 -8.00
CA VAL A 50 2.42 -1.43 -7.02
C VAL A 50 1.88 -0.22 -7.78
N LYS A 51 0.77 0.36 -7.31
CA LYS A 51 0.03 1.38 -8.05
C LYS A 51 0.52 2.80 -7.72
N LYS A 52 1.50 2.93 -6.82
CA LYS A 52 2.11 4.17 -6.34
C LYS A 52 3.60 3.91 -6.12
N LYS A 53 4.33 4.92 -5.67
CA LYS A 53 5.74 4.81 -5.31
C LYS A 53 5.97 5.58 -4.01
N GLU A 54 7.08 5.29 -3.34
CA GLU A 54 7.58 6.05 -2.21
C GLU A 54 7.65 7.54 -2.59
N GLY A 55 6.87 8.36 -1.88
CA GLY A 55 6.80 9.81 -2.04
C GLY A 55 5.63 10.28 -2.91
N ASP A 56 4.82 9.38 -3.48
CA ASP A 56 3.67 9.79 -4.31
C ASP A 56 2.58 10.42 -3.43
N PHE A 57 1.71 11.24 -4.03
CA PHE A 57 0.52 11.77 -3.38
C PHE A 57 -0.55 10.68 -3.42
N VAL A 58 -1.35 10.59 -2.35
CA VAL A 58 -2.32 9.52 -2.16
C VAL A 58 -3.52 10.04 -1.37
N ASN A 59 -4.65 9.34 -1.45
CA ASN A 59 -5.88 9.76 -0.80
C ASN A 59 -6.73 8.59 -0.38
N GLU A 60 -7.77 8.85 0.41
CA GLU A 60 -8.73 7.83 0.82
C GLU A 60 -9.36 7.18 -0.43
N GLY A 61 -9.18 5.87 -0.58
CA GLY A 61 -9.73 5.09 -1.68
C GLY A 61 -8.86 5.15 -2.94
N ASP A 62 -7.70 5.82 -2.92
CA ASP A 62 -6.76 5.80 -4.03
C ASP A 62 -6.02 4.46 -3.98
N VAL A 63 -5.75 3.87 -5.14
CA VAL A 63 -5.17 2.53 -5.24
C VAL A 63 -3.73 2.50 -4.73
N LEU A 64 -3.29 1.34 -4.21
CA LEU A 64 -1.95 1.15 -3.64
C LEU A 64 -1.28 -0.09 -4.21
N LEU A 65 -1.97 -1.23 -4.29
CA LEU A 65 -1.36 -2.50 -4.58
C LEU A 65 -2.36 -3.40 -5.28
N GLU A 66 -1.86 -4.27 -6.13
CA GLU A 66 -2.62 -5.23 -6.92
C GLU A 66 -1.92 -6.55 -6.72
N LEU A 67 -2.66 -7.61 -6.42
CA LEU A 67 -2.11 -8.88 -5.97
C LEU A 67 -2.55 -9.98 -6.92
N SER A 68 -1.63 -10.88 -7.29
CA SER A 68 -1.86 -11.92 -8.28
C SER A 68 -3.01 -12.85 -7.86
N ASN A 69 -3.05 -13.22 -6.57
CA ASN A 69 -4.12 -14.05 -5.98
C ASN A 69 -5.48 -13.34 -5.97
N SER A 70 -5.53 -12.05 -6.29
CA SER A 70 -6.72 -11.20 -6.24
C SER A 70 -7.00 -10.58 -7.62
N THR A 71 -6.22 -10.95 -8.64
CA THR A 71 -6.30 -10.45 -10.01
C THR A 71 -6.15 -11.66 -10.96
N GLN A 72 -6.66 -12.82 -10.52
CA GLN A 72 -6.59 -14.09 -11.24
C GLN A 72 -7.29 -13.95 -12.60
C11 BTI B . 6.35 19.60 7.16
O11 BTI B . 5.56 19.57 6.22
C10 BTI B . 7.78 19.11 7.00
C9 BTI B . 7.88 17.61 6.65
C8 BTI B . 6.95 16.72 7.48
C7 BTI B . 7.41 15.25 7.45
C2 BTI B . 6.49 14.40 8.35
S1 BTI B . 6.51 14.76 10.11
C6 BTI B . 5.61 13.23 10.38
C5 BTI B . 6.15 12.17 9.41
N3 BTI B . 7.34 11.54 9.95
C3 BTI B . 8.49 11.77 9.28
O3 BTI B . 9.60 11.36 9.55
N2 BTI B . 8.12 12.53 8.24
C4 BTI B . 6.71 12.89 8.18
H102 BTI B . 8.32 19.27 7.93
H103 BTI B . 8.28 19.69 6.22
H92 BTI B . 8.91 17.32 6.85
H93 BTI B . 7.67 17.47 5.60
H82 BTI B . 5.94 16.78 7.07
H83 BTI B . 6.93 17.05 8.52
H72 BTI B . 8.43 15.18 7.83
H73 BTI B . 7.37 14.88 6.44
H2 BTI B . 5.47 14.63 8.02
H62 BTI B . 4.56 13.41 10.15
H63 BTI B . 5.70 12.90 11.42
H5 BTI B . 5.40 11.44 9.15
HN3 BTI B . 7.30 10.94 10.75
HN2 BTI B . 8.77 12.86 7.54
H4 BTI B . 6.26 12.50 7.27
N THR A 1 -6.39 -3.75 -5.94
CA THR A 1 -6.63 -4.65 -4.78
C THR A 1 -6.62 -3.82 -3.48
N VAL A 2 -5.44 -3.50 -2.90
CA VAL A 2 -5.37 -2.70 -1.68
C VAL A 2 -5.31 -1.24 -2.12
N SER A 3 -5.80 -0.34 -1.25
CA SER A 3 -5.91 1.09 -1.50
C SER A 3 -5.54 1.84 -0.23
N ILE A 4 -5.08 3.08 -0.37
CA ILE A 4 -4.80 4.00 0.71
C ILE A 4 -6.14 4.37 1.37
N GLN A 5 -6.11 4.73 2.65
CA GLN A 5 -7.30 4.91 3.49
C GLN A 5 -7.44 6.34 4.05
N MET A 6 -6.50 7.24 3.76
CA MET A 6 -6.46 8.60 4.28
C MET A 6 -5.69 9.50 3.30
N ALA A 7 -5.99 10.79 3.31
CA ALA A 7 -5.27 11.81 2.56
C ALA A 7 -3.83 11.91 3.05
N GLY A 8 -2.88 12.00 2.14
CA GLY A 8 -1.49 12.09 2.53
C GLY A 8 -0.49 11.91 1.39
N ASN A 9 0.72 11.56 1.77
CA ASN A 9 1.86 11.33 0.88
C ASN A 9 2.48 10.03 1.35
N LEU A 10 2.76 9.13 0.42
CA LEU A 10 3.14 7.75 0.68
C LEU A 10 4.62 7.63 1.08
N TRP A 11 4.99 8.31 2.16
CA TRP A 11 6.32 8.46 2.76
C TRP A 11 7.27 7.30 2.45
N LYS A 12 6.89 6.05 2.71
CA LYS A 12 7.68 4.88 2.33
C LYS A 12 6.77 3.80 1.81
N VAL A 13 7.36 2.87 1.06
CA VAL A 13 6.71 1.72 0.44
C VAL A 13 7.68 0.56 0.69
N HIS A 14 7.11 -0.61 0.93
CA HIS A 14 7.79 -1.81 1.41
C HIS A 14 7.36 -3.05 0.63
N VAL A 15 6.80 -2.82 -0.57
CA VAL A 15 6.36 -3.83 -1.52
C VAL A 15 6.96 -3.52 -2.89
N LYS A 16 7.02 -4.54 -3.75
CA LYS A 16 7.37 -4.42 -5.16
C LYS A 16 6.66 -5.57 -5.89
N ALA A 17 6.53 -5.45 -7.21
CA ALA A 17 6.06 -6.53 -8.07
C ALA A 17 6.86 -7.80 -7.78
N GLY A 18 6.14 -8.89 -7.51
CA GLY A 18 6.67 -10.23 -7.30
C GLY A 18 6.87 -10.59 -5.82
N ASP A 19 6.74 -9.64 -4.89
CA ASP A 19 7.01 -9.90 -3.48
C ASP A 19 5.80 -10.53 -2.77
N GLN A 20 6.05 -11.34 -1.74
CA GLN A 20 5.03 -11.91 -0.87
C GLN A 20 4.65 -10.87 0.19
N ILE A 21 3.38 -10.83 0.57
CA ILE A 21 2.86 -10.07 1.72
C ILE A 21 1.90 -10.95 2.51
N GLU A 22 1.56 -10.50 3.71
CA GLU A 22 0.82 -11.26 4.69
C GLU A 22 -0.12 -10.27 5.38
N LYS A 23 -1.36 -10.66 5.68
CA LYS A 23 -2.34 -9.77 6.29
C LYS A 23 -1.74 -9.10 7.52
N GLY A 24 -1.79 -7.77 7.56
CA GLY A 24 -1.29 -6.98 8.67
C GLY A 24 0.22 -6.66 8.59
N GLN A 25 0.93 -7.13 7.56
CA GLN A 25 2.30 -6.71 7.30
C GLN A 25 2.24 -5.27 6.81
N GLU A 26 3.17 -4.42 7.26
CA GLU A 26 3.36 -3.09 6.72
C GLU A 26 3.74 -3.21 5.23
N VAL A 27 3.05 -2.48 4.37
CA VAL A 27 3.33 -2.41 2.94
C VAL A 27 3.63 -0.97 2.52
N ALA A 28 3.17 0.05 3.25
CA ALA A 28 3.57 1.43 3.03
C ALA A 28 3.38 2.25 4.31
N ILE A 29 3.74 3.52 4.29
CA ILE A 29 3.49 4.46 5.38
C ILE A 29 2.98 5.76 4.75
N LEU A 30 2.00 6.38 5.40
CA LEU A 30 1.55 7.72 5.09
C LEU A 30 2.27 8.67 6.03
N GLU A 31 2.92 9.67 5.44
CA GLU A 31 2.81 11.01 5.97
C GLU A 31 1.37 11.44 5.65
N SER A 32 0.73 12.13 6.58
CA SER A 32 -0.60 12.65 6.41
C SER A 32 -0.56 14.05 7.00
N MET A 33 -0.06 15.00 6.20
CA MET A 33 0.07 16.41 6.54
C MET A 33 0.74 16.60 7.92
N LYS A 34 1.87 15.92 8.10
CA LYS A 34 2.77 15.89 9.26
C LYS A 34 2.35 14.90 10.36
N MET A 35 1.34 14.05 10.11
CA MET A 35 0.98 12.91 10.97
C MET A 35 1.52 11.64 10.31
N GLU A 36 1.54 10.53 11.06
CA GLU A 36 2.14 9.27 10.65
C GLU A 36 1.10 8.15 10.77
N ILE A 37 0.96 7.33 9.72
CA ILE A 37 -0.05 6.26 9.68
C ILE A 37 0.55 5.06 8.93
N PRO A 38 0.76 3.90 9.59
CA PRO A 38 1.11 2.65 8.91
C PRO A 38 0.02 2.27 7.90
N ILE A 39 0.41 1.69 6.77
CA ILE A 39 -0.50 1.14 5.77
C ILE A 39 -0.09 -0.32 5.64
N VAL A 40 -1.01 -1.21 6.00
CA VAL A 40 -0.76 -2.64 6.15
C VAL A 40 -1.60 -3.42 5.14
N ALA A 41 -1.11 -4.59 4.75
CA ALA A 41 -1.73 -5.45 3.77
C ALA A 41 -3.11 -5.89 4.28
N ASP A 42 -4.14 -5.52 3.53
CA ASP A 42 -5.52 -5.95 3.79
C ASP A 42 -5.70 -7.46 3.70
N ARG A 43 -4.85 -8.15 2.93
CA ARG A 43 -4.81 -9.61 2.82
C ARG A 43 -3.40 -10.08 2.48
N SER A 44 -3.10 -11.33 2.79
CA SER A 44 -1.88 -11.98 2.33
C SER A 44 -1.98 -12.15 0.81
N GLY A 45 -0.83 -12.27 0.11
CA GLY A 45 -0.82 -12.51 -1.32
C GLY A 45 0.57 -12.31 -1.91
N ILE A 46 0.68 -12.38 -3.24
CA ILE A 46 1.89 -12.03 -3.96
C ILE A 46 1.52 -10.83 -4.82
N VAL A 47 2.33 -9.79 -4.71
CA VAL A 47 2.12 -8.51 -5.36
C VAL A 47 2.27 -8.69 -6.87
N LYS A 48 1.22 -8.35 -7.61
CA LYS A 48 1.27 -8.25 -9.05
C LYS A 48 1.91 -6.90 -9.39
N GLU A 49 1.46 -5.80 -8.77
CA GLU A 49 1.93 -4.46 -9.10
C GLU A 49 1.73 -3.56 -7.89
N VAL A 50 2.50 -2.47 -7.80
CA VAL A 50 2.32 -1.41 -6.81
C VAL A 50 1.92 -0.17 -7.61
N LYS A 51 0.78 0.42 -7.25
CA LYS A 51 0.16 1.50 -8.02
C LYS A 51 0.69 2.88 -7.64
N LYS A 52 1.62 2.96 -6.67
CA LYS A 52 2.22 4.19 -6.15
C LYS A 52 3.68 3.88 -5.78
N LYS A 53 4.42 4.89 -5.33
CA LYS A 53 5.82 4.78 -4.90
C LYS A 53 6.07 5.72 -3.73
N GLU A 54 7.21 5.57 -3.08
CA GLU A 54 7.68 6.44 -2.00
C GLU A 54 7.48 7.92 -2.36
N GLY A 55 6.72 8.62 -1.52
CA GLY A 55 6.54 10.07 -1.58
C GLY A 55 5.46 10.50 -2.57
N ASP A 56 4.81 9.58 -3.29
CA ASP A 56 3.72 9.94 -4.21
C ASP A 56 2.51 10.44 -3.40
N PHE A 57 1.70 11.29 -4.00
CA PHE A 57 0.49 11.82 -3.37
C PHE A 57 -0.58 10.75 -3.43
N VAL A 58 -1.37 10.61 -2.35
CA VAL A 58 -2.34 9.55 -2.19
C VAL A 58 -3.53 10.05 -1.36
N ASN A 59 -4.66 9.34 -1.45
CA ASN A 59 -5.89 9.76 -0.79
C ASN A 59 -6.75 8.58 -0.40
N GLU A 60 -7.80 8.85 0.39
CA GLU A 60 -8.77 7.83 0.78
C GLU A 60 -9.37 7.19 -0.47
N GLY A 61 -9.20 5.87 -0.60
CA GLY A 61 -9.73 5.08 -1.71
C GLY A 61 -8.86 5.14 -2.97
N ASP A 62 -7.70 5.79 -2.93
CA ASP A 62 -6.76 5.79 -4.05
C ASP A 62 -6.00 4.47 -4.02
N VAL A 63 -5.76 3.86 -5.19
CA VAL A 63 -5.19 2.52 -5.29
C VAL A 63 -3.73 2.49 -4.80
N LEU A 64 -3.32 1.33 -4.26
CA LEU A 64 -1.99 1.12 -3.68
C LEU A 64 -1.32 -0.12 -4.25
N LEU A 65 -2.05 -1.24 -4.38
CA LEU A 65 -1.47 -2.54 -4.69
C LEU A 65 -2.46 -3.34 -5.52
N GLU A 66 -1.91 -4.23 -6.33
CA GLU A 66 -2.64 -5.24 -7.07
C GLU A 66 -1.92 -6.55 -6.79
N LEU A 67 -2.66 -7.62 -6.50
CA LEU A 67 -2.11 -8.88 -6.02
C LEU A 67 -2.67 -10.00 -6.89
N SER A 68 -1.83 -10.91 -7.34
CA SER A 68 -2.21 -11.98 -8.25
C SER A 68 -3.24 -12.95 -7.64
N ASN A 69 -3.28 -13.07 -6.30
CA ASN A 69 -4.28 -13.89 -5.61
C ASN A 69 -5.62 -13.16 -5.44
N SER A 70 -5.72 -11.88 -5.80
CA SER A 70 -6.91 -11.06 -5.62
C SER A 70 -7.49 -10.60 -6.97
N THR A 71 -6.71 -10.63 -8.05
CA THR A 71 -7.20 -10.37 -9.41
C THR A 71 -8.00 -11.55 -10.00
N GLN A 72 -8.06 -12.70 -9.30
CA GLN A 72 -8.84 -13.86 -9.74
C GLN A 72 -10.31 -13.50 -9.94
C11 BTI B . 6.73 19.78 6.95
O11 BTI B . 7.52 20.23 7.78
C10 BTI B . 7.26 19.00 5.73
C9 BTI B . 7.86 17.64 6.11
C8 BTI B . 6.88 16.74 6.86
C7 BTI B . 7.47 15.34 7.06
C2 BTI B . 6.57 14.47 7.95
S1 BTI B . 6.54 14.90 9.71
C6 BTI B . 5.77 13.30 10.04
C5 BTI B . 6.38 12.26 9.10
N3 BTI B . 7.60 11.70 9.65
C3 BTI B . 8.73 11.97 8.98
O3 BTI B . 9.87 11.63 9.25
N2 BTI B . 8.32 12.70 7.92
C4 BTI B . 6.90 12.96 7.84
H102 BTI B . 8.02 19.61 5.24
H103 BTI B . 6.44 18.84 5.02
H92 BTI B . 8.75 17.81 6.74
H93 BTI B . 8.18 17.15 5.19
H82 BTI B . 5.95 16.65 6.29
H83 BTI B . 6.66 17.17 7.83
H72 BTI B . 8.46 15.43 7.53
H73 BTI B . 7.59 14.86 6.08
H2 BTI B . 5.55 14.59 7.60
H62 BTI B . 4.71 13.38 9.81
H63 BTI B . 5.90 13.02 11.09
H5 BTI B . 5.66 11.47 8.85
HN3 BTI B . 7.59 11.10 10.47
HN2 BTI B . 8.96 13.05 7.22
H4 BTI B . 6.49 12.52 6.94
N THR A 1 -7.77 -4.88 -4.91
CA THR A 1 -6.74 -3.83 -4.92
C THR A 1 -6.64 -3.23 -3.51
N VAL A 2 -5.48 -3.35 -2.85
CA VAL A 2 -5.23 -2.66 -1.58
C VAL A 2 -5.18 -1.17 -1.93
N SER A 3 -5.72 -0.32 -1.05
CA SER A 3 -5.86 1.11 -1.29
C SER A 3 -5.58 1.88 0.00
N ILE A 4 -5.38 3.18 -0.16
CA ILE A 4 -5.07 4.13 0.89
C ILE A 4 -6.37 4.51 1.61
N GLN A 5 -6.23 5.03 2.83
CA GLN A 5 -7.32 5.25 3.79
C GLN A 5 -7.27 6.66 4.42
N MET A 6 -6.31 7.51 4.04
CA MET A 6 -6.26 8.91 4.46
C MET A 6 -5.62 9.77 3.37
N ALA A 7 -5.91 11.08 3.42
CA ALA A 7 -5.24 12.08 2.61
C ALA A 7 -3.79 12.18 3.07
N GLY A 8 -2.84 12.20 2.13
CA GLY A 8 -1.44 12.20 2.53
C GLY A 8 -0.46 12.02 1.39
N ASN A 9 0.74 11.64 1.77
CA ASN A 9 1.91 11.45 0.91
C ASN A 9 2.51 10.13 1.35
N LEU A 10 2.85 9.30 0.38
CA LEU A 10 3.24 7.91 0.60
C LEU A 10 4.70 7.82 1.03
N TRP A 11 4.98 8.33 2.24
CA TRP A 11 6.27 8.52 2.89
C TRP A 11 7.23 7.35 2.62
N LYS A 12 6.80 6.09 2.77
CA LYS A 12 7.62 4.93 2.45
C LYS A 12 6.78 3.84 1.82
N VAL A 13 7.42 2.98 1.03
CA VAL A 13 6.82 1.79 0.44
C VAL A 13 7.80 0.64 0.70
N HIS A 14 7.25 -0.55 0.91
CA HIS A 14 7.97 -1.73 1.40
C HIS A 14 7.61 -2.98 0.59
N VAL A 15 6.93 -2.79 -0.55
CA VAL A 15 6.50 -3.85 -1.46
C VAL A 15 7.06 -3.58 -2.86
N LYS A 16 7.19 -4.64 -3.65
CA LYS A 16 7.57 -4.61 -5.06
C LYS A 16 6.77 -5.70 -5.75
N ALA A 17 6.58 -5.61 -7.07
CA ALA A 17 6.00 -6.70 -7.84
C ALA A 17 6.79 -7.99 -7.60
N GLY A 18 6.08 -9.10 -7.43
CA GLY A 18 6.65 -10.41 -7.16
C GLY A 18 6.99 -10.66 -5.69
N ASP A 19 6.91 -9.66 -4.80
CA ASP A 19 7.19 -9.87 -3.37
C ASP A 19 6.00 -10.54 -2.67
N GLN A 20 6.26 -11.35 -1.63
CA GLN A 20 5.24 -11.97 -0.80
C GLN A 20 4.82 -10.97 0.29
N ILE A 21 3.53 -10.94 0.63
CA ILE A 21 2.97 -10.22 1.76
C ILE A 21 1.95 -11.10 2.46
N GLU A 22 1.56 -10.69 3.66
CA GLU A 22 0.73 -11.44 4.58
C GLU A 22 -0.20 -10.43 5.24
N LYS A 23 -1.45 -10.78 5.50
CA LYS A 23 -2.45 -9.86 6.05
C LYS A 23 -1.90 -9.21 7.32
N GLY A 24 -1.89 -7.87 7.35
CA GLY A 24 -1.41 -7.09 8.48
C GLY A 24 0.08 -6.75 8.42
N GLN A 25 0.84 -7.20 7.42
CA GLN A 25 2.24 -6.85 7.24
C GLN A 25 2.28 -5.43 6.67
N GLU A 26 3.20 -4.59 7.13
CA GLU A 26 3.37 -3.20 6.71
C GLU A 26 3.90 -3.14 5.27
N VAL A 27 3.08 -2.64 4.36
CA VAL A 27 3.40 -2.54 2.94
C VAL A 27 3.77 -1.09 2.57
N ALA A 28 3.31 -0.08 3.32
CA ALA A 28 3.72 1.31 3.11
C ALA A 28 3.45 2.14 4.37
N ILE A 29 3.81 3.41 4.35
CA ILE A 29 3.54 4.37 5.41
C ILE A 29 3.08 5.67 4.74
N LEU A 30 2.09 6.32 5.36
CA LEU A 30 1.64 7.66 5.04
C LEU A 30 2.32 8.63 5.99
N GLU A 31 2.85 9.70 5.43
CA GLU A 31 2.72 11.01 6.01
C GLU A 31 1.31 11.49 5.65
N SER A 32 0.68 12.19 6.56
CA SER A 32 -0.65 12.75 6.37
C SER A 32 -0.65 14.13 6.99
N MET A 33 -0.15 15.11 6.24
CA MET A 33 -0.12 16.52 6.63
C MET A 33 0.53 16.72 8.03
N LYS A 34 1.63 15.98 8.25
CA LYS A 34 2.49 15.92 9.45
C LYS A 34 2.04 14.88 10.49
N MET A 35 1.04 14.03 10.16
CA MET A 35 0.65 12.86 10.94
C MET A 35 1.30 11.62 10.30
N GLU A 36 1.27 10.50 11.00
CA GLU A 36 1.93 9.25 10.59
C GLU A 36 0.91 8.12 10.67
N ILE A 37 0.78 7.32 9.60
CA ILE A 37 -0.24 6.28 9.52
C ILE A 37 0.37 5.08 8.77
N PRO A 38 0.48 3.89 9.37
CA PRO A 38 0.85 2.66 8.65
C PRO A 38 -0.13 2.34 7.52
N ILE A 39 0.33 1.56 6.55
CA ILE A 39 -0.50 0.96 5.51
C ILE A 39 -0.06 -0.50 5.52
N VAL A 40 -1.00 -1.38 5.83
CA VAL A 40 -0.77 -2.81 6.00
C VAL A 40 -1.57 -3.56 4.94
N ALA A 41 -1.09 -4.76 4.59
CA ALA A 41 -1.71 -5.61 3.59
C ALA A 41 -3.10 -6.00 4.05
N ASP A 42 -4.11 -5.63 3.25
CA ASP A 42 -5.51 -5.98 3.52
C ASP A 42 -5.76 -7.49 3.44
N ARG A 43 -4.90 -8.23 2.73
CA ARG A 43 -4.95 -9.68 2.56
C ARG A 43 -3.56 -10.18 2.19
N SER A 44 -3.25 -11.42 2.52
CA SER A 44 -2.01 -12.08 2.10
C SER A 44 -1.98 -12.24 0.58
N GLY A 45 -0.79 -12.44 0.01
CA GLY A 45 -0.64 -12.78 -1.40
C GLY A 45 0.75 -12.45 -1.91
N ILE A 46 0.96 -12.64 -3.22
CA ILE A 46 2.15 -12.17 -3.90
C ILE A 46 1.71 -10.92 -4.65
N VAL A 47 2.48 -9.85 -4.52
CA VAL A 47 2.22 -8.58 -5.18
C VAL A 47 2.35 -8.78 -6.68
N LYS A 48 1.43 -8.19 -7.43
CA LYS A 48 1.41 -8.21 -8.89
C LYS A 48 1.77 -6.82 -9.41
N GLU A 49 1.28 -5.75 -8.78
CA GLU A 49 1.59 -4.39 -9.22
C GLU A 49 1.54 -3.47 -7.99
N VAL A 50 2.30 -2.37 -8.03
CA VAL A 50 2.29 -1.32 -7.02
C VAL A 50 1.80 -0.07 -7.75
N LYS A 51 0.65 0.47 -7.33
CA LYS A 51 -0.05 1.52 -8.05
C LYS A 51 0.54 2.91 -7.76
N LYS A 52 1.48 2.99 -6.81
CA LYS A 52 2.12 4.22 -6.33
C LYS A 52 3.59 3.92 -6.07
N LYS A 53 4.36 4.92 -5.65
CA LYS A 53 5.77 4.78 -5.30
C LYS A 53 6.06 5.68 -4.11
N GLU A 54 7.16 5.39 -3.41
CA GLU A 54 7.63 6.16 -2.27
C GLU A 54 7.73 7.65 -2.62
N GLY A 55 6.90 8.46 -1.96
CA GLY A 55 6.85 9.91 -2.12
C GLY A 55 5.68 10.39 -2.98
N ASP A 56 4.87 9.50 -3.55
CA ASP A 56 3.71 9.90 -4.36
C ASP A 56 2.63 10.54 -3.46
N PHE A 57 1.74 11.34 -4.05
CA PHE A 57 0.57 11.86 -3.39
C PHE A 57 -0.50 10.78 -3.38
N VAL A 58 -1.30 10.71 -2.32
CA VAL A 58 -2.29 9.66 -2.11
C VAL A 58 -3.48 10.23 -1.33
N ASN A 59 -4.62 9.53 -1.39
CA ASN A 59 -5.84 9.98 -0.72
C ASN A 59 -6.70 8.80 -0.31
N GLU A 60 -7.72 9.06 0.53
CA GLU A 60 -8.65 8.02 0.95
C GLU A 60 -9.32 7.40 -0.30
N GLY A 61 -9.21 6.08 -0.45
CA GLY A 61 -9.75 5.32 -1.55
C GLY A 61 -8.87 5.32 -2.81
N ASP A 62 -7.70 5.98 -2.77
CA ASP A 62 -6.75 5.96 -3.88
C ASP A 62 -5.99 4.64 -3.82
N VAL A 63 -5.77 4.00 -4.96
CA VAL A 63 -5.22 2.65 -5.05
C VAL A 63 -3.75 2.59 -4.60
N LEU A 64 -3.29 1.39 -4.19
CA LEU A 64 -1.93 1.18 -3.67
C LEU A 64 -1.30 -0.10 -4.23
N LEU A 65 -2.02 -1.24 -4.28
CA LEU A 65 -1.41 -2.53 -4.58
C LEU A 65 -2.40 -3.44 -5.29
N GLU A 66 -1.93 -4.26 -6.22
CA GLU A 66 -2.70 -5.33 -6.85
C GLU A 66 -1.89 -6.60 -6.62
N LEU A 67 -2.58 -7.73 -6.42
CA LEU A 67 -1.97 -8.99 -5.98
C LEU A 67 -2.42 -10.11 -6.90
N SER A 68 -1.57 -11.09 -7.10
CA SER A 68 -1.92 -12.30 -7.85
C SER A 68 -3.05 -13.04 -7.12
N ASN A 69 -3.04 -13.04 -5.78
CA ASN A 69 -4.08 -13.61 -4.93
C ASN A 69 -5.42 -12.84 -5.02
N SER A 70 -5.47 -11.73 -5.76
CA SER A 70 -6.67 -10.94 -5.99
C SER A 70 -7.02 -10.88 -7.49
N THR A 71 -6.28 -11.60 -8.34
CA THR A 71 -6.59 -11.80 -9.75
C THR A 71 -7.46 -13.07 -9.84
N GLN A 72 -8.57 -13.09 -9.10
CA GLN A 72 -9.56 -14.16 -9.07
C GLN A 72 -10.91 -13.55 -8.69
C11 BTI B . 5.37 19.59 6.63
O11 BTI B . 4.25 19.62 6.11
C10 BTI B . 6.55 19.07 5.81
C9 BTI B . 7.36 17.94 6.49
C8 BTI B . 6.47 16.86 7.11
C7 BTI B . 7.23 15.55 7.36
C2 BTI B . 6.36 14.60 8.20
S1 BTI B . 6.25 14.97 9.96
C6 BTI B . 5.53 13.34 10.22
C5 BTI B . 6.22 12.34 9.27
N3 BTI B . 7.44 11.82 9.85
C3 BTI B . 8.58 12.18 9.25
O3 BTI B . 9.73 11.86 9.58
N2 BTI B . 8.21 12.92 8.21
C4 BTI B . 6.77 13.12 8.06
H102 BTI B . 7.24 19.90 5.61
H103 BTI B . 6.19 18.71 4.85
H92 BTI B . 7.99 18.36 7.27
H93 BTI B . 8.00 17.48 5.73
H82 BTI B . 5.62 16.64 6.45
H83 BTI B . 6.09 17.24 8.06
H72 BTI B . 8.16 15.76 7.89
H73 BTI B . 7.46 15.09 6.40
H2 BTI B . 5.35 14.65 7.82
H62 BTI B . 4.48 13.39 9.94
H63 BTI B . 5.63 13.02 11.26
H5 BTI B . 5.55 11.55 8.96
HN3 BTI B . 7.42 11.19 10.64
HN2 BTI B . 8.86 13.34 7.56
H4 BTI B . 6.43 12.69 7.13
N THR A 1 -6.45 -3.83 -5.81
CA THR A 1 -6.70 -4.69 -4.62
C THR A 1 -6.64 -3.85 -3.33
N VAL A 2 -5.45 -3.56 -2.77
CA VAL A 2 -5.33 -2.72 -1.58
C VAL A 2 -5.32 -1.26 -2.06
N SER A 3 -5.84 -0.36 -1.24
CA SER A 3 -5.96 1.07 -1.51
C SER A 3 -5.66 1.83 -0.22
N ILE A 4 -5.23 3.08 -0.36
CA ILE A 4 -5.03 4.00 0.73
C ILE A 4 -6.41 4.41 1.28
N GLN A 5 -6.47 4.82 2.56
CA GLN A 5 -7.70 5.07 3.32
C GLN A 5 -7.73 6.49 3.89
N MET A 6 -6.70 7.31 3.65
CA MET A 6 -6.54 8.64 4.23
C MET A 6 -5.77 9.52 3.25
N ALA A 7 -6.05 10.83 3.28
CA ALA A 7 -5.33 11.84 2.53
C ALA A 7 -3.89 11.93 3.02
N GLY A 8 -2.92 11.99 2.10
CA GLY A 8 -1.53 12.06 2.50
C GLY A 8 -0.57 11.88 1.35
N ASN A 9 0.66 11.52 1.72
CA ASN A 9 1.82 11.36 0.87
C ASN A 9 2.45 10.06 1.32
N LEU A 10 2.74 9.16 0.38
CA LEU A 10 3.15 7.78 0.65
C LEU A 10 4.62 7.70 1.04
N TRP A 11 4.98 8.33 2.15
CA TRP A 11 6.31 8.49 2.75
C TRP A 11 7.26 7.34 2.44
N LYS A 12 6.88 6.08 2.71
CA LYS A 12 7.69 4.92 2.34
C LYS A 12 6.77 3.83 1.80
N VAL A 13 7.37 2.89 1.08
CA VAL A 13 6.74 1.74 0.46
C VAL A 13 7.70 0.58 0.71
N HIS A 14 7.14 -0.60 0.95
CA HIS A 14 7.84 -1.79 1.43
C HIS A 14 7.38 -3.04 0.67
N VAL A 15 6.83 -2.84 -0.53
CA VAL A 15 6.39 -3.86 -1.47
C VAL A 15 7.04 -3.61 -2.83
N LYS A 16 7.14 -4.66 -3.64
CA LYS A 16 7.58 -4.60 -5.03
C LYS A 16 6.76 -5.64 -5.80
N ALA A 17 6.65 -5.50 -7.12
CA ALA A 17 6.07 -6.54 -7.96
C ALA A 17 6.79 -7.87 -7.70
N GLY A 18 6.03 -8.95 -7.52
CA GLY A 18 6.52 -10.29 -7.27
C GLY A 18 6.83 -10.58 -5.80
N ASP A 19 6.79 -9.58 -4.90
CA ASP A 19 7.03 -9.79 -3.47
C ASP A 19 5.84 -10.50 -2.83
N GLN A 20 6.04 -11.16 -1.68
CA GLN A 20 4.99 -11.77 -0.87
C GLN A 20 4.59 -10.75 0.21
N ILE A 21 3.29 -10.68 0.52
CA ILE A 21 2.76 -9.95 1.66
C ILE A 21 1.79 -10.85 2.40
N GLU A 22 1.48 -10.47 3.64
CA GLU A 22 0.74 -11.28 4.59
C GLU A 22 -0.14 -10.30 5.35
N LYS A 23 -1.38 -10.65 5.64
CA LYS A 23 -2.36 -9.76 6.26
C LYS A 23 -1.75 -9.14 7.52
N GLY A 24 -1.73 -7.80 7.57
CA GLY A 24 -1.20 -7.04 8.71
C GLY A 24 0.29 -6.72 8.61
N GLN A 25 1.01 -7.19 7.58
CA GLN A 25 2.39 -6.78 7.33
C GLN A 25 2.35 -5.33 6.85
N GLU A 26 3.30 -4.51 7.29
CA GLU A 26 3.49 -3.17 6.76
C GLU A 26 3.85 -3.28 5.27
N VAL A 27 3.18 -2.50 4.43
CA VAL A 27 3.42 -2.42 2.99
C VAL A 27 3.72 -0.98 2.56
N ALA A 28 3.28 0.04 3.32
CA ALA A 28 3.65 1.42 3.07
C ALA A 28 3.48 2.24 4.36
N ILE A 29 3.82 3.52 4.31
CA ILE A 29 3.56 4.47 5.39
C ILE A 29 3.07 5.76 4.75
N LEU A 30 2.10 6.42 5.38
CA LEU A 30 1.66 7.76 5.05
C LEU A 30 2.37 8.72 5.99
N GLU A 31 2.91 9.78 5.40
CA GLU A 31 2.78 11.09 6.00
C GLU A 31 1.37 11.54 5.62
N SER A 32 0.68 12.16 6.57
CA SER A 32 -0.65 12.70 6.39
C SER A 32 -0.63 14.05 7.08
N MET A 33 -0.12 15.06 6.37
CA MET A 33 -0.03 16.44 6.84
C MET A 33 0.65 16.51 8.22
N LYS A 34 1.76 15.74 8.33
CA LYS A 34 2.69 15.61 9.45
C LYS A 34 2.28 14.54 10.49
N MET A 35 1.22 13.75 10.22
CA MET A 35 0.87 12.57 11.01
C MET A 35 1.49 11.33 10.37
N GLU A 36 2.05 10.43 11.19
CA GLU A 36 2.48 9.10 10.76
C GLU A 36 1.25 8.19 10.75
N ILE A 37 1.03 7.42 9.68
CA ILE A 37 0.01 6.37 9.66
C ILE A 37 0.61 5.16 8.91
N PRO A 38 0.86 4.02 9.59
CA PRO A 38 1.22 2.77 8.95
C PRO A 38 0.16 2.34 7.93
N ILE A 39 0.56 1.70 6.84
CA ILE A 39 -0.33 1.12 5.85
C ILE A 39 0.08 -0.34 5.74
N VAL A 40 -0.85 -1.22 6.07
CA VAL A 40 -0.61 -2.64 6.23
C VAL A 40 -1.46 -3.41 5.21
N ALA A 41 -1.00 -4.60 4.83
CA ALA A 41 -1.62 -5.45 3.85
C ALA A 41 -3.02 -5.84 4.34
N ASP A 42 -4.04 -5.40 3.60
CA ASP A 42 -5.43 -5.76 3.88
C ASP A 42 -5.65 -7.27 3.81
N ARG A 43 -4.87 -7.99 3.01
CA ARG A 43 -4.92 -9.45 2.88
C ARG A 43 -3.57 -9.96 2.36
N SER A 44 -3.26 -11.23 2.62
CA SER A 44 -2.06 -11.88 2.13
C SER A 44 -2.12 -12.08 0.61
N GLY A 45 -0.94 -12.21 -0.03
CA GLY A 45 -0.85 -12.61 -1.43
C GLY A 45 0.51 -12.25 -2.03
N ILE A 46 0.74 -12.64 -3.29
CA ILE A 46 1.88 -12.18 -4.08
C ILE A 46 1.44 -10.84 -4.69
N VAL A 47 2.30 -9.84 -4.64
CA VAL A 47 2.07 -8.56 -5.29
C VAL A 47 2.20 -8.76 -6.80
N LYS A 48 1.18 -8.33 -7.56
CA LYS A 48 1.27 -8.25 -9.01
C LYS A 48 1.87 -6.89 -9.37
N GLU A 49 1.40 -5.81 -8.76
CA GLU A 49 1.82 -4.45 -9.12
C GLU A 49 1.66 -3.56 -7.88
N VAL A 50 2.50 -2.52 -7.78
CA VAL A 50 2.36 -1.47 -6.78
C VAL A 50 1.96 -0.22 -7.57
N LYS A 51 0.82 0.38 -7.22
CA LYS A 51 0.21 1.45 -8.00
C LYS A 51 0.82 2.83 -7.67
N LYS A 52 1.73 2.91 -6.70
CA LYS A 52 2.32 4.13 -6.16
C LYS A 52 3.78 3.83 -5.82
N LYS A 53 4.52 4.84 -5.36
CA LYS A 53 5.90 4.73 -4.93
C LYS A 53 6.13 5.67 -3.75
N GLU A 54 7.27 5.55 -3.09
CA GLU A 54 7.71 6.46 -2.03
C GLU A 54 7.53 7.92 -2.46
N GLY A 55 6.73 8.66 -1.68
CA GLY A 55 6.53 10.09 -1.84
C GLY A 55 5.45 10.45 -2.85
N ASP A 56 4.75 9.48 -3.47
CA ASP A 56 3.61 9.78 -4.32
C ASP A 56 2.48 10.38 -3.48
N PHE A 57 1.62 11.19 -4.09
CA PHE A 57 0.43 11.72 -3.44
C PHE A 57 -0.63 10.62 -3.43
N VAL A 58 -1.41 10.54 -2.36
CA VAL A 58 -2.37 9.47 -2.15
C VAL A 58 -3.56 10.00 -1.36
N ASN A 59 -4.71 9.32 -1.46
CA ASN A 59 -5.94 9.78 -0.84
C ASN A 59 -6.83 8.62 -0.44
N GLU A 60 -7.89 8.92 0.30
CA GLU A 60 -8.91 7.95 0.66
C GLU A 60 -9.50 7.33 -0.61
N GLY A 61 -9.32 6.02 -0.78
CA GLY A 61 -9.82 5.25 -1.91
C GLY A 61 -8.90 5.28 -3.13
N ASP A 62 -7.73 5.94 -3.05
CA ASP A 62 -6.74 5.89 -4.11
C ASP A 62 -6.02 4.55 -4.03
N VAL A 63 -5.69 3.94 -5.16
CA VAL A 63 -5.16 2.58 -5.24
C VAL A 63 -3.73 2.50 -4.71
N LEU A 64 -3.32 1.32 -4.22
CA LEU A 64 -2.00 1.07 -3.65
C LEU A 64 -1.36 -0.17 -4.25
N LEU A 65 -2.09 -1.27 -4.40
CA LEU A 65 -1.52 -2.57 -4.75
C LEU A 65 -2.54 -3.38 -5.54
N GLU A 66 -2.04 -4.23 -6.42
CA GLU A 66 -2.80 -5.25 -7.11
C GLU A 66 -2.04 -6.53 -6.84
N LEU A 67 -2.76 -7.60 -6.50
CA LEU A 67 -2.16 -8.84 -6.00
C LEU A 67 -2.51 -9.95 -6.97
N SER A 68 -1.56 -10.82 -7.28
CA SER A 68 -1.76 -11.95 -8.18
C SER A 68 -2.82 -12.90 -7.64
N ASN A 69 -2.99 -12.95 -6.31
CA ASN A 69 -4.06 -13.70 -5.65
C ASN A 69 -5.44 -13.27 -6.15
N SER A 70 -5.62 -11.98 -6.44
CA SER A 70 -6.88 -11.41 -6.91
C SER A 70 -7.20 -11.80 -8.37
N THR A 71 -6.24 -12.34 -9.12
CA THR A 71 -6.34 -12.56 -10.57
C THR A 71 -6.08 -14.04 -10.93
N GLN A 72 -6.14 -14.94 -9.93
CA GLN A 72 -6.14 -16.38 -10.13
C GLN A 72 -7.28 -16.77 -11.09
C11 BTI B . 6.64 19.78 7.55
O11 BTI B . 7.41 20.18 8.43
C10 BTI B . 7.19 19.12 6.29
C9 BTI B . 7.82 17.75 6.56
C8 BTI B . 6.85 16.76 7.23
C7 BTI B . 7.50 15.39 7.37
C2 BTI B . 6.58 14.42 8.15
S1 BTI B . 6.43 14.70 9.92
C6 BTI B . 5.71 13.06 10.08
C5 BTI B . 6.42 12.12 9.11
N3 BTI B . 7.64 11.60 9.70
C3 BTI B . 8.78 11.96 9.11
O3 BTI B . 9.93 11.64 9.42
N2 BTI B . 8.41 12.72 8.08
C4 BTI B . 6.98 12.94 7.94
H102 BTI B . 7.94 19.78 5.85
H103 BTI B . 6.39 19.00 5.55
H92 BTI B . 8.70 17.88 7.21
H93 BTI B . 8.17 17.33 5.62
H82 BTI B . 5.95 16.68 6.62
H83 BTI B . 6.57 17.13 8.22
H72 BTI B . 8.45 15.48 7.90
H73 BTI B . 7.68 14.99 6.37
H2 BTI B . 5.58 14.54 7.75
H62 BTI B . 4.65 13.12 9.78
H63 BTI B . 5.76 12.69 11.11
H5 BTI B . 5.77 11.33 8.77
HN3 BTI B . 7.61 10.95 10.48
HN2 BTI B . 9.06 13.14 7.43
H4 BTI B . 6.62 12.55 6.98
N THR A 1 -8.15 -4.41 -4.09
CA THR A 1 -6.96 -5.14 -3.62
C THR A 1 -6.42 -4.48 -2.35
N VAL A 2 -5.56 -3.45 -2.43
CA VAL A 2 -5.17 -2.64 -1.29
C VAL A 2 -5.06 -1.21 -1.81
N SER A 3 -5.50 -0.26 -0.99
CA SER A 3 -5.65 1.15 -1.31
C SER A 3 -5.30 1.96 -0.07
N ILE A 4 -4.92 3.22 -0.28
CA ILE A 4 -4.66 4.20 0.76
C ILE A 4 -5.99 4.54 1.46
N GLN A 5 -5.91 4.95 2.73
CA GLN A 5 -7.06 5.13 3.62
C GLN A 5 -7.15 6.55 4.22
N MET A 6 -6.26 7.47 3.82
CA MET A 6 -6.27 8.86 4.28
C MET A 6 -5.63 9.76 3.22
N ALA A 7 -5.94 11.04 3.25
CA ALA A 7 -5.26 12.06 2.46
C ALA A 7 -3.81 12.16 2.94
N GLY A 8 -2.86 12.17 2.02
CA GLY A 8 -1.46 12.18 2.42
C GLY A 8 -0.48 12.00 1.29
N ASN A 9 0.73 11.61 1.69
CA ASN A 9 1.89 11.42 0.84
C ASN A 9 2.50 10.11 1.31
N LEU A 10 2.80 9.22 0.37
CA LEU A 10 3.17 7.84 0.64
C LEU A 10 4.63 7.72 1.06
N TRP A 11 4.95 8.33 2.20
CA TRP A 11 6.26 8.47 2.86
C TRP A 11 7.21 7.31 2.58
N LYS A 12 6.80 6.05 2.78
CA LYS A 12 7.60 4.89 2.41
C LYS A 12 6.69 3.81 1.86
N VAL A 13 7.29 2.87 1.13
CA VAL A 13 6.67 1.72 0.50
C VAL A 13 7.62 0.56 0.75
N HIS A 14 7.05 -0.63 0.95
CA HIS A 14 7.74 -1.82 1.44
C HIS A 14 7.31 -3.07 0.65
N VAL A 15 6.78 -2.85 -0.56
CA VAL A 15 6.34 -3.87 -1.51
C VAL A 15 6.99 -3.60 -2.86
N LYS A 16 7.12 -4.64 -3.68
CA LYS A 16 7.55 -4.58 -5.07
C LYS A 16 6.76 -5.63 -5.85
N ALA A 17 6.66 -5.50 -7.17
CA ALA A 17 6.09 -6.54 -8.01
C ALA A 17 6.83 -7.86 -7.76
N GLY A 18 6.07 -8.94 -7.56
CA GLY A 18 6.58 -10.28 -7.32
C GLY A 18 6.87 -10.56 -5.84
N ASP A 19 6.82 -9.56 -4.96
CA ASP A 19 7.06 -9.76 -3.52
C ASP A 19 5.88 -10.50 -2.87
N GLN A 20 6.12 -11.16 -1.74
CA GLN A 20 5.09 -11.79 -0.91
C GLN A 20 4.66 -10.79 0.16
N ILE A 21 3.38 -10.76 0.48
CA ILE A 21 2.82 -10.03 1.63
C ILE A 21 1.88 -10.95 2.38
N GLU A 22 1.52 -10.55 3.60
CA GLU A 22 0.82 -11.35 4.56
C GLU A 22 -0.13 -10.38 5.27
N LYS A 23 -1.37 -10.77 5.54
CA LYS A 23 -2.37 -9.88 6.16
C LYS A 23 -1.77 -9.25 7.42
N GLY A 24 -1.79 -7.91 7.49
CA GLY A 24 -1.28 -7.15 8.61
C GLY A 24 0.22 -6.82 8.53
N GLN A 25 0.94 -7.27 7.50
CA GLN A 25 2.32 -6.84 7.25
C GLN A 25 2.26 -5.39 6.79
N GLU A 26 3.20 -4.57 7.22
CA GLU A 26 3.37 -3.22 6.69
C GLU A 26 3.73 -3.33 5.20
N VAL A 27 3.03 -2.55 4.36
CA VAL A 27 3.28 -2.47 2.93
C VAL A 27 3.58 -1.03 2.51
N ALA A 28 3.13 -0.01 3.25
CA ALA A 28 3.51 1.38 3.03
C ALA A 28 3.33 2.18 4.32
N ILE A 29 3.69 3.46 4.30
CA ILE A 29 3.41 4.41 5.37
C ILE A 29 2.95 5.71 4.72
N LEU A 30 1.97 6.36 5.35
CA LEU A 30 1.54 7.70 5.01
C LEU A 30 2.21 8.66 5.98
N GLU A 31 2.81 9.70 5.41
CA GLU A 31 2.68 11.03 5.98
C GLU A 31 1.27 11.48 5.58
N SER A 32 0.59 12.16 6.50
CA SER A 32 -0.74 12.69 6.27
C SER A 32 -0.76 14.08 6.87
N MET A 33 -0.24 15.05 6.11
CA MET A 33 -0.16 16.46 6.52
C MET A 33 0.50 16.62 7.90
N LYS A 34 1.61 15.87 8.09
CA LYS A 34 2.46 15.77 9.27
C LYS A 34 1.98 14.76 10.32
N MET A 35 0.93 13.97 10.02
CA MET A 35 0.50 12.82 10.83
C MET A 35 1.17 11.56 10.26
N GLU A 36 1.15 10.46 11.02
CA GLU A 36 1.92 9.25 10.72
C GLU A 36 0.94 8.09 10.76
N ILE A 37 0.80 7.34 9.65
CA ILE A 37 -0.21 6.28 9.56
C ILE A 37 0.41 5.08 8.82
N PRO A 38 0.70 3.95 9.50
CA PRO A 38 1.09 2.70 8.85
C PRO A 38 0.00 2.26 7.88
N ILE A 39 0.38 1.63 6.77
CA ILE A 39 -0.52 1.04 5.80
C ILE A 39 -0.09 -0.41 5.69
N VAL A 40 -0.99 -1.30 6.12
CA VAL A 40 -0.73 -2.72 6.26
C VAL A 40 -1.60 -3.49 5.26
N ALA A 41 -1.13 -4.67 4.86
CA ALA A 41 -1.74 -5.50 3.84
C ALA A 41 -3.13 -5.91 4.28
N ASP A 42 -4.12 -5.59 3.45
CA ASP A 42 -5.51 -6.04 3.61
C ASP A 42 -5.64 -7.56 3.65
N ARG A 43 -4.73 -8.24 2.93
CA ARG A 43 -4.79 -9.68 2.66
C ARG A 43 -3.38 -10.15 2.32
N SER A 44 -3.12 -11.45 2.52
CA SER A 44 -1.89 -12.08 2.08
C SER A 44 -1.92 -12.26 0.55
N GLY A 45 -0.76 -12.39 -0.08
CA GLY A 45 -0.67 -12.73 -1.50
C GLY A 45 0.67 -12.37 -2.12
N ILE A 46 0.82 -12.68 -3.41
CA ILE A 46 1.93 -12.21 -4.21
C ILE A 46 1.48 -10.87 -4.83
N VAL A 47 2.34 -9.86 -4.73
CA VAL A 47 2.12 -8.57 -5.37
C VAL A 47 2.23 -8.76 -6.87
N LYS A 48 1.20 -8.35 -7.62
CA LYS A 48 1.27 -8.26 -9.07
C LYS A 48 1.87 -6.92 -9.45
N GLU A 49 1.44 -5.81 -8.82
CA GLU A 49 1.87 -4.47 -9.20
C GLU A 49 1.73 -3.55 -7.98
N VAL A 50 2.48 -2.46 -7.96
CA VAL A 50 2.36 -1.41 -6.94
C VAL A 50 1.98 -0.15 -7.71
N LYS A 51 0.86 0.47 -7.34
CA LYS A 51 0.25 1.57 -8.09
C LYS A 51 0.86 2.94 -7.73
N LYS A 52 1.76 2.99 -6.75
CA LYS A 52 2.36 4.22 -6.22
C LYS A 52 3.82 3.89 -5.87
N LYS A 53 4.57 4.89 -5.39
CA LYS A 53 5.93 4.75 -4.91
C LYS A 53 6.12 5.64 -3.69
N GLU A 54 7.28 5.52 -3.03
CA GLU A 54 7.71 6.42 -1.99
C GLU A 54 7.54 7.88 -2.43
N GLY A 55 6.79 8.65 -1.64
CA GLY A 55 6.62 10.08 -1.81
C GLY A 55 5.56 10.46 -2.84
N ASP A 56 4.84 9.49 -3.43
CA ASP A 56 3.72 9.82 -4.32
C ASP A 56 2.59 10.45 -3.49
N PHE A 57 1.77 11.29 -4.12
CA PHE A 57 0.58 11.86 -3.49
C PHE A 57 -0.51 10.80 -3.51
N VAL A 58 -1.31 10.72 -2.45
CA VAL A 58 -2.28 9.65 -2.25
C VAL A 58 -3.46 10.17 -1.44
N ASN A 59 -4.58 9.45 -1.48
CA ASN A 59 -5.80 9.87 -0.80
C ASN A 59 -6.63 8.68 -0.35
N GLU A 60 -7.62 8.94 0.50
CA GLU A 60 -8.62 7.97 0.92
C GLU A 60 -9.26 7.35 -0.34
N GLY A 61 -9.06 6.04 -0.53
CA GLY A 61 -9.61 5.27 -1.63
C GLY A 61 -8.74 5.28 -2.89
N ASP A 62 -7.57 5.94 -2.87
CA ASP A 62 -6.63 5.89 -3.99
C ASP A 62 -5.89 4.56 -3.93
N VAL A 63 -5.64 3.94 -5.08
CA VAL A 63 -5.08 2.59 -5.16
C VAL A 63 -3.63 2.53 -4.67
N LEU A 64 -3.20 1.37 -4.16
CA LEU A 64 -1.85 1.14 -3.66
C LEU A 64 -1.23 -0.11 -4.29
N LEU A 65 -1.98 -1.20 -4.42
CA LEU A 65 -1.44 -2.51 -4.80
C LEU A 65 -2.43 -3.23 -5.69
N GLU A 66 -1.89 -4.14 -6.49
CA GLU A 66 -2.59 -5.13 -7.28
C GLU A 66 -1.93 -6.44 -6.90
N LEU A 67 -2.71 -7.49 -6.64
CA LEU A 67 -2.24 -8.72 -6.05
C LEU A 67 -2.81 -9.90 -6.82
N SER A 68 -1.94 -10.82 -7.20
CA SER A 68 -2.30 -12.03 -7.94
C SER A 68 -3.30 -12.91 -7.18
N ASN A 69 -3.30 -12.83 -5.84
CA ASN A 69 -4.10 -13.70 -4.97
C ASN A 69 -5.59 -13.31 -4.94
N SER A 70 -5.99 -12.18 -5.54
CA SER A 70 -7.39 -11.79 -5.59
C SER A 70 -7.76 -11.00 -6.84
N THR A 71 -6.88 -10.11 -7.33
CA THR A 71 -7.12 -9.22 -8.47
C THR A 71 -8.47 -8.47 -8.41
N GLN A 72 -8.96 -8.15 -7.20
CA GLN A 72 -10.21 -7.43 -6.96
C GLN A 72 -9.93 -6.46 -5.83
C11 BTI B . 6.66 19.69 7.36
O11 BTI B . 7.39 20.11 8.26
C10 BTI B . 7.26 18.97 6.16
C9 BTI B . 7.83 17.58 6.53
C8 BTI B . 6.79 16.67 7.19
C7 BTI B . 7.38 15.26 7.40
C2 BTI B . 6.40 14.38 8.20
S1 BTI B . 6.24 14.75 9.96
C6 BTI B . 5.43 13.17 10.20
C5 BTI B . 6.10 12.14 9.26
N3 BTI B . 7.26 11.54 9.89
C3 BTI B . 8.44 11.83 9.32
O3 BTI B . 9.55 11.44 9.67
N2 BTI B . 8.13 12.58 8.26
C4 BTI B . 6.71 12.87 8.08
H102 BTI B . 8.05 19.57 5.73
H103 BTI B . 6.49 18.83 5.40
H92 BTI B . 8.67 17.72 7.21
H93 BTI B . 8.19 17.11 5.62
H82 BTI B . 5.90 16.60 6.57
H83 BTI B . 6.51 17.08 8.16
H72 BTI B . 8.32 15.33 7.93
H73 BTI B . 7.55 14.81 6.42
H2 BTI B . 5.41 14.52 7.78
H62 BTI B . 4.39 13.26 9.90
H63 BTI B . 5.49 12.85 11.24
H5 BTI B . 5.38 11.37 8.94
HN3 BTI B . 7.17 10.92 10.68
HN2 BTI B . 8.82 12.95 7.62
H4 BTI B . 6.37 12.45 7.13
N THR A 1 -6.42 -3.56 -5.71
CA THR A 1 -6.71 -4.51 -4.61
C THR A 1 -6.60 -3.76 -3.27
N VAL A 2 -5.39 -3.47 -2.76
CA VAL A 2 -5.22 -2.65 -1.56
C VAL A 2 -5.24 -1.19 -2.01
N SER A 3 -5.80 -0.31 -1.20
CA SER A 3 -5.92 1.12 -1.48
C SER A 3 -5.69 1.90 -0.19
N ILE A 4 -5.40 3.18 -0.34
CA ILE A 4 -5.22 4.12 0.74
C ILE A 4 -6.60 4.54 1.26
N GLN A 5 -6.65 5.01 2.52
CA GLN A 5 -7.84 5.29 3.30
C GLN A 5 -7.84 6.70 3.90
N MET A 6 -6.78 7.47 3.66
CA MET A 6 -6.58 8.79 4.25
C MET A 6 -5.74 9.64 3.28
N ALA A 7 -6.02 10.95 3.26
CA ALA A 7 -5.25 11.93 2.50
C ALA A 7 -3.82 12.00 3.02
N GLY A 8 -2.84 12.05 2.13
CA GLY A 8 -1.46 12.08 2.55
C GLY A 8 -0.46 11.92 1.42
N ASN A 9 0.75 11.54 1.81
CA ASN A 9 1.90 11.34 0.95
C ASN A 9 2.51 10.02 1.41
N LEU A 10 2.86 9.15 0.46
CA LEU A 10 3.24 7.78 0.70
C LEU A 10 4.70 7.70 1.13
N TRP A 11 4.99 8.27 2.30
CA TRP A 11 6.29 8.44 2.95
C TRP A 11 7.27 7.30 2.67
N LYS A 12 6.86 6.04 2.81
CA LYS A 12 7.70 4.89 2.48
C LYS A 12 6.85 3.80 1.87
N VAL A 13 7.46 2.94 1.07
CA VAL A 13 6.85 1.78 0.46
C VAL A 13 7.81 0.61 0.68
N HIS A 14 7.25 -0.57 0.90
CA HIS A 14 7.96 -1.77 1.35
C HIS A 14 7.53 -3.01 0.55
N VAL A 15 6.85 -2.80 -0.58
CA VAL A 15 6.36 -3.83 -1.49
C VAL A 15 6.92 -3.57 -2.88
N LYS A 16 7.00 -4.62 -3.69
CA LYS A 16 7.49 -4.61 -5.06
C LYS A 16 6.65 -5.61 -5.85
N ALA A 17 6.58 -5.49 -7.18
CA ALA A 17 5.99 -6.54 -7.99
C ALA A 17 6.74 -7.86 -7.72
N GLY A 18 6.00 -8.94 -7.48
CA GLY A 18 6.52 -10.26 -7.16
C GLY A 18 6.82 -10.46 -5.68
N ASP A 19 6.65 -9.44 -4.82
CA ASP A 19 6.93 -9.56 -3.38
C ASP A 19 5.81 -10.28 -2.66
N GLN A 20 6.14 -11.20 -1.74
CA GLN A 20 5.17 -11.88 -0.88
C GLN A 20 4.78 -10.94 0.27
N ILE A 21 3.49 -10.91 0.61
CA ILE A 21 2.93 -10.19 1.74
C ILE A 21 1.94 -11.07 2.48
N GLU A 22 1.56 -10.66 3.68
CA GLU A 22 0.76 -11.41 4.63
C GLU A 22 -0.13 -10.38 5.31
N LYS A 23 -1.39 -10.73 5.63
CA LYS A 23 -2.33 -9.81 6.28
C LYS A 23 -1.66 -9.16 7.49
N GLY A 24 -1.64 -7.83 7.53
CA GLY A 24 -1.09 -7.06 8.64
C GLY A 24 0.42 -6.76 8.51
N GLN A 25 1.10 -7.21 7.46
CA GLN A 25 2.50 -6.87 7.21
C GLN A 25 2.51 -5.43 6.66
N GLU A 26 3.46 -4.61 7.09
CA GLU A 26 3.60 -3.21 6.68
C GLU A 26 4.03 -3.13 5.22
N VAL A 27 3.17 -2.60 4.36
CA VAL A 27 3.41 -2.47 2.93
C VAL A 27 3.77 -1.03 2.57
N ALA A 28 3.32 -0.03 3.33
CA ALA A 28 3.69 1.36 3.10
C ALA A 28 3.49 2.16 4.40
N ILE A 29 3.81 3.45 4.37
CA ILE A 29 3.51 4.39 5.45
C ILE A 29 3.02 5.68 4.80
N LEU A 30 2.03 6.32 5.42
CA LEU A 30 1.57 7.66 5.09
C LEU A 30 2.24 8.62 6.06
N GLU A 31 2.83 9.66 5.49
CA GLU A 31 2.73 10.98 6.07
C GLU A 31 1.32 11.46 5.69
N SER A 32 0.68 12.17 6.59
CA SER A 32 -0.63 12.74 6.38
C SER A 32 -0.60 14.13 7.01
N MET A 33 -0.06 15.10 6.25
CA MET A 33 0.02 16.50 6.65
C MET A 33 0.64 16.66 8.05
N LYS A 34 1.76 15.94 8.26
CA LYS A 34 2.60 15.86 9.45
C LYS A 34 2.13 14.86 10.51
N MET A 35 1.13 14.01 10.19
CA MET A 35 0.72 12.86 11.00
C MET A 35 1.30 11.60 10.36
N GLU A 36 1.29 10.49 11.10
CA GLU A 36 1.96 9.25 10.73
C GLU A 36 0.95 8.10 10.79
N ILE A 37 0.85 7.30 9.73
CA ILE A 37 -0.13 6.21 9.65
C ILE A 37 0.51 5.02 8.91
N PRO A 38 0.79 3.88 9.59
CA PRO A 38 1.19 2.65 8.93
C PRO A 38 0.13 2.20 7.92
N ILE A 39 0.55 1.58 6.82
CA ILE A 39 -0.34 0.97 5.84
C ILE A 39 0.11 -0.48 5.73
N VAL A 40 -0.81 -1.39 6.01
CA VAL A 40 -0.56 -2.81 6.17
C VAL A 40 -1.42 -3.58 5.17
N ALA A 41 -0.95 -4.76 4.76
CA ALA A 41 -1.59 -5.57 3.74
C ALA A 41 -2.98 -5.98 4.22
N ASP A 42 -3.99 -5.66 3.42
CA ASP A 42 -5.38 -6.00 3.72
C ASP A 42 -5.62 -7.51 3.69
N ARG A 43 -4.88 -8.25 2.85
CA ARG A 43 -4.89 -9.71 2.83
C ARG A 43 -3.54 -10.21 2.33
N SER A 44 -3.20 -11.46 2.67
CA SER A 44 -1.98 -12.13 2.23
C SER A 44 -2.00 -12.34 0.72
N GLY A 45 -0.82 -12.45 0.09
CA GLY A 45 -0.73 -12.72 -1.34
C GLY A 45 0.66 -12.39 -1.87
N ILE A 46 0.81 -12.43 -3.19
CA ILE A 46 2.00 -11.94 -3.88
C ILE A 46 1.52 -10.71 -4.66
N VAL A 47 2.31 -9.65 -4.61
CA VAL A 47 2.03 -8.39 -5.28
C VAL A 47 2.16 -8.61 -6.80
N LYS A 48 1.10 -8.28 -7.54
CA LYS A 48 1.15 -8.21 -8.99
C LYS A 48 1.74 -6.87 -9.39
N GLU A 49 1.32 -5.75 -8.77
CA GLU A 49 1.78 -4.42 -9.13
C GLU A 49 1.65 -3.49 -7.93
N VAL A 50 2.46 -2.43 -7.90
CA VAL A 50 2.34 -1.33 -6.94
C VAL A 50 1.85 -0.12 -7.74
N LYS A 51 0.66 0.37 -7.40
CA LYS A 51 -0.01 1.45 -8.12
C LYS A 51 0.47 2.84 -7.68
N LYS A 52 1.45 2.91 -6.78
CA LYS A 52 2.07 4.13 -6.26
C LYS A 52 3.55 3.85 -6.02
N LYS A 53 4.29 4.84 -5.52
CA LYS A 53 5.72 4.76 -5.24
C LYS A 53 6.01 5.59 -3.99
N GLU A 54 7.14 5.31 -3.35
CA GLU A 54 7.64 6.06 -2.21
C GLU A 54 7.69 7.56 -2.55
N GLY A 55 6.95 8.37 -1.78
CA GLY A 55 6.91 9.81 -1.88
C GLY A 55 5.75 10.33 -2.75
N ASP A 56 4.96 9.46 -3.38
CA ASP A 56 3.84 9.88 -4.24
C ASP A 56 2.70 10.45 -3.37
N PHE A 57 1.82 11.23 -3.98
CA PHE A 57 0.62 11.76 -3.32
C PHE A 57 -0.46 10.68 -3.36
N VAL A 58 -1.28 10.61 -2.31
CA VAL A 58 -2.27 9.55 -2.14
C VAL A 58 -3.48 10.10 -1.37
N ASN A 59 -4.63 9.44 -1.50
CA ASN A 59 -5.87 9.91 -0.90
C ASN A 59 -6.81 8.76 -0.54
N GLU A 60 -7.87 9.07 0.19
CA GLU A 60 -8.91 8.10 0.54
C GLU A 60 -9.48 7.47 -0.74
N GLY A 61 -9.40 6.13 -0.84
CA GLY A 61 -9.92 5.35 -1.96
C GLY A 61 -8.94 5.24 -3.12
N ASP A 62 -7.77 5.88 -3.04
CA ASP A 62 -6.77 5.87 -4.11
C ASP A 62 -5.98 4.57 -4.03
N VAL A 63 -5.83 3.86 -5.15
CA VAL A 63 -5.21 2.55 -5.22
C VAL A 63 -3.76 2.56 -4.75
N LEU A 64 -3.29 1.42 -4.24
CA LEU A 64 -1.91 1.23 -3.76
C LEU A 64 -1.29 -0.05 -4.31
N LEU A 65 -2.03 -1.16 -4.36
CA LEU A 65 -1.44 -2.45 -4.65
C LEU A 65 -2.45 -3.31 -5.40
N GLU A 66 -1.96 -4.12 -6.32
CA GLU A 66 -2.71 -5.15 -7.00
C GLU A 66 -1.99 -6.45 -6.70
N LEU A 67 -2.74 -7.53 -6.45
CA LEU A 67 -2.21 -8.78 -5.93
C LEU A 67 -2.61 -9.91 -6.87
N SER A 68 -1.72 -10.88 -7.08
CA SER A 68 -2.02 -12.11 -7.80
C SER A 68 -3.06 -12.95 -7.05
N ASN A 69 -3.12 -12.81 -5.71
CA ASN A 69 -4.06 -13.52 -4.83
C ASN A 69 -5.34 -12.71 -4.60
N SER A 70 -5.65 -11.72 -5.44
CA SER A 70 -6.81 -10.84 -5.29
C SER A 70 -8.16 -11.58 -5.33
N THR A 71 -8.17 -12.86 -5.72
CA THR A 71 -9.30 -13.75 -5.63
C THR A 71 -9.70 -14.04 -4.17
N GLN A 72 -8.74 -14.02 -3.23
CA GLN A 72 -9.00 -14.15 -1.81
C GLN A 72 -9.72 -12.90 -1.32
C11 BTI B . 6.75 19.71 7.40
O11 BTI B . 7.52 20.13 8.27
C10 BTI B . 7.31 18.95 6.19
C9 BTI B . 7.87 17.57 6.56
C8 BTI B . 6.83 16.67 7.25
C7 BTI B . 7.40 15.25 7.44
C2 BTI B . 6.44 14.38 8.27
S1 BTI B . 6.32 14.78 10.02
C6 BTI B . 5.51 13.19 10.30
C5 BTI B . 6.15 12.16 9.36
N3 BTI B . 7.34 11.57 9.96
C3 BTI B . 8.49 11.84 9.35
O3 BTI B . 9.62 11.47 9.68
N2 BTI B . 8.16 12.59 8.30
C4 BTI B . 6.74 12.88 8.15
H102 BTI B . 8.10 19.54 5.73
H103 BTI B . 6.52 18.82 5.44
H92 BTI B . 8.72 17.69 7.22
H93 BTI B . 8.21 17.09 5.65
H82 BTI B . 5.93 16.62 6.63
H83 BTI B . 6.57 17.09 8.22
H72 BTI B . 8.36 15.32 7.95
H73 BTI B . 7.55 14.81 6.47
H2 BTI B . 5.43 14.54 7.87
H62 BTI B . 4.46 13.30 10.02
H63 BTI B . 5.58 12.89 11.33
H5 BTI B . 5.44 11.39 9.07
HN3 BTI B . 7.26 10.96 10.76
HN2 BTI B . 8.82 12.94 7.63
H4 BTI B . 6.37 12.46 7.22
N THR A 1 -6.36 -3.82 -5.79
CA THR A 1 -6.65 -4.68 -4.62
C THR A 1 -6.62 -3.85 -3.32
N VAL A 2 -5.43 -3.51 -2.78
CA VAL A 2 -5.33 -2.68 -1.59
C VAL A 2 -5.29 -1.21 -2.06
N SER A 3 -5.86 -0.32 -1.24
CA SER A 3 -5.95 1.10 -1.52
C SER A 3 -5.72 1.87 -0.22
N ILE A 4 -5.42 3.16 -0.38
CA ILE A 4 -5.20 4.11 0.69
C ILE A 4 -6.55 4.48 1.31
N GLN A 5 -6.51 4.97 2.54
CA GLN A 5 -7.66 5.19 3.42
C GLN A 5 -7.66 6.59 4.04
N MET A 6 -6.64 7.41 3.77
CA MET A 6 -6.49 8.75 4.33
C MET A 6 -5.69 9.62 3.35
N ALA A 7 -5.99 10.92 3.32
CA ALA A 7 -5.26 11.92 2.58
C ALA A 7 -3.83 12.01 3.10
N GLY A 8 -2.86 12.08 2.19
CA GLY A 8 -1.46 12.13 2.60
C GLY A 8 -0.49 11.96 1.44
N ASN A 9 0.73 11.58 1.82
CA ASN A 9 1.88 11.37 0.95
C ASN A 9 2.48 10.05 1.39
N LEU A 10 2.83 9.20 0.44
CA LEU A 10 3.21 7.82 0.66
C LEU A 10 4.68 7.73 1.10
N TRP A 11 4.95 8.29 2.27
CA TRP A 11 6.24 8.48 2.93
C TRP A 11 7.23 7.34 2.66
N LYS A 12 6.81 6.07 2.83
CA LYS A 12 7.63 4.91 2.49
C LYS A 12 6.76 3.82 1.90
N VAL A 13 7.38 2.93 1.14
CA VAL A 13 6.77 1.77 0.51
C VAL A 13 7.75 0.62 0.73
N HIS A 14 7.21 -0.57 0.93
CA HIS A 14 7.93 -1.77 1.38
C HIS A 14 7.51 -3.01 0.56
N VAL A 15 6.83 -2.79 -0.56
CA VAL A 15 6.39 -3.81 -1.50
C VAL A 15 7.02 -3.55 -2.87
N LYS A 16 7.12 -4.61 -3.68
CA LYS A 16 7.53 -4.56 -5.08
C LYS A 16 6.71 -5.61 -5.82
N ALA A 17 6.58 -5.48 -7.14
CA ALA A 17 6.01 -6.53 -7.98
C ALA A 17 6.76 -7.85 -7.73
N GLY A 18 6.01 -8.94 -7.55
CA GLY A 18 6.54 -10.27 -7.31
C GLY A 18 6.86 -10.56 -5.84
N ASP A 19 6.81 -9.58 -4.93
CA ASP A 19 7.10 -9.81 -3.52
C ASP A 19 5.90 -10.48 -2.82
N GLN A 20 6.16 -11.24 -1.76
CA GLN A 20 5.13 -11.85 -0.91
C GLN A 20 4.74 -10.84 0.17
N ILE A 21 3.45 -10.80 0.52
CA ILE A 21 2.92 -10.06 1.65
C ILE A 21 1.95 -10.97 2.41
N GLU A 22 1.61 -10.55 3.63
CA GLU A 22 0.85 -11.33 4.59
C GLU A 22 -0.05 -10.34 5.31
N LYS A 23 -1.30 -10.71 5.61
CA LYS A 23 -2.26 -9.81 6.23
C LYS A 23 -1.66 -9.18 7.48
N GLY A 24 -1.67 -7.85 7.54
CA GLY A 24 -1.13 -7.10 8.67
C GLY A 24 0.36 -6.76 8.57
N GLN A 25 1.07 -7.20 7.51
CA GLN A 25 2.46 -6.83 7.27
C GLN A 25 2.45 -5.40 6.72
N GLU A 26 3.38 -4.56 7.15
CA GLU A 26 3.52 -3.16 6.74
C GLU A 26 3.97 -3.10 5.28
N VAL A 27 3.10 -2.62 4.40
CA VAL A 27 3.35 -2.49 2.97
C VAL A 27 3.73 -1.05 2.61
N ALA A 28 3.27 -0.05 3.36
CA ALA A 28 3.66 1.34 3.13
C ALA A 28 3.42 2.17 4.39
N ILE A 29 3.74 3.45 4.36
CA ILE A 29 3.47 4.40 5.43
C ILE A 29 2.99 5.70 4.79
N LEU A 30 2.02 6.37 5.42
CA LEU A 30 1.57 7.70 5.11
C LEU A 30 2.25 8.67 6.06
N GLU A 31 2.84 9.71 5.48
CA GLU A 31 2.77 11.03 6.06
C GLU A 31 1.36 11.52 5.70
N SER A 32 0.72 12.21 6.62
CA SER A 32 -0.60 12.78 6.41
C SER A 32 -0.58 14.17 7.02
N MET A 33 -0.02 15.13 6.27
CA MET A 33 0.07 16.53 6.66
C MET A 33 0.69 16.68 8.05
N LYS A 34 1.80 15.93 8.26
CA LYS A 34 2.65 15.84 9.44
C LYS A 34 2.17 14.83 10.50
N MET A 35 1.13 14.03 10.19
CA MET A 35 0.72 12.87 10.99
C MET A 35 1.37 11.61 10.41
N GLU A 36 1.36 10.51 11.17
CA GLU A 36 2.12 9.30 10.87
C GLU A 36 1.14 8.13 10.92
N ILE A 37 0.94 7.41 9.81
CA ILE A 37 -0.08 6.37 9.71
C ILE A 37 0.49 5.19 8.91
N PRO A 38 0.74 4.01 9.52
CA PRO A 38 1.09 2.79 8.78
C PRO A 38 0.03 2.41 7.73
N ILE A 39 0.44 1.61 6.75
CA ILE A 39 -0.45 0.95 5.81
C ILE A 39 0.03 -0.49 5.77
N VAL A 40 -0.88 -1.40 6.11
CA VAL A 40 -0.63 -2.82 6.25
C VAL A 40 -1.50 -3.58 5.25
N ALA A 41 -1.04 -4.77 4.82
CA ALA A 41 -1.69 -5.56 3.80
C ALA A 41 -3.08 -5.97 4.29
N ASP A 42 -4.10 -5.64 3.50
CA ASP A 42 -5.49 -6.00 3.79
C ASP A 42 -5.73 -7.51 3.72
N ARG A 43 -4.95 -8.23 2.91
CA ARG A 43 -4.93 -9.69 2.85
C ARG A 43 -3.55 -10.15 2.39
N SER A 44 -3.18 -11.39 2.70
CA SER A 44 -1.95 -12.01 2.23
C SER A 44 -1.99 -12.17 0.70
N GLY A 45 -0.83 -12.34 0.07
CA GLY A 45 -0.76 -12.67 -1.36
C GLY A 45 0.61 -12.34 -1.93
N ILE A 46 0.79 -12.55 -3.22
CA ILE A 46 1.96 -12.08 -3.96
C ILE A 46 1.51 -10.83 -4.68
N VAL A 47 2.35 -9.79 -4.68
CA VAL A 47 2.08 -8.53 -5.32
C VAL A 47 2.17 -8.72 -6.84
N LYS A 48 1.12 -8.35 -7.57
CA LYS A 48 1.16 -8.26 -9.02
C LYS A 48 1.79 -6.92 -9.39
N GLU A 49 1.35 -5.82 -8.77
CA GLU A 49 1.81 -4.48 -9.13
C GLU A 49 1.64 -3.55 -7.92
N VAL A 50 2.45 -2.49 -7.85
CA VAL A 50 2.29 -1.43 -6.87
C VAL A 50 1.88 -0.20 -7.69
N LYS A 51 0.71 0.37 -7.38
CA LYS A 51 0.09 1.44 -8.14
C LYS A 51 0.67 2.82 -7.77
N LYS A 52 1.54 2.89 -6.77
CA LYS A 52 2.17 4.11 -6.26
C LYS A 52 3.62 3.81 -5.95
N LYS A 53 4.35 4.82 -5.46
CA LYS A 53 5.78 4.74 -5.15
C LYS A 53 6.04 5.58 -3.90
N GLU A 54 7.18 5.33 -3.26
CA GLU A 54 7.68 6.15 -2.17
C GLU A 54 7.67 7.63 -2.57
N GLY A 55 6.90 8.44 -1.83
CA GLY A 55 6.82 9.88 -2.00
C GLY A 55 5.67 10.33 -2.90
N ASP A 56 4.85 9.42 -3.45
CA ASP A 56 3.72 9.79 -4.29
C ASP A 56 2.62 10.44 -3.43
N PHE A 57 1.72 11.20 -4.04
CA PHE A 57 0.57 11.78 -3.36
C PHE A 57 -0.55 10.74 -3.35
N VAL A 58 -1.32 10.66 -2.28
CA VAL A 58 -2.33 9.63 -2.10
C VAL A 58 -3.52 10.17 -1.32
N ASN A 59 -4.67 9.52 -1.44
CA ASN A 59 -5.92 9.96 -0.82
C ASN A 59 -6.82 8.78 -0.49
N GLU A 60 -7.86 9.03 0.30
CA GLU A 60 -8.85 8.01 0.64
C GLU A 60 -9.44 7.42 -0.66
N GLY A 61 -9.32 6.10 -0.82
CA GLY A 61 -9.82 5.35 -1.96
C GLY A 61 -8.86 5.32 -3.16
N ASP A 62 -7.70 5.98 -3.07
CA ASP A 62 -6.69 5.96 -4.14
C ASP A 62 -5.94 4.63 -4.05
N VAL A 63 -5.74 3.94 -5.16
CA VAL A 63 -5.18 2.59 -5.20
C VAL A 63 -3.72 2.56 -4.70
N LEU A 64 -3.26 1.37 -4.26
CA LEU A 64 -1.90 1.14 -3.77
C LEU A 64 -1.30 -0.14 -4.33
N LEU A 65 -2.04 -1.24 -4.39
CA LEU A 65 -1.48 -2.56 -4.70
C LEU A 65 -2.50 -3.36 -5.48
N GLU A 66 -2.02 -4.21 -6.38
CA GLU A 66 -2.78 -5.22 -7.07
C GLU A 66 -2.05 -6.52 -6.79
N LEU A 67 -2.79 -7.58 -6.46
CA LEU A 67 -2.22 -8.83 -5.96
C LEU A 67 -2.62 -9.96 -6.89
N SER A 68 -1.71 -10.92 -7.07
CA SER A 68 -1.88 -12.07 -7.94
C SER A 68 -2.93 -13.08 -7.43
N ASN A 69 -3.39 -12.92 -6.18
CA ASN A 69 -4.36 -13.81 -5.52
C ASN A 69 -5.46 -12.96 -4.85
N SER A 70 -5.83 -11.84 -5.48
CA SER A 70 -6.89 -10.95 -5.02
C SER A 70 -8.25 -11.63 -4.91
N THR A 71 -8.43 -12.79 -5.55
CA THR A 71 -9.63 -13.61 -5.58
C THR A 71 -10.00 -14.24 -4.21
N GLN A 72 -9.10 -14.18 -3.21
CA GLN A 72 -9.39 -14.61 -1.85
C GLN A 72 -10.63 -13.86 -1.33
C11 BTI B . 6.83 19.71 7.46
O11 BTI B . 7.58 20.10 8.34
C10 BTI B . 7.39 18.98 6.24
C9 BTI B . 7.95 17.58 6.58
C8 BTI B . 6.92 16.67 7.26
C7 BTI B . 7.47 15.26 7.45
C2 BTI B . 6.51 14.39 8.26
S1 BTI B . 6.37 14.78 10.02
C6 BTI B . 5.54 13.19 10.27
C5 BTI B . 6.19 12.16 9.35
N3 BTI B . 7.36 11.56 9.96
C3 BTI B . 8.53 11.82 9.39
O3 BTI B . 9.64 11.45 9.74
N2 BTI B . 8.21 12.58 8.32
C4 BTI B . 6.81 12.88 8.16
H102 BTI B . 8.17 19.58 5.79
H103 BTI B . 6.60 18.85 5.48
H92 BTI B . 8.81 17.70 7.24
H93 BTI B . 8.29 17.12 5.66
H82 BTI B . 6.02 16.62 6.64
H83 BTI B . 6.65 17.09 8.22
H72 BTI B . 8.43 15.32 7.97
H73 BTI B . 7.63 14.81 6.47
H2 BTI B . 5.51 14.54 7.85
H62 BTI B . 4.50 13.30 9.99
H63 BTI B . 5.60 12.89 11.31
H5 BTI B . 5.47 11.40 9.03
HN3 BTI B . 7.26 10.96 10.77
HN2 BTI B . 8.91 12.94 7.68
H4 BTI B . 6.45 12.46 7.21
N THR A 1 -6.41 -3.19 -5.68
CA THR A 1 -7.04 -4.05 -4.66
C THR A 1 -6.79 -3.45 -3.26
N VAL A 2 -5.57 -3.50 -2.72
CA VAL A 2 -5.26 -2.74 -1.50
C VAL A 2 -5.21 -1.26 -1.93
N SER A 3 -5.74 -0.37 -1.10
CA SER A 3 -5.87 1.06 -1.40
C SER A 3 -5.63 1.86 -0.11
N ILE A 4 -5.40 3.15 -0.29
CA ILE A 4 -5.18 4.11 0.77
C ILE A 4 -6.54 4.54 1.34
N GLN A 5 -6.54 4.99 2.60
CA GLN A 5 -7.74 5.25 3.40
C GLN A 5 -7.77 6.66 3.99
N MET A 6 -6.75 7.50 3.69
CA MET A 6 -6.61 8.85 4.23
C MET A 6 -5.80 9.70 3.23
N ALA A 7 -6.05 11.00 3.21
CA ALA A 7 -5.28 11.97 2.45
C ALA A 7 -3.85 12.03 2.97
N GLY A 8 -2.86 12.07 2.07
CA GLY A 8 -1.48 12.09 2.50
C GLY A 8 -0.47 11.92 1.37
N ASN A 9 0.73 11.55 1.78
CA ASN A 9 1.90 11.35 0.93
C ASN A 9 2.49 10.03 1.39
N LEU A 10 2.85 9.16 0.44
CA LEU A 10 3.23 7.79 0.69
C LEU A 10 4.69 7.70 1.13
N TRP A 11 4.97 8.27 2.31
CA TRP A 11 6.25 8.44 2.98
C TRP A 11 7.25 7.32 2.68
N LYS A 12 6.85 6.05 2.84
CA LYS A 12 7.70 4.91 2.49
C LYS A 12 6.83 3.82 1.89
N VAL A 13 7.46 2.92 1.13
CA VAL A 13 6.86 1.77 0.48
C VAL A 13 7.83 0.61 0.74
N HIS A 14 7.26 -0.58 0.92
CA HIS A 14 7.96 -1.78 1.40
C HIS A 14 7.56 -3.02 0.58
N VAL A 15 6.99 -2.81 -0.61
CA VAL A 15 6.56 -3.84 -1.55
C VAL A 15 7.10 -3.53 -2.94
N LYS A 16 7.13 -4.56 -3.79
CA LYS A 16 7.42 -4.45 -5.22
C LYS A 16 6.67 -5.58 -5.93
N ALA A 17 6.54 -5.47 -7.25
CA ALA A 17 5.99 -6.53 -8.09
C ALA A 17 6.78 -7.82 -7.84
N GLY A 18 6.08 -8.87 -7.42
CA GLY A 18 6.60 -10.20 -7.16
C GLY A 18 6.82 -10.49 -5.67
N ASP A 19 6.64 -9.50 -4.78
CA ASP A 19 6.90 -9.70 -3.35
C ASP A 19 5.76 -10.46 -2.67
N GLN A 20 6.10 -11.45 -1.84
CA GLN A 20 5.15 -12.19 -1.03
C GLN A 20 4.78 -11.31 0.18
N ILE A 21 3.48 -11.21 0.52
CA ILE A 21 3.00 -10.40 1.64
C ILE A 21 1.95 -11.18 2.44
N GLU A 22 1.69 -10.72 3.65
CA GLU A 22 0.88 -11.42 4.62
C GLU A 22 0.01 -10.37 5.33
N LYS A 23 -1.24 -10.71 5.65
CA LYS A 23 -2.17 -9.80 6.30
C LYS A 23 -1.51 -9.18 7.53
N GLY A 24 -1.52 -7.85 7.61
CA GLY A 24 -0.96 -7.12 8.73
C GLY A 24 0.55 -6.83 8.60
N GLN A 25 1.22 -7.28 7.53
CA GLN A 25 2.58 -6.86 7.22
C GLN A 25 2.50 -5.42 6.73
N GLU A 26 3.44 -4.57 7.14
CA GLU A 26 3.58 -3.23 6.57
C GLU A 26 3.87 -3.37 5.08
N VAL A 27 3.20 -2.57 4.25
CA VAL A 27 3.47 -2.49 2.81
C VAL A 27 3.76 -1.04 2.40
N ALA A 28 3.25 -0.04 3.13
CA ALA A 28 3.62 1.36 2.96
C ALA A 28 3.37 2.14 4.25
N ILE A 29 3.71 3.42 4.26
CA ILE A 29 3.39 4.34 5.35
C ILE A 29 2.91 5.65 4.72
N LEU A 30 1.92 6.29 5.35
CA LEU A 30 1.49 7.64 5.05
C LEU A 30 2.17 8.57 6.03
N GLU A 31 2.77 9.61 5.47
CA GLU A 31 2.68 10.93 6.06
C GLU A 31 1.29 11.43 5.67
N SER A 32 0.63 12.14 6.57
CA SER A 32 -0.66 12.73 6.36
C SER A 32 -0.61 14.11 6.98
N MET A 33 -0.05 15.07 6.23
CA MET A 33 0.05 16.48 6.62
C MET A 33 0.62 16.63 8.04
N LYS A 34 1.72 15.89 8.29
CA LYS A 34 2.53 15.82 9.50
C LYS A 34 2.03 14.80 10.54
N MET A 35 1.05 13.95 10.18
CA MET A 35 0.62 12.80 10.97
C MET A 35 1.21 11.53 10.33
N GLU A 36 1.15 10.40 11.03
CA GLU A 36 1.82 9.16 10.66
C GLU A 36 0.81 8.02 10.72
N ILE A 37 0.70 7.22 9.64
CA ILE A 37 -0.30 6.16 9.55
C ILE A 37 0.32 4.95 8.83
N PRO A 38 0.52 3.79 9.50
CA PRO A 38 0.89 2.53 8.86
C PRO A 38 -0.10 2.16 7.76
N ILE A 39 0.37 1.55 6.67
CA ILE A 39 -0.46 0.96 5.63
C ILE A 39 -0.02 -0.50 5.53
N VAL A 40 -0.73 -1.35 6.27
CA VAL A 40 -0.48 -2.79 6.27
C VAL A 40 -1.29 -3.46 5.15
N ALA A 41 -0.84 -4.64 4.71
CA ALA A 41 -1.50 -5.48 3.73
C ALA A 41 -2.88 -5.88 4.27
N ASP A 42 -3.92 -5.50 3.54
CA ASP A 42 -5.30 -5.86 3.85
C ASP A 42 -5.51 -7.39 3.81
N ARG A 43 -4.74 -8.12 3.00
CA ARG A 43 -4.71 -9.58 3.00
C ARG A 43 -3.36 -10.07 2.49
N SER A 44 -3.06 -11.34 2.78
CA SER A 44 -1.90 -12.04 2.27
C SER A 44 -2.01 -12.22 0.74
N GLY A 45 -0.88 -12.47 0.07
CA GLY A 45 -0.85 -12.73 -1.35
C GLY A 45 0.57 -12.56 -1.90
N ILE A 46 0.66 -12.35 -3.21
CA ILE A 46 1.89 -11.95 -3.87
C ILE A 46 1.50 -10.72 -4.70
N VAL A 47 2.30 -9.67 -4.58
CA VAL A 47 2.08 -8.41 -5.25
C VAL A 47 2.24 -8.64 -6.76
N LYS A 48 1.20 -8.27 -7.52
CA LYS A 48 1.28 -8.21 -8.96
C LYS A 48 1.86 -6.84 -9.33
N GLU A 49 1.39 -5.74 -8.72
CA GLU A 49 1.85 -4.40 -9.06
C GLU A 49 1.70 -3.48 -7.86
N VAL A 50 2.54 -2.46 -7.76
CA VAL A 50 2.41 -1.36 -6.80
C VAL A 50 1.95 -0.16 -7.61
N LYS A 51 0.79 0.40 -7.25
CA LYS A 51 0.13 1.46 -8.03
C LYS A 51 0.69 2.85 -7.71
N LYS A 52 1.64 2.95 -6.78
CA LYS A 52 2.24 4.18 -6.27
C LYS A 52 3.73 3.90 -6.02
N LYS A 53 4.46 4.91 -5.54
CA LYS A 53 5.86 4.80 -5.16
C LYS A 53 6.09 5.59 -3.89
N GLU A 54 7.22 5.37 -3.24
CA GLU A 54 7.71 6.17 -2.13
C GLU A 54 7.64 7.66 -2.54
N GLY A 55 6.91 8.45 -1.76
CA GLY A 55 6.81 9.90 -1.92
C GLY A 55 5.68 10.33 -2.87
N ASP A 56 4.91 9.40 -3.46
CA ASP A 56 3.77 9.77 -4.29
C ASP A 56 2.67 10.42 -3.43
N PHE A 57 1.81 11.22 -4.03
CA PHE A 57 0.62 11.76 -3.38
C PHE A 57 -0.46 10.68 -3.40
N VAL A 58 -1.27 10.61 -2.36
CA VAL A 58 -2.26 9.56 -2.17
C VAL A 58 -3.46 10.11 -1.41
N ASN A 59 -4.61 9.45 -1.52
CA ASN A 59 -5.84 9.91 -0.91
C ASN A 59 -6.76 8.76 -0.53
N GLU A 60 -7.82 9.06 0.23
CA GLU A 60 -8.83 8.07 0.59
C GLU A 60 -9.43 7.47 -0.69
N GLY A 61 -9.34 6.15 -0.83
CA GLY A 61 -9.87 5.40 -1.96
C GLY A 61 -8.90 5.35 -3.15
N ASP A 62 -7.74 6.00 -3.07
CA ASP A 62 -6.72 5.94 -4.11
C ASP A 62 -5.99 4.61 -4.00
N VAL A 63 -5.74 3.95 -5.12
CA VAL A 63 -5.17 2.61 -5.16
C VAL A 63 -3.73 2.57 -4.62
N LEU A 64 -3.27 1.40 -4.18
CA LEU A 64 -1.95 1.19 -3.61
C LEU A 64 -1.28 -0.05 -4.18
N LEU A 65 -2.01 -1.17 -4.33
CA LEU A 65 -1.43 -2.46 -4.65
C LEU A 65 -2.42 -3.26 -5.48
N GLU A 66 -1.92 -4.18 -6.29
CA GLU A 66 -2.71 -5.18 -6.99
C GLU A 66 -2.00 -6.50 -6.70
N LEU A 67 -2.78 -7.53 -6.36
CA LEU A 67 -2.30 -8.79 -5.84
C LEU A 67 -2.86 -9.90 -6.73
N SER A 68 -2.02 -10.86 -7.10
CA SER A 68 -2.47 -12.03 -7.85
C SER A 68 -3.50 -12.83 -7.04
N ASN A 69 -3.32 -12.92 -5.71
CA ASN A 69 -4.24 -13.62 -4.82
C ASN A 69 -5.65 -12.99 -4.78
N SER A 70 -5.79 -11.74 -5.24
CA SER A 70 -7.06 -11.03 -5.31
C SER A 70 -7.63 -10.99 -6.74
N THR A 71 -6.93 -11.52 -7.74
CA THR A 71 -7.29 -11.32 -9.15
C THR A 71 -7.13 -12.61 -9.99
N GLN A 72 -6.80 -13.75 -9.38
CA GLN A 72 -6.61 -15.04 -10.03
C GLN A 72 -7.27 -16.10 -9.15
C11 BTI B . 6.23 19.52 7.18
O11 BTI B . 5.46 19.47 6.22
C10 BTI B . 7.67 19.04 7.05
C9 BTI B . 7.80 17.54 6.72
C8 BTI B . 6.86 16.64 7.55
C7 BTI B . 7.34 15.19 7.55
C2 BTI B . 6.41 14.34 8.42
S1 BTI B . 6.43 14.70 10.20
C6 BTI B . 5.53 13.16 10.46
C5 BTI B . 6.07 12.11 9.50
N3 BTI B . 7.27 11.48 10.04
C3 BTI B . 8.40 11.71 9.38
O3 BTI B . 9.53 11.31 9.66
N2 BTI B . 8.05 12.47 8.34
C4 BTI B . 6.64 12.82 8.27
H102 BTI B . 8.20 19.22 7.99
H103 BTI B . 8.18 19.62 6.28
H92 BTI B . 8.83 17.26 6.93
H93 BTI B . 7.60 17.38 5.66
H82 BTI B . 5.86 16.70 7.13
H83 BTI B . 6.82 16.99 8.58
H72 BTI B . 8.35 15.13 7.91
H73 BTI B . 7.30 14.81 6.51
H2 BTI B . 5.40 14.56 8.10
H62 BTI B . 4.48 13.35 10.22
H63 BTI B . 5.60 12.83 11.50
H5 BTI B . 5.32 11.37 9.24
HN3 BTI B . 7.22 10.88 10.85
HN2 BTI B . 8.70 12.81 7.64
H4 BTI B . 6.20 12.42 7.35
N THR A 1 -6.53 -6.23 -4.43
CA THR A 1 -6.14 -4.82 -4.42
C THR A 1 -5.96 -4.36 -2.97
N VAL A 2 -5.03 -3.45 -2.72
CA VAL A 2 -4.88 -2.74 -1.45
C VAL A 2 -4.87 -1.26 -1.82
N SER A 3 -5.45 -0.41 -0.98
CA SER A 3 -5.67 0.99 -1.27
C SER A 3 -5.42 1.80 0.00
N ILE A 4 -5.22 3.10 -0.21
CA ILE A 4 -4.97 4.09 0.82
C ILE A 4 -6.32 4.48 1.46
N GLN A 5 -6.28 4.91 2.72
CA GLN A 5 -7.46 5.12 3.56
C GLN A 5 -7.51 6.53 4.16
N MET A 6 -6.55 7.40 3.83
CA MET A 6 -6.45 8.76 4.37
C MET A 6 -5.68 9.62 3.35
N ALA A 7 -5.96 10.92 3.35
CA ALA A 7 -5.21 11.92 2.59
C ALA A 7 -3.77 11.97 3.09
N GLY A 8 -2.81 11.98 2.18
CA GLY A 8 -1.41 11.93 2.59
C GLY A 8 -0.43 11.79 1.44
N ASN A 9 0.78 11.39 1.81
CA ASN A 9 1.94 11.25 0.95
C ASN A 9 2.64 9.98 1.40
N LEU A 10 3.04 9.15 0.45
CA LEU A 10 3.66 7.85 0.69
C LEU A 10 5.09 8.04 1.18
N TRP A 11 5.24 8.34 2.47
CA TRP A 11 6.51 8.48 3.17
C TRP A 11 7.43 7.30 2.86
N LYS A 12 6.94 6.06 2.91
CA LYS A 12 7.68 4.86 2.51
C LYS A 12 6.73 3.85 1.89
N VAL A 13 7.30 2.96 1.07
CA VAL A 13 6.63 1.81 0.48
C VAL A 13 7.60 0.63 0.71
N HIS A 14 7.05 -0.56 0.96
CA HIS A 14 7.77 -1.74 1.42
C HIS A 14 7.38 -2.99 0.60
N VAL A 15 6.76 -2.78 -0.56
CA VAL A 15 6.31 -3.81 -1.48
C VAL A 15 6.84 -3.49 -2.88
N LYS A 16 6.98 -4.52 -3.72
CA LYS A 16 7.39 -4.42 -5.11
C LYS A 16 6.61 -5.49 -5.88
N ALA A 17 6.43 -5.34 -7.19
CA ALA A 17 5.88 -6.40 -8.02
C ALA A 17 6.71 -7.68 -7.85
N GLY A 18 6.05 -8.82 -7.72
CA GLY A 18 6.67 -10.12 -7.50
C GLY A 18 7.07 -10.40 -6.04
N ASP A 19 6.94 -9.43 -5.13
CA ASP A 19 7.10 -9.67 -3.69
C ASP A 19 5.89 -10.46 -3.16
N GLN A 20 5.91 -10.87 -1.88
CA GLN A 20 4.79 -11.51 -1.21
C GLN A 20 4.49 -10.78 0.10
N ILE A 21 3.22 -10.75 0.50
CA ILE A 21 2.73 -10.10 1.70
C ILE A 21 1.75 -11.03 2.42
N GLU A 22 1.44 -10.66 3.66
CA GLU A 22 0.64 -11.45 4.57
C GLU A 22 -0.26 -10.46 5.29
N LYS A 23 -1.53 -10.81 5.51
CA LYS A 23 -2.53 -9.90 6.06
C LYS A 23 -2.00 -9.26 7.35
N GLY A 24 -1.96 -7.93 7.39
CA GLY A 24 -1.48 -7.16 8.53
C GLY A 24 0.03 -6.86 8.50
N GLN A 25 0.79 -7.30 7.49
CA GLN A 25 2.18 -6.90 7.30
C GLN A 25 2.17 -5.45 6.84
N GLU A 26 3.13 -4.64 7.29
CA GLU A 26 3.35 -3.29 6.77
C GLU A 26 3.68 -3.39 5.28
N VAL A 27 3.05 -2.55 4.46
CA VAL A 27 3.31 -2.44 3.03
C VAL A 27 3.62 -0.99 2.64
N ALA A 28 3.18 0.02 3.41
CA ALA A 28 3.59 1.41 3.19
C ALA A 28 3.39 2.22 4.48
N ILE A 29 3.79 3.48 4.46
CA ILE A 29 3.53 4.44 5.54
C ILE A 29 3.11 5.75 4.88
N LEU A 30 2.11 6.40 5.47
CA LEU A 30 1.69 7.75 5.15
C LEU A 30 2.37 8.70 6.10
N GLU A 31 2.98 9.74 5.52
CA GLU A 31 2.87 11.07 6.08
C GLU A 31 1.47 11.54 5.70
N SER A 32 0.82 12.25 6.61
CA SER A 32 -0.50 12.81 6.40
C SER A 32 -0.48 14.20 7.02
N MET A 33 0.04 15.17 6.24
CA MET A 33 0.01 16.59 6.56
C MET A 33 0.41 16.86 8.02
N LYS A 34 1.54 16.28 8.43
CA LYS A 34 2.22 16.35 9.73
C LYS A 34 1.74 15.28 10.73
N MET A 35 1.12 14.19 10.24
CA MET A 35 0.75 13.00 11.03
C MET A 35 1.37 11.76 10.38
N GLU A 36 1.34 10.64 11.09
CA GLU A 36 2.05 9.41 10.76
C GLU A 36 1.06 8.24 10.85
N ILE A 37 0.92 7.45 9.78
CA ILE A 37 -0.11 6.42 9.70
C ILE A 37 0.46 5.21 8.92
N PRO A 38 0.59 4.02 9.52
CA PRO A 38 0.93 2.79 8.80
C PRO A 38 -0.09 2.46 7.71
N ILE A 39 0.33 1.64 6.75
CA ILE A 39 -0.54 1.03 5.75
C ILE A 39 -0.08 -0.43 5.74
N VAL A 40 -1.01 -1.33 6.04
CA VAL A 40 -0.77 -2.75 6.17
C VAL A 40 -1.58 -3.51 5.12
N ALA A 41 -1.11 -4.71 4.78
CA ALA A 41 -1.67 -5.57 3.76
C ALA A 41 -3.09 -5.94 4.15
N ASP A 42 -4.05 -5.48 3.35
CA ASP A 42 -5.47 -5.81 3.51
C ASP A 42 -5.73 -7.32 3.39
N ARG A 43 -4.86 -8.06 2.68
CA ARG A 43 -4.91 -9.51 2.56
C ARG A 43 -3.53 -10.04 2.19
N SER A 44 -3.27 -11.32 2.47
CA SER A 44 -2.08 -12.02 2.01
C SER A 44 -2.10 -12.20 0.49
N GLY A 45 -0.93 -12.38 -0.13
CA GLY A 45 -0.85 -12.70 -1.56
C GLY A 45 0.51 -12.33 -2.14
N ILE A 46 0.70 -12.63 -3.42
CA ILE A 46 1.85 -12.17 -4.20
C ILE A 46 1.45 -10.77 -4.67
N VAL A 47 2.38 -9.83 -4.71
CA VAL A 47 2.13 -8.52 -5.28
C VAL A 47 2.21 -8.66 -6.80
N LYS A 48 1.11 -8.37 -7.51
CA LYS A 48 1.12 -8.27 -8.95
C LYS A 48 1.71 -6.92 -9.37
N GLU A 49 1.31 -5.82 -8.73
CA GLU A 49 1.72 -4.48 -9.15
C GLU A 49 1.65 -3.53 -7.96
N VAL A 50 2.40 -2.43 -8.01
CA VAL A 50 2.31 -1.33 -7.07
C VAL A 50 1.83 -0.12 -7.89
N LYS A 51 0.65 0.40 -7.55
CA LYS A 51 -0.02 1.47 -8.28
C LYS A 51 0.57 2.84 -7.95
N LYS A 52 1.48 2.92 -6.97
CA LYS A 52 2.12 4.13 -6.47
C LYS A 52 3.58 3.79 -6.16
N LYS A 53 4.33 4.76 -5.65
CA LYS A 53 5.73 4.61 -5.23
C LYS A 53 5.96 5.50 -4.02
N GLU A 54 7.05 5.27 -3.31
CA GLU A 54 7.53 6.15 -2.26
C GLU A 54 7.65 7.57 -2.82
N GLY A 55 7.05 8.53 -2.13
CA GLY A 55 7.04 9.94 -2.47
C GLY A 55 5.76 10.37 -3.20
N ASP A 56 4.88 9.44 -3.60
CA ASP A 56 3.68 9.82 -4.37
C ASP A 56 2.62 10.43 -3.44
N PHE A 57 1.74 11.25 -3.99
CA PHE A 57 0.58 11.79 -3.31
C PHE A 57 -0.54 10.76 -3.38
N VAL A 58 -1.34 10.67 -2.32
CA VAL A 58 -2.40 9.67 -2.20
C VAL A 58 -3.57 10.21 -1.38
N ASN A 59 -4.71 9.56 -1.47
CA ASN A 59 -5.93 9.97 -0.78
C ASN A 59 -6.78 8.77 -0.41
N GLU A 60 -7.80 8.98 0.43
CA GLU A 60 -8.75 7.94 0.80
C GLU A 60 -9.38 7.34 -0.47
N GLY A 61 -9.24 6.03 -0.64
CA GLY A 61 -9.79 5.27 -1.76
C GLY A 61 -8.85 5.24 -2.97
N ASP A 62 -7.70 5.90 -2.93
CA ASP A 62 -6.71 5.86 -4.00
C ASP A 62 -5.96 4.53 -3.89
N VAL A 63 -5.73 3.84 -5.00
CA VAL A 63 -5.13 2.52 -5.02
C VAL A 63 -3.65 2.56 -4.61
N LEU A 64 -3.11 1.41 -4.18
CA LEU A 64 -1.70 1.23 -3.82
C LEU A 64 -1.13 -0.05 -4.41
N LEU A 65 -1.88 -1.15 -4.43
CA LEU A 65 -1.33 -2.46 -4.73
C LEU A 65 -2.37 -3.30 -5.46
N GLU A 66 -1.91 -4.20 -6.34
CA GLU A 66 -2.72 -5.23 -6.97
C GLU A 66 -2.00 -6.54 -6.70
N LEU A 67 -2.73 -7.64 -6.54
CA LEU A 67 -2.19 -8.90 -6.07
C LEU A 67 -2.49 -10.07 -7.02
N SER A 68 -1.77 -11.15 -6.78
CA SER A 68 -1.86 -12.47 -7.37
C SER A 68 -1.77 -13.50 -6.23
N ASN A 69 -1.87 -14.80 -6.53
CA ASN A 69 -2.02 -15.87 -5.53
C ASN A 69 -3.15 -15.55 -4.53
N SER A 70 -4.14 -14.82 -5.01
CA SER A 70 -5.31 -14.27 -4.34
C SER A 70 -6.27 -13.86 -5.46
N THR A 71 -7.54 -13.57 -5.16
CA THR A 71 -8.53 -13.33 -6.21
C THR A 71 -8.24 -12.05 -7.00
N GLN A 72 -7.68 -11.01 -6.36
CA GLN A 72 -7.42 -9.70 -6.95
C GLN A 72 -6.55 -8.91 -5.98
C11 BTI B . 6.34 19.02 6.46
O11 BTI B . 5.56 18.82 5.53
C10 BTI B . 7.81 18.56 6.33
C9 BTI B . 7.94 17.04 6.22
C8 BTI B . 7.08 16.27 7.24
C7 BTI B . 7.52 14.81 7.37
C2 BTI B . 6.62 14.08 8.38
S1 BTI B . 6.72 14.59 10.10
C6 BTI B . 5.80 13.12 10.55
C5 BTI B . 6.28 11.97 9.66
N3 BTI B . 7.48 11.36 10.19
C3 BTI B . 8.58 11.51 9.45
O3 BTI B . 9.71 11.10 9.71
N2 BTI B . 8.18 12.16 8.36
C4 BTI B . 6.78 12.55 8.34
H102 BTI B . 8.36 18.88 7.22
H103 BTI B . 8.27 19.03 5.46
H92 BTI B . 8.99 16.77 6.36
H93 BTI B . 7.65 16.72 5.21
H82 BTI B . 6.03 16.31 6.93
H83 BTI B . 7.15 16.72 8.23
H72 BTI B . 8.55 14.76 7.69
H73 BTI B . 7.43 14.32 6.39
H2 BTI B . 5.60 14.32 8.08
H62 BTI B . 4.74 13.31 10.35
H63 BTI B . 5.91 12.88 11.61
H5 BTI B . 5.49 11.23 9.51
HN3 BTI B . 7.47 10.84 11.05
HN2 BTI B . 8.81 12.41 7.61
H4 BTI B . 6.28 12.11 7.49
N THR A 1 -6.38 -3.35 -5.26
CA THR A 1 -6.67 -4.27 -4.15
C THR A 1 -6.45 -3.56 -2.80
N VAL A 2 -5.20 -3.36 -2.35
CA VAL A 2 -4.93 -2.51 -1.19
C VAL A 2 -4.97 -1.07 -1.71
N SER A 3 -5.51 -0.16 -0.91
CA SER A 3 -5.73 1.24 -1.27
C SER A 3 -5.49 2.10 -0.03
N ILE A 4 -5.23 3.37 -0.26
CA ILE A 4 -5.04 4.38 0.75
C ILE A 4 -6.42 4.76 1.33
N GLN A 5 -6.44 5.19 2.60
CA GLN A 5 -7.64 5.46 3.38
C GLN A 5 -7.57 6.81 4.10
N MET A 6 -6.57 7.65 3.80
CA MET A 6 -6.47 9.02 4.28
C MET A 6 -5.78 9.88 3.22
N ALA A 7 -6.02 11.19 3.25
CA ALA A 7 -5.28 12.14 2.45
C ALA A 7 -3.83 12.16 2.94
N GLY A 8 -2.86 12.16 2.02
CA GLY A 8 -1.48 12.08 2.43
C GLY A 8 -0.48 11.90 1.29
N ASN A 9 0.72 11.47 1.67
CA ASN A 9 1.87 11.29 0.83
C ASN A 9 2.55 10.01 1.29
N LEU A 10 3.01 9.19 0.35
CA LEU A 10 3.61 7.89 0.64
C LEU A 10 5.01 8.07 1.18
N TRP A 11 5.13 8.32 2.49
CA TRP A 11 6.39 8.45 3.20
C TRP A 11 7.34 7.30 2.84
N LYS A 12 6.86 6.05 2.91
CA LYS A 12 7.64 4.89 2.49
C LYS A 12 6.71 3.83 1.89
N VAL A 13 7.27 2.89 1.16
CA VAL A 13 6.65 1.73 0.54
C VAL A 13 7.63 0.59 0.79
N HIS A 14 7.11 -0.60 0.99
CA HIS A 14 7.85 -1.79 1.46
C HIS A 14 7.47 -3.04 0.67
N VAL A 15 6.93 -2.85 -0.54
CA VAL A 15 6.49 -3.90 -1.45
C VAL A 15 7.04 -3.62 -2.85
N LYS A 16 7.14 -4.67 -3.66
CA LYS A 16 7.53 -4.61 -5.07
C LYS A 16 6.70 -5.65 -5.80
N ALA A 17 6.53 -5.52 -7.11
CA ALA A 17 5.91 -6.57 -7.92
C ALA A 17 6.67 -7.90 -7.70
N GLY A 18 5.93 -8.99 -7.53
CA GLY A 18 6.46 -10.32 -7.30
C GLY A 18 6.79 -10.61 -5.84
N ASP A 19 6.71 -9.63 -4.92
CA ASP A 19 7.01 -9.86 -3.50
C ASP A 19 5.82 -10.54 -2.81
N GLN A 20 6.10 -11.51 -1.93
CA GLN A 20 5.09 -12.12 -1.06
C GLN A 20 4.75 -11.14 0.07
N ILE A 21 3.48 -11.06 0.44
CA ILE A 21 2.99 -10.35 1.62
C ILE A 21 2.00 -11.23 2.37
N GLU A 22 1.66 -10.83 3.59
CA GLU A 22 0.89 -11.60 4.54
C GLU A 22 -0.02 -10.61 5.24
N LYS A 23 -1.27 -10.98 5.53
CA LYS A 23 -2.25 -10.10 6.17
C LYS A 23 -1.63 -9.46 7.41
N GLY A 24 -1.59 -8.13 7.46
CA GLY A 24 -1.06 -7.36 8.58
C GLY A 24 0.44 -7.05 8.48
N GLN A 25 1.15 -7.48 7.43
CA GLN A 25 2.52 -7.05 7.18
C GLN A 25 2.46 -5.60 6.75
N GLU A 26 3.40 -4.77 7.18
CA GLU A 26 3.55 -3.41 6.68
C GLU A 26 3.89 -3.46 5.18
N VAL A 27 3.20 -2.65 4.38
CA VAL A 27 3.43 -2.50 2.94
C VAL A 27 3.68 -1.05 2.56
N ALA A 28 3.23 -0.06 3.34
CA ALA A 28 3.59 1.34 3.13
C ALA A 28 3.41 2.14 4.42
N ILE A 29 3.78 3.42 4.40
CA ILE A 29 3.49 4.36 5.46
C ILE A 29 3.06 5.67 4.78
N LEU A 30 2.03 6.30 5.34
CA LEU A 30 1.61 7.64 4.98
C LEU A 30 2.23 8.61 5.95
N GLU A 31 2.81 9.67 5.40
CA GLU A 31 2.70 10.99 5.97
C GLU A 31 1.32 11.49 5.57
N SER A 32 0.68 12.19 6.47
CA SER A 32 -0.63 12.77 6.26
C SER A 32 -0.62 14.14 6.94
N MET A 33 -0.07 15.14 6.24
CA MET A 33 -0.08 16.53 6.65
C MET A 33 0.34 16.71 8.13
N LYS A 34 1.50 16.10 8.46
CA LYS A 34 2.17 16.06 9.76
C LYS A 34 1.57 15.03 10.73
N MET A 35 0.86 14.01 10.20
CA MET A 35 0.41 12.83 10.93
C MET A 35 1.02 11.60 10.26
N GLU A 36 0.95 10.45 10.92
CA GLU A 36 1.65 9.23 10.54
C GLU A 36 0.66 8.07 10.56
N ILE A 37 0.61 7.26 9.50
CA ILE A 37 -0.39 6.19 9.37
C ILE A 37 0.30 4.99 8.71
N PRO A 38 0.58 3.90 9.46
CA PRO A 38 1.02 2.63 8.89
C PRO A 38 -0.02 2.12 7.89
N ILE A 39 0.44 1.45 6.83
CA ILE A 39 -0.42 0.81 5.84
C ILE A 39 0.06 -0.62 5.76
N VAL A 40 -0.83 -1.54 6.11
CA VAL A 40 -0.55 -2.96 6.24
C VAL A 40 -1.39 -3.72 5.21
N ALA A 41 -0.90 -4.90 4.82
CA ALA A 41 -1.48 -5.73 3.79
C ALA A 41 -2.88 -6.14 4.22
N ASP A 42 -3.86 -5.79 3.40
CA ASP A 42 -5.26 -6.20 3.59
C ASP A 42 -5.40 -7.72 3.66
N ARG A 43 -4.57 -8.46 2.92
CA ARG A 43 -4.64 -9.91 2.80
C ARG A 43 -3.28 -10.46 2.38
N SER A 44 -3.04 -11.74 2.66
CA SER A 44 -1.85 -12.43 2.19
C SER A 44 -1.93 -12.64 0.67
N GLY A 45 -0.80 -12.62 -0.03
CA GLY A 45 -0.78 -12.81 -1.47
C GLY A 45 0.60 -12.46 -2.02
N ILE A 46 0.76 -12.57 -3.34
CA ILE A 46 1.95 -12.07 -4.03
C ILE A 46 1.49 -10.79 -4.71
N VAL A 47 2.30 -9.74 -4.59
CA VAL A 47 2.04 -8.46 -5.23
C VAL A 47 2.12 -8.65 -6.74
N LYS A 48 1.08 -8.23 -7.45
CA LYS A 48 1.05 -8.21 -8.90
C LYS A 48 1.55 -6.86 -9.39
N GLU A 49 1.18 -5.75 -8.74
CA GLU A 49 1.65 -4.43 -9.12
C GLU A 49 1.59 -3.50 -7.91
N VAL A 50 2.45 -2.47 -7.89
CA VAL A 50 2.40 -1.38 -6.93
C VAL A 50 1.94 -0.16 -7.72
N LYS A 51 0.77 0.40 -7.37
CA LYS A 51 0.14 1.46 -8.15
C LYS A 51 0.76 2.84 -7.88
N LYS A 52 1.71 2.93 -6.94
CA LYS A 52 2.32 4.15 -6.45
C LYS A 52 3.78 3.83 -6.09
N LYS A 53 4.53 4.82 -5.59
CA LYS A 53 5.88 4.65 -5.06
C LYS A 53 6.05 5.60 -3.89
N GLU A 54 7.17 5.47 -3.16
CA GLU A 54 7.57 6.45 -2.16
C GLU A 54 7.53 7.86 -2.76
N GLY A 55 7.00 8.81 -1.99
CA GLY A 55 6.92 10.21 -2.35
C GLY A 55 5.71 10.53 -3.23
N ASP A 56 4.88 9.55 -3.64
CA ASP A 56 3.70 9.85 -4.45
C ASP A 56 2.61 10.44 -3.55
N PHE A 57 1.74 11.26 -4.14
CA PHE A 57 0.58 11.84 -3.47
C PHE A 57 -0.54 10.81 -3.51
N VAL A 58 -1.35 10.75 -2.46
CA VAL A 58 -2.39 9.76 -2.30
C VAL A 58 -3.57 10.33 -1.51
N ASN A 59 -4.73 9.69 -1.61
CA ASN A 59 -5.94 10.14 -0.94
C ASN A 59 -6.82 8.97 -0.58
N GLU A 60 -7.83 9.21 0.26
CA GLU A 60 -8.80 8.20 0.64
C GLU A 60 -9.46 7.62 -0.62
N GLY A 61 -9.28 6.31 -0.84
CA GLY A 61 -9.84 5.57 -1.96
C GLY A 61 -8.88 5.49 -3.17
N ASP A 62 -7.72 6.16 -3.13
CA ASP A 62 -6.71 6.03 -4.17
C ASP A 62 -6.01 4.67 -3.99
N VAL A 63 -5.64 4.04 -5.09
CA VAL A 63 -5.10 2.68 -5.10
C VAL A 63 -3.63 2.66 -4.64
N LEU A 64 -3.17 1.50 -4.15
CA LEU A 64 -1.79 1.31 -3.69
C LEU A 64 -1.18 0.03 -4.24
N LEU A 65 -1.93 -1.08 -4.27
CA LEU A 65 -1.35 -2.39 -4.54
C LEU A 65 -2.40 -3.26 -5.21
N GLU A 66 -1.97 -4.07 -6.19
CA GLU A 66 -2.79 -5.11 -6.77
C GLU A 66 -2.03 -6.41 -6.53
N LEU A 67 -2.77 -7.48 -6.24
CA LEU A 67 -2.23 -8.75 -5.76
C LEU A 67 -2.75 -9.84 -6.69
N SER A 68 -2.00 -10.93 -6.83
CA SER A 68 -2.50 -12.12 -7.52
C SER A 68 -3.64 -12.78 -6.74
N ASN A 69 -3.70 -12.56 -5.40
CA ASN A 69 -4.82 -12.98 -4.54
C ASN A 69 -6.16 -12.54 -5.13
N SER A 70 -6.22 -11.29 -5.62
CA SER A 70 -7.42 -10.64 -6.09
C SER A 70 -8.08 -11.36 -7.28
N THR A 71 -7.33 -12.20 -8.01
CA THR A 71 -7.71 -12.79 -9.28
C THR A 71 -7.51 -14.32 -9.29
N GLN A 72 -7.46 -14.94 -8.10
CA GLN A 72 -7.49 -16.39 -7.94
C GLN A 72 -8.73 -16.96 -8.64
C11 BTI B . 5.76 19.54 7.02
O11 BTI B . 6.38 20.15 7.91
C10 BTI B . 6.52 18.75 5.95
C9 BTI B . 7.25 17.53 6.53
C8 BTI B . 6.30 16.56 7.24
C7 BTI B . 6.99 15.22 7.53
C2 BTI B . 6.09 14.31 8.38
S1 BTI B . 5.93 14.73 10.11
C6 BTI B . 5.22 13.11 10.41
C5 BTI B . 5.94 12.09 9.52
N3 BTI B . 7.14 11.59 10.15
C3 BTI B . 8.30 11.93 9.56
O3 BTI B . 9.44 11.63 9.93
N2 BTI B . 7.94 12.64 8.50
C4 BTI B . 6.51 12.83 8.31
H102 BTI B . 7.25 19.41 5.49
H103 BTI B . 5.82 18.42 5.19
H92 BTI B . 8.01 17.86 7.24
H93 BTI B . 7.74 17.01 5.71
H82 BTI B . 5.42 16.37 6.62
H83 BTI B . 5.98 17.00 8.18
H72 BTI B . 7.93 15.39 8.05
H73 BTI B . 7.21 14.73 6.58
H2 BTI B . 5.08 14.36 7.96
H62 BTI B . 4.17 13.15 10.11
H63 BTI B . 5.28 12.83 11.46
H5 BTI B . 5.28 11.27 9.23
HN3 BTI B . 7.10 10.95 10.93
HN2 BTI B . 8.60 13.03 7.85
H4 BTI B . 6.20 12.35 7.38
N THR A 1 -6.29 -3.18 -5.45
CA THR A 1 -6.63 -4.19 -4.42
C THR A 1 -6.40 -3.62 -3.02
N VAL A 2 -5.14 -3.51 -2.55
CA VAL A 2 -4.84 -2.77 -1.32
C VAL A 2 -4.81 -1.29 -1.72
N SER A 3 -5.34 -0.42 -0.88
CA SER A 3 -5.55 0.99 -1.20
C SER A 3 -5.32 1.83 0.06
N ILE A 4 -5.11 3.12 -0.16
CA ILE A 4 -4.85 4.11 0.86
C ILE A 4 -6.17 4.50 1.54
N GLN A 5 -6.08 4.97 2.79
CA GLN A 5 -7.23 5.20 3.68
C GLN A 5 -7.26 6.61 4.30
N MET A 6 -6.33 7.49 3.91
CA MET A 6 -6.33 8.89 4.34
C MET A 6 -5.69 9.75 3.25
N ALA A 7 -5.94 11.06 3.30
CA ALA A 7 -5.26 12.05 2.48
C ALA A 7 -3.82 12.14 2.96
N GLY A 8 -2.86 12.11 2.03
CA GLY A 8 -1.47 12.04 2.45
C GLY A 8 -0.47 11.86 1.32
N ASN A 9 0.73 11.45 1.72
CA ASN A 9 1.91 11.34 0.89
C ASN A 9 2.61 10.07 1.34
N LEU A 10 3.05 9.24 0.40
CA LEU A 10 3.65 7.94 0.66
C LEU A 10 5.07 8.12 1.20
N TRP A 11 5.17 8.36 2.50
CA TRP A 11 6.42 8.48 3.25
C TRP A 11 7.36 7.32 2.91
N LYS A 12 6.87 6.07 2.93
CA LYS A 12 7.63 4.89 2.54
C LYS A 12 6.71 3.87 1.89
N VAL A 13 7.29 2.98 1.07
CA VAL A 13 6.64 1.83 0.46
C VAL A 13 7.59 0.65 0.73
N HIS A 14 7.03 -0.54 0.94
CA HIS A 14 7.75 -1.72 1.42
C HIS A 14 7.38 -2.97 0.61
N VAL A 15 6.78 -2.78 -0.57
CA VAL A 15 6.35 -3.82 -1.49
C VAL A 15 6.91 -3.53 -2.88
N LYS A 16 7.03 -4.58 -3.69
CA LYS A 16 7.49 -4.53 -5.08
C LYS A 16 6.66 -5.56 -5.85
N ALA A 17 6.55 -5.44 -7.18
CA ALA A 17 5.97 -6.49 -7.99
C ALA A 17 6.74 -7.80 -7.77
N GLY A 18 6.02 -8.90 -7.57
CA GLY A 18 6.59 -10.21 -7.32
C GLY A 18 6.91 -10.47 -5.85
N ASP A 19 6.83 -9.47 -4.96
CA ASP A 19 7.02 -9.66 -3.52
C ASP A 19 5.86 -10.47 -2.92
N GLN A 20 6.03 -10.98 -1.70
CA GLN A 20 5.06 -11.81 -0.98
C GLN A 20 4.67 -11.04 0.28
N ILE A 21 3.38 -10.95 0.60
CA ILE A 21 2.85 -10.22 1.74
C ILE A 21 1.84 -11.07 2.49
N GLU A 22 1.53 -10.68 3.72
CA GLU A 22 0.76 -11.46 4.65
C GLU A 22 -0.12 -10.46 5.39
N LYS A 23 -1.40 -10.80 5.64
CA LYS A 23 -2.37 -9.89 6.24
C LYS A 23 -1.78 -9.25 7.50
N GLY A 24 -1.75 -7.92 7.54
CA GLY A 24 -1.23 -7.15 8.67
C GLY A 24 0.28 -6.84 8.57
N GLN A 25 0.99 -7.28 7.53
CA GLN A 25 2.36 -6.88 7.27
C GLN A 25 2.31 -5.43 6.79
N GLU A 26 3.25 -4.60 7.22
CA GLU A 26 3.42 -3.25 6.69
C GLU A 26 3.75 -3.34 5.19
N VAL A 27 3.06 -2.54 4.38
CA VAL A 27 3.29 -2.44 2.94
C VAL A 27 3.58 -0.99 2.53
N ALA A 28 3.14 0.01 3.30
CA ALA A 28 3.51 1.41 3.10
C ALA A 28 3.32 2.19 4.40
N ILE A 29 3.70 3.47 4.40
CA ILE A 29 3.39 4.41 5.46
C ILE A 29 2.99 5.72 4.80
N LEU A 30 1.98 6.38 5.36
CA LEU A 30 1.61 7.73 5.01
C LEU A 30 2.23 8.68 6.02
N GLU A 31 2.83 9.73 5.48
CA GLU A 31 2.69 11.04 6.07
C GLU A 31 1.31 11.51 5.64
N SER A 32 0.59 12.16 6.55
CA SER A 32 -0.73 12.68 6.31
C SER A 32 -0.76 14.07 6.95
N MET A 33 -0.24 15.06 6.22
CA MET A 33 -0.21 16.46 6.64
C MET A 33 0.46 16.61 8.02
N LYS A 34 1.56 15.87 8.22
CA LYS A 34 2.43 15.78 9.41
C LYS A 34 1.93 14.76 10.45
N MET A 35 0.91 13.94 10.14
CA MET A 35 0.48 12.80 10.94
C MET A 35 1.10 11.53 10.34
N GLU A 36 1.12 10.44 11.12
CA GLU A 36 1.77 9.20 10.77
C GLU A 36 0.72 8.09 10.73
N ILE A 37 0.63 7.35 9.60
CA ILE A 37 -0.39 6.32 9.43
C ILE A 37 0.25 5.12 8.72
N PRO A 38 0.56 4.01 9.42
CA PRO A 38 0.96 2.75 8.82
C PRO A 38 -0.10 2.27 7.83
N ILE A 39 0.32 1.59 6.77
CA ILE A 39 -0.56 0.97 5.79
C ILE A 39 -0.08 -0.47 5.71
N VAL A 40 -0.98 -1.39 6.05
CA VAL A 40 -0.70 -2.80 6.21
C VAL A 40 -1.55 -3.60 5.21
N ALA A 41 -1.07 -4.78 4.85
CA ALA A 41 -1.65 -5.64 3.83
C ALA A 41 -3.06 -6.04 4.26
N ASP A 42 -4.04 -5.62 3.47
CA ASP A 42 -5.45 -5.99 3.67
C ASP A 42 -5.67 -7.51 3.56
N ARG A 43 -4.82 -8.21 2.80
CA ARG A 43 -4.83 -9.66 2.66
C ARG A 43 -3.42 -10.15 2.34
N SER A 44 -3.15 -11.42 2.60
CA SER A 44 -1.95 -12.09 2.15
C SER A 44 -1.98 -12.26 0.62
N GLY A 45 -0.83 -12.42 -0.02
CA GLY A 45 -0.77 -12.75 -1.45
C GLY A 45 0.61 -12.46 -2.04
N ILE A 46 0.72 -12.64 -3.36
CA ILE A 46 1.86 -12.21 -4.15
C ILE A 46 1.45 -10.86 -4.74
N VAL A 47 2.31 -9.86 -4.66
CA VAL A 47 2.11 -8.57 -5.28
C VAL A 47 2.20 -8.77 -6.80
N LYS A 48 1.16 -8.37 -7.53
CA LYS A 48 1.19 -8.35 -8.98
C LYS A 48 1.74 -7.00 -9.44
N GLU A 49 1.32 -5.87 -8.84
CA GLU A 49 1.76 -4.56 -9.28
C GLU A 49 1.66 -3.58 -8.10
N VAL A 50 2.43 -2.50 -8.14
CA VAL A 50 2.36 -1.41 -7.17
C VAL A 50 1.86 -0.19 -7.95
N LYS A 51 0.77 0.42 -7.49
CA LYS A 51 0.07 1.47 -8.23
C LYS A 51 0.62 2.87 -7.89
N LYS A 52 1.55 2.95 -6.94
CA LYS A 52 2.20 4.19 -6.47
C LYS A 52 3.65 3.86 -6.16
N LYS A 53 4.42 4.84 -5.70
CA LYS A 53 5.80 4.67 -5.25
C LYS A 53 6.07 5.62 -4.09
N GLU A 54 7.14 5.38 -3.35
CA GLU A 54 7.58 6.22 -2.24
C GLU A 54 7.72 7.67 -2.73
N GLY A 55 6.98 8.59 -2.10
CA GLY A 55 6.96 10.01 -2.39
C GLY A 55 5.70 10.44 -3.16
N ASP A 56 4.86 9.51 -3.64
CA ASP A 56 3.68 9.88 -4.42
C ASP A 56 2.61 10.47 -3.50
N PHE A 57 1.72 11.29 -4.07
CA PHE A 57 0.55 11.83 -3.39
C PHE A 57 -0.56 10.77 -3.47
N VAL A 58 -1.38 10.68 -2.42
CA VAL A 58 -2.40 9.67 -2.29
C VAL A 58 -3.57 10.21 -1.47
N ASN A 59 -4.72 9.52 -1.52
CA ASN A 59 -5.93 9.93 -0.82
C ASN A 59 -6.74 8.71 -0.39
N GLU A 60 -7.73 8.92 0.46
CA GLU A 60 -8.64 7.87 0.89
C GLU A 60 -9.33 7.27 -0.34
N GLY A 61 -9.13 5.97 -0.56
CA GLY A 61 -9.69 5.21 -1.68
C GLY A 61 -8.78 5.19 -2.90
N ASP A 62 -7.63 5.88 -2.88
CA ASP A 62 -6.65 5.83 -3.97
C ASP A 62 -5.89 4.52 -3.84
N VAL A 63 -5.63 3.85 -4.97
CA VAL A 63 -5.03 2.53 -5.00
C VAL A 63 -3.56 2.56 -4.54
N LEU A 64 -3.04 1.41 -4.12
CA LEU A 64 -1.63 1.23 -3.74
C LEU A 64 -1.06 -0.05 -4.33
N LEU A 65 -1.81 -1.15 -4.35
CA LEU A 65 -1.25 -2.46 -4.66
C LEU A 65 -2.30 -3.30 -5.36
N GLU A 66 -1.86 -4.13 -6.29
CA GLU A 66 -2.65 -5.18 -6.92
C GLU A 66 -1.90 -6.47 -6.68
N LEU A 67 -2.64 -7.55 -6.47
CA LEU A 67 -2.10 -8.82 -6.04
C LEU A 67 -2.61 -9.92 -6.97
N SER A 68 -1.94 -11.06 -6.99
CA SER A 68 -2.49 -12.23 -7.66
C SER A 68 -3.76 -12.67 -6.89
N ASN A 69 -3.78 -12.46 -5.56
CA ASN A 69 -4.95 -12.62 -4.69
C ASN A 69 -5.86 -11.38 -4.75
N SER A 70 -6.40 -11.09 -5.93
CA SER A 70 -7.42 -10.06 -6.15
C SER A 70 -8.71 -10.66 -6.73
N THR A 71 -8.85 -11.99 -6.65
CA THR A 71 -10.08 -12.74 -6.94
C THR A 71 -11.17 -12.53 -5.87
N GLN A 72 -10.85 -11.77 -4.82
CA GLN A 72 -11.66 -11.39 -3.67
C GLN A 72 -11.14 -10.02 -3.21
C11 BTI B . 6.12 19.35 6.99
O11 BTI B . 5.32 19.26 6.07
C10 BTI B . 7.55 18.86 6.84
C9 BTI B . 7.67 17.35 6.59
C8 BTI B . 6.77 16.50 7.49
C7 BTI B . 7.26 15.04 7.55
C2 BTI B . 6.36 14.24 8.51
S1 BTI B . 6.43 14.70 10.25
C6 BTI B . 5.55 13.17 10.65
C5 BTI B . 6.08 12.08 9.72
N3 BTI B . 7.28 11.48 10.26
C3 BTI B . 8.41 11.68 9.55
O3 BTI B . 9.54 11.29 9.81
N2 BTI B . 8.01 12.38 8.48
C4 BTI B . 6.60 12.71 8.43
H102 BTI B . 8.11 19.09 7.76
H103 BTI B . 8.03 19.40 6.03
H92 BTI B . 8.71 17.08 6.76
H93 BTI B . 7.42 17.14 5.54
H82 BTI B . 5.75 16.51 7.09
H83 BTI B . 6.76 16.90 8.50
H72 BTI B . 8.28 15.02 7.90
H73 BTI B . 7.21 14.61 6.55
H2 BTI B . 5.34 14.44 8.21
H62 BTI B . 4.50 13.33 10.42
H63 BTI B . 5.67 12.90 11.69
H5 BTI B . 5.32 11.31 9.52
HN3 BTI B . 7.27 10.94 11.11
HN2 BTI B . 8.64 12.67 7.75
H4 BTI B . 6.14 12.27 7.55
N THR A 1 -6.35 -3.49 -5.72
CA THR A 1 -6.68 -4.43 -4.62
C THR A 1 -6.59 -3.70 -3.26
N VAL A 2 -5.39 -3.49 -2.71
CA VAL A 2 -5.22 -2.70 -1.49
C VAL A 2 -5.21 -1.22 -1.92
N SER A 3 -5.76 -0.34 -1.09
CA SER A 3 -5.87 1.09 -1.38
C SER A 3 -5.63 1.88 -0.09
N ILE A 4 -5.34 3.17 -0.26
CA ILE A 4 -5.12 4.12 0.81
C ILE A 4 -6.48 4.53 1.41
N GLN A 5 -6.45 4.97 2.67
CA GLN A 5 -7.64 5.22 3.50
C GLN A 5 -7.68 6.64 4.08
N MET A 6 -6.68 7.48 3.77
CA MET A 6 -6.54 8.83 4.31
C MET A 6 -5.75 9.68 3.30
N ALA A 7 -6.01 10.99 3.29
CA ALA A 7 -5.27 11.97 2.50
C ALA A 7 -3.84 12.06 3.01
N GLY A 8 -2.87 12.09 2.10
CA GLY A 8 -1.48 12.12 2.50
C GLY A 8 -0.49 11.96 1.37
N ASN A 9 0.73 11.60 1.75
CA ASN A 9 1.88 11.42 0.89
C ASN A 9 2.50 10.11 1.36
N LEU A 10 2.79 9.22 0.42
CA LEU A 10 3.19 7.84 0.68
C LEU A 10 4.65 7.73 1.09
N TRP A 11 4.98 8.34 2.23
CA TRP A 11 6.29 8.47 2.86
C TRP A 11 7.26 7.32 2.55
N LYS A 12 6.86 6.07 2.78
CA LYS A 12 7.67 4.91 2.41
C LYS A 12 6.77 3.81 1.87
N VAL A 13 7.39 2.87 1.15
CA VAL A 13 6.76 1.72 0.53
C VAL A 13 7.73 0.57 0.77
N HIS A 14 7.17 -0.62 0.98
CA HIS A 14 7.88 -1.82 1.45
C HIS A 14 7.45 -3.07 0.67
N VAL A 15 6.89 -2.88 -0.53
CA VAL A 15 6.47 -3.92 -1.46
C VAL A 15 7.05 -3.63 -2.84
N LYS A 16 7.13 -4.67 -3.67
CA LYS A 16 7.53 -4.59 -5.08
C LYS A 16 6.69 -5.63 -5.83
N ALA A 17 6.53 -5.50 -7.14
CA ALA A 17 5.92 -6.54 -7.96
C ALA A 17 6.68 -7.86 -7.75
N GLY A 18 5.95 -8.95 -7.59
CA GLY A 18 6.50 -10.29 -7.37
C GLY A 18 6.83 -10.59 -5.90
N ASP A 19 6.79 -9.59 -5.00
CA ASP A 19 6.99 -9.83 -3.57
C ASP A 19 5.79 -10.57 -2.97
N GLN A 20 5.95 -11.17 -1.79
CA GLN A 20 4.89 -11.85 -1.03
C GLN A 20 4.53 -10.94 0.15
N ILE A 21 3.24 -10.87 0.50
CA ILE A 21 2.73 -10.16 1.67
C ILE A 21 1.73 -11.04 2.40
N GLU A 22 1.41 -10.64 3.63
CA GLU A 22 0.60 -11.41 4.55
C GLU A 22 -0.24 -10.41 5.33
N LYS A 23 -1.50 -10.75 5.61
CA LYS A 23 -2.45 -9.86 6.26
C LYS A 23 -1.83 -9.25 7.52
N GLY A 24 -1.71 -7.92 7.56
CA GLY A 24 -1.16 -7.18 8.67
C GLY A 24 0.34 -6.86 8.56
N GLN A 25 1.05 -7.32 7.52
CA GLN A 25 2.42 -6.92 7.25
C GLN A 25 2.39 -5.46 6.80
N GLU A 26 3.35 -4.65 7.24
CA GLU A 26 3.53 -3.30 6.71
C GLU A 26 3.88 -3.39 5.23
N VAL A 27 3.21 -2.59 4.39
CA VAL A 27 3.46 -2.49 2.96
C VAL A 27 3.74 -1.05 2.55
N ALA A 28 3.28 -0.03 3.29
CA ALA A 28 3.65 1.36 3.06
C ALA A 28 3.44 2.16 4.35
N ILE A 29 3.75 3.45 4.32
CA ILE A 29 3.47 4.39 5.40
C ILE A 29 3.00 5.69 4.74
N LEU A 30 2.02 6.35 5.35
CA LEU A 30 1.58 7.69 5.03
C LEU A 30 2.26 8.65 6.00
N GLU A 31 2.85 9.69 5.41
CA GLU A 31 2.73 11.01 5.98
C GLU A 31 1.33 11.47 5.62
N SER A 32 0.68 12.18 6.54
CA SER A 32 -0.64 12.72 6.34
C SER A 32 -0.62 14.11 6.93
N MET A 33 -0.13 15.08 6.14
CA MET A 33 -0.07 16.49 6.49
C MET A 33 0.64 16.70 7.85
N LYS A 34 1.76 15.97 8.04
CA LYS A 34 2.65 15.94 9.20
C LYS A 34 2.22 14.95 10.30
N MET A 35 1.22 14.10 10.04
CA MET A 35 0.84 12.98 10.89
C MET A 35 1.42 11.69 10.28
N GLU A 36 1.40 10.59 11.03
CA GLU A 36 2.05 9.34 10.66
C GLU A 36 1.03 8.20 10.76
N ILE A 37 0.91 7.37 9.71
CA ILE A 37 -0.06 6.28 9.66
C ILE A 37 0.58 5.11 8.88
N PRO A 38 0.72 3.90 9.45
CA PRO A 38 1.15 2.73 8.69
C PRO A 38 0.07 2.33 7.68
N ILE A 39 0.47 1.63 6.63
CA ILE A 39 -0.41 0.99 5.67
C ILE A 39 0.04 -0.46 5.65
N VAL A 40 -0.86 -1.35 6.02
CA VAL A 40 -0.60 -2.77 6.20
C VAL A 40 -1.43 -3.55 5.18
N ALA A 41 -0.93 -4.71 4.79
CA ALA A 41 -1.51 -5.57 3.78
C ALA A 41 -2.89 -5.99 4.26
N ASP A 42 -3.91 -5.63 3.48
CA ASP A 42 -5.30 -6.00 3.76
C ASP A 42 -5.52 -7.51 3.72
N ARG A 43 -4.68 -8.26 2.98
CA ARG A 43 -4.79 -9.71 2.78
C ARG A 43 -3.43 -10.29 2.40
N SER A 44 -3.35 -11.60 2.16
CA SER A 44 -2.09 -12.31 1.94
C SER A 44 -2.02 -12.79 0.49
N GLY A 45 -0.87 -12.62 -0.17
CA GLY A 45 -0.70 -13.03 -1.56
C GLY A 45 0.58 -12.49 -2.17
N ILE A 46 0.76 -12.71 -3.46
CA ILE A 46 1.84 -12.13 -4.24
C ILE A 46 1.38 -10.73 -4.69
N VAL A 47 2.29 -9.76 -4.73
CA VAL A 47 2.03 -8.45 -5.30
C VAL A 47 2.10 -8.58 -6.82
N LYS A 48 1.02 -8.23 -7.53
CA LYS A 48 1.03 -8.11 -8.98
C LYS A 48 1.71 -6.79 -9.36
N GLU A 49 1.34 -5.67 -8.71
CA GLU A 49 1.89 -4.36 -9.03
C GLU A 49 1.73 -3.43 -7.83
N VAL A 50 2.62 -2.46 -7.70
CA VAL A 50 2.50 -1.37 -6.73
C VAL A 50 2.01 -0.15 -7.53
N LYS A 51 0.85 0.39 -7.13
CA LYS A 51 0.13 1.39 -7.91
C LYS A 51 0.57 2.82 -7.52
N LYS A 52 1.60 2.96 -6.69
CA LYS A 52 2.21 4.21 -6.19
C LYS A 52 3.69 3.93 -5.92
N LYS A 53 4.44 4.93 -5.44
CA LYS A 53 5.82 4.79 -4.98
C LYS A 53 6.04 5.67 -3.76
N GLU A 54 7.19 5.52 -3.10
CA GLU A 54 7.63 6.42 -2.04
C GLU A 54 7.45 7.89 -2.46
N GLY A 55 6.78 8.66 -1.61
CA GLY A 55 6.64 10.10 -1.74
C GLY A 55 5.55 10.52 -2.74
N ASP A 56 4.86 9.57 -3.39
CA ASP A 56 3.75 9.92 -4.27
C ASP A 56 2.57 10.45 -3.44
N PHE A 57 1.74 11.28 -4.04
CA PHE A 57 0.55 11.82 -3.41
C PHE A 57 -0.52 10.73 -3.43
N VAL A 58 -1.33 10.65 -2.36
CA VAL A 58 -2.31 9.59 -2.18
C VAL A 58 -3.51 10.13 -1.39
N ASN A 59 -4.66 9.46 -1.51
CA ASN A 59 -5.89 9.91 -0.89
C ASN A 59 -6.79 8.75 -0.51
N GLU A 60 -7.85 9.03 0.26
CA GLU A 60 -8.84 8.03 0.63
C GLU A 60 -9.43 7.39 -0.63
N GLY A 61 -9.31 6.05 -0.74
CA GLY A 61 -9.84 5.26 -1.84
C GLY A 61 -8.88 5.17 -3.04
N ASP A 62 -7.71 5.81 -2.99
CA ASP A 62 -6.73 5.79 -4.07
C ASP A 62 -5.93 4.49 -3.99
N VAL A 63 -5.75 3.80 -5.10
CA VAL A 63 -5.12 2.48 -5.17
C VAL A 63 -3.68 2.52 -4.64
N LEU A 64 -3.23 1.39 -4.10
CA LEU A 64 -1.90 1.22 -3.52
C LEU A 64 -1.24 -0.04 -4.07
N LEU A 65 -1.98 -1.15 -4.19
CA LEU A 65 -1.41 -2.45 -4.51
C LEU A 65 -2.41 -3.25 -5.30
N GLU A 66 -1.93 -4.02 -6.26
CA GLU A 66 -2.69 -5.01 -6.99
C GLU A 66 -2.01 -6.34 -6.73
N LEU A 67 -2.78 -7.41 -6.55
CA LEU A 67 -2.28 -8.69 -6.06
C LEU A 67 -2.58 -9.83 -7.04
N SER A 68 -1.88 -10.93 -6.81
CA SER A 68 -1.95 -12.21 -7.49
C SER A 68 -1.87 -13.31 -6.42
N ASN A 69 -2.12 -14.57 -6.81
CA ASN A 69 -1.90 -15.79 -6.03
C ASN A 69 -2.07 -15.60 -4.52
N SER A 70 -3.31 -15.44 -4.08
CA SER A 70 -3.65 -15.30 -2.66
C SER A 70 -3.11 -16.49 -1.85
N THR A 71 -2.73 -16.27 -0.60
CA THR A 71 -2.12 -17.31 0.25
C THR A 71 -2.88 -17.55 1.56
N GLN A 72 -3.87 -16.70 1.89
CA GLN A 72 -4.83 -16.90 2.98
C GLN A 72 -6.16 -16.33 2.50
C11 BTI B . 6.29 19.56 6.64
O11 BTI B . 5.51 19.45 5.70
C10 BTI B . 7.74 19.09 6.53
C9 BTI B . 7.88 17.58 6.27
C8 BTI B . 6.98 16.71 7.16
C7 BTI B . 7.45 15.26 7.20
C2 BTI B . 6.57 14.44 8.14
S1 BTI B . 6.64 14.86 9.90
C6 BTI B . 5.75 13.33 10.25
C5 BTI B . 6.27 12.25 9.30
N3 BTI B . 7.48 11.64 9.82
C3 BTI B . 8.60 11.85 9.11
O3 BTI B . 9.73 11.46 9.35
N2 BTI B . 8.20 12.57 8.06
C4 BTI B . 6.79 12.92 8.02
H102 BTI B . 8.28 19.32 7.45
H103 BTI B . 8.23 19.64 5.71
H92 BTI B . 8.92 17.32 6.47
H93 BTI B . 7.66 17.37 5.22
H82 BTI B . 5.95 16.75 6.77
H83 BTI B . 6.97 17.10 8.18
H72 BTI B . 8.49 15.23 7.55
H73 BTI B . 7.40 14.84 6.19
H2 BTI B . 5.54 14.65 7.85
H62 BTI B . 4.70 13.50 10.03
H63 BTI B . 5.87 13.04 11.29
H5 BTI B . 5.51 11.49 9.08
HN3 BTI B . 7.46 11.06 10.65
HN2 BTI B . 8.83 12.89 7.34
H4 BTI B . 6.32 12.50 7.13
N THR A 1 -6.78 -6.12 -4.66
CA THR A 1 -6.33 -4.72 -4.64
C THR A 1 -6.25 -4.23 -3.18
N VAL A 2 -5.31 -3.34 -2.88
CA VAL A 2 -5.26 -2.61 -1.62
C VAL A 2 -5.18 -1.15 -2.00
N SER A 3 -5.74 -0.27 -1.17
CA SER A 3 -5.88 1.16 -1.44
C SER A 3 -5.66 1.93 -0.15
N ILE A 4 -5.37 3.21 -0.31
CA ILE A 4 -5.20 4.16 0.78
C ILE A 4 -6.59 4.59 1.28
N GLN A 5 -6.64 5.04 2.54
CA GLN A 5 -7.86 5.32 3.30
C GLN A 5 -7.84 6.73 3.91
N MET A 6 -6.77 7.49 3.70
CA MET A 6 -6.56 8.80 4.29
C MET A 6 -5.72 9.65 3.33
N ALA A 7 -6.00 10.96 3.30
CA ALA A 7 -5.25 11.94 2.53
C ALA A 7 -3.82 12.01 3.06
N GLY A 8 -2.85 12.06 2.14
CA GLY A 8 -1.46 12.09 2.54
C GLY A 8 -0.48 11.93 1.39
N ASN A 9 0.74 11.55 1.75
CA ASN A 9 1.87 11.34 0.87
C ASN A 9 2.48 10.03 1.32
N LEU A 10 2.80 9.14 0.39
CA LEU A 10 3.17 7.76 0.66
C LEU A 10 4.65 7.66 1.06
N TRP A 11 4.98 8.29 2.18
CA TRP A 11 6.30 8.45 2.81
C TRP A 11 7.25 7.29 2.53
N LYS A 12 6.85 6.03 2.76
CA LYS A 12 7.66 4.87 2.39
C LYS A 12 6.76 3.78 1.84
N VAL A 13 7.38 2.84 1.13
CA VAL A 13 6.75 1.68 0.50
C VAL A 13 7.73 0.54 0.75
N HIS A 14 7.18 -0.65 0.97
CA HIS A 14 7.88 -1.84 1.45
C HIS A 14 7.45 -3.08 0.64
N VAL A 15 6.88 -2.85 -0.54
CA VAL A 15 6.44 -3.84 -1.51
C VAL A 15 7.03 -3.50 -2.88
N LYS A 16 7.06 -4.49 -3.76
CA LYS A 16 7.39 -4.35 -5.18
C LYS A 16 6.65 -5.46 -5.93
N ALA A 17 6.58 -5.35 -7.25
CA ALA A 17 6.06 -6.42 -8.11
C ALA A 17 6.82 -7.72 -7.80
N GLY A 18 6.06 -8.78 -7.53
CA GLY A 18 6.55 -10.12 -7.27
C GLY A 18 6.84 -10.40 -5.80
N ASP A 19 6.72 -9.42 -4.90
CA ASP A 19 6.97 -9.62 -3.47
C ASP A 19 5.83 -10.40 -2.82
N GLN A 20 6.11 -11.09 -1.71
CA GLN A 20 5.16 -11.90 -0.95
C GLN A 20 4.74 -11.09 0.27
N ILE A 21 3.44 -10.99 0.56
CA ILE A 21 2.90 -10.23 1.69
C ILE A 21 1.89 -11.06 2.46
N GLU A 22 1.60 -10.64 3.69
CA GLU A 22 0.82 -11.42 4.64
C GLU A 22 -0.06 -10.42 5.37
N LYS A 23 -1.31 -10.79 5.65
CA LYS A 23 -2.29 -9.89 6.24
C LYS A 23 -1.72 -9.24 7.50
N GLY A 24 -1.72 -7.90 7.54
CA GLY A 24 -1.21 -7.13 8.67
C GLY A 24 0.29 -6.83 8.59
N GLN A 25 1.02 -7.30 7.57
CA GLN A 25 2.40 -6.88 7.31
C GLN A 25 2.35 -5.44 6.82
N GLU A 26 3.27 -4.60 7.26
CA GLU A 26 3.47 -3.27 6.72
C GLU A 26 3.82 -3.39 5.23
N VAL A 27 3.13 -2.61 4.39
CA VAL A 27 3.40 -2.53 2.96
C VAL A 27 3.71 -1.09 2.55
N ALA A 28 3.24 -0.06 3.30
CA ALA A 28 3.61 1.33 3.05
C ALA A 28 3.40 2.15 4.33
N ILE A 29 3.74 3.44 4.29
CA ILE A 29 3.48 4.38 5.37
C ILE A 29 3.01 5.69 4.73
N LEU A 30 2.03 6.33 5.36
CA LEU A 30 1.58 7.67 5.05
C LEU A 30 2.27 8.63 5.99
N GLU A 31 2.88 9.66 5.40
CA GLU A 31 2.79 10.99 5.97
C GLU A 31 1.39 11.48 5.62
N SER A 32 0.76 12.18 6.54
CA SER A 32 -0.55 12.74 6.36
C SER A 32 -0.54 14.13 6.98
N MET A 33 -0.03 15.09 6.22
CA MET A 33 0.02 16.51 6.60
C MET A 33 0.58 16.69 8.03
N LYS A 34 1.72 16.01 8.27
CA LYS A 34 2.55 15.98 9.47
C LYS A 34 2.15 14.88 10.48
N MET A 35 1.18 14.00 10.13
CA MET A 35 0.81 12.83 10.92
C MET A 35 1.46 11.58 10.30
N GLU A 36 1.43 10.47 11.04
CA GLU A 36 2.16 9.26 10.73
C GLU A 36 1.18 8.09 10.79
N ILE A 37 1.01 7.32 9.71
CA ILE A 37 0.00 6.25 9.66
C ILE A 37 0.59 5.05 8.90
N PRO A 38 0.84 3.90 9.55
CA PRO A 38 1.19 2.64 8.88
C PRO A 38 0.11 2.24 7.88
N ILE A 39 0.50 1.58 6.80
CA ILE A 39 -0.40 0.97 5.84
C ILE A 39 0.03 -0.48 5.72
N VAL A 40 -0.90 -1.39 6.02
CA VAL A 40 -0.64 -2.81 6.18
C VAL A 40 -1.49 -3.59 5.17
N ALA A 41 -1.03 -4.77 4.78
CA ALA A 41 -1.65 -5.61 3.78
C ALA A 41 -3.04 -6.01 4.25
N ASP A 42 -4.05 -5.60 3.50
CA ASP A 42 -5.46 -5.96 3.74
C ASP A 42 -5.68 -7.49 3.67
N ARG A 43 -4.88 -8.20 2.88
CA ARG A 43 -4.84 -9.66 2.87
C ARG A 43 -3.45 -10.12 2.41
N SER A 44 -3.13 -11.38 2.71
CA SER A 44 -1.94 -12.05 2.20
C SER A 44 -2.02 -12.21 0.68
N GLY A 45 -0.89 -12.41 0.02
CA GLY A 45 -0.83 -12.68 -1.41
C GLY A 45 0.58 -12.50 -1.96
N ILE A 46 0.69 -12.39 -3.29
CA ILE A 46 1.90 -12.00 -3.98
C ILE A 46 1.51 -10.79 -4.81
N VAL A 47 2.34 -9.75 -4.72
CA VAL A 47 2.12 -8.47 -5.37
C VAL A 47 2.22 -8.67 -6.88
N LYS A 48 1.20 -8.24 -7.60
CA LYS A 48 1.21 -8.15 -9.05
C LYS A 48 1.77 -6.80 -9.45
N GLU A 49 1.36 -5.70 -8.79
CA GLU A 49 1.85 -4.36 -9.09
C GLU A 49 1.70 -3.49 -7.85
N VAL A 50 2.51 -2.43 -7.76
CA VAL A 50 2.37 -1.37 -6.77
C VAL A 50 1.99 -0.12 -7.57
N LYS A 51 0.81 0.43 -7.28
CA LYS A 51 0.20 1.50 -8.07
C LYS A 51 0.78 2.88 -7.71
N LYS A 52 1.71 2.95 -6.74
CA LYS A 52 2.31 4.17 -6.20
C LYS A 52 3.77 3.85 -5.86
N LYS A 53 4.52 4.84 -5.38
CA LYS A 53 5.90 4.70 -4.94
C LYS A 53 6.14 5.63 -3.76
N GLU A 54 7.27 5.49 -3.08
CA GLU A 54 7.72 6.39 -2.03
C GLU A 54 7.55 7.85 -2.44
N GLY A 55 6.77 8.61 -1.68
CA GLY A 55 6.59 10.04 -1.82
C GLY A 55 5.52 10.43 -2.83
N ASP A 56 4.81 9.47 -3.45
CA ASP A 56 3.67 9.79 -4.31
C ASP A 56 2.55 10.40 -3.47
N PHE A 57 1.71 11.22 -4.07
CA PHE A 57 0.53 11.76 -3.41
C PHE A 57 -0.56 10.68 -3.41
N VAL A 58 -1.34 10.61 -2.33
CA VAL A 58 -2.33 9.56 -2.14
C VAL A 58 -3.52 10.12 -1.36
N ASN A 59 -4.68 9.47 -1.48
CA ASN A 59 -5.91 9.94 -0.87
C ASN A 59 -6.83 8.79 -0.52
N GLU A 60 -7.89 9.07 0.23
CA GLU A 60 -8.92 8.10 0.56
C GLU A 60 -9.50 7.51 -0.74
N GLY A 61 -9.37 6.19 -0.90
CA GLY A 61 -9.87 5.44 -2.05
C GLY A 61 -8.87 5.37 -3.21
N ASP A 62 -7.71 6.02 -3.11
CA ASP A 62 -6.68 5.98 -4.14
C ASP A 62 -5.93 4.65 -4.01
N VAL A 63 -5.70 3.95 -5.11
CA VAL A 63 -5.11 2.62 -5.14
C VAL A 63 -3.66 2.61 -4.63
N LEU A 64 -3.19 1.44 -4.19
CA LEU A 64 -1.84 1.22 -3.68
C LEU A 64 -1.22 -0.05 -4.26
N LEU A 65 -1.97 -1.15 -4.37
CA LEU A 65 -1.43 -2.46 -4.70
C LEU A 65 -2.44 -3.25 -5.49
N GLU A 66 -1.96 -4.15 -6.34
CA GLU A 66 -2.73 -5.17 -7.01
C GLU A 66 -1.97 -6.47 -6.72
N LEU A 67 -2.70 -7.53 -6.40
CA LEU A 67 -2.16 -8.79 -5.89
C LEU A 67 -2.76 -9.89 -6.75
N SER A 68 -1.95 -10.87 -7.14
CA SER A 68 -2.44 -12.00 -7.93
C SER A 68 -3.44 -12.85 -7.14
N ASN A 69 -3.42 -12.78 -5.80
CA ASN A 69 -4.39 -13.46 -4.94
C ASN A 69 -5.79 -12.83 -5.04
N SER A 70 -5.92 -11.60 -5.54
CA SER A 70 -7.22 -10.96 -5.75
C SER A 70 -7.89 -11.38 -7.07
N THR A 71 -7.18 -12.10 -7.97
CA THR A 71 -7.63 -12.37 -9.32
C THR A 71 -7.54 -13.87 -9.68
N GLN A 72 -7.56 -14.73 -8.67
CA GLN A 72 -7.53 -16.19 -8.77
C GLN A 72 -8.52 -16.75 -7.75
C11 BTI B . 6.96 19.28 6.65
O11 BTI B . 7.52 19.91 7.56
C10 BTI B . 7.78 18.53 5.61
C9 BTI B . 8.32 17.20 6.15
C8 BTI B . 7.25 16.35 6.85
C7 BTI B . 7.76 14.94 7.16
C2 BTI B . 6.73 14.15 7.98
S1 BTI B . 6.54 14.64 9.71
C6 BTI B . 5.65 13.10 10.01
C5 BTI B . 6.27 12.00 9.16
N3 BTI B . 7.39 11.38 9.84
C3 BTI B . 8.60 11.57 9.30
O3 BTI B . 9.68 11.16 9.71
N2 BTI B . 8.36 12.28 8.19
C4 BTI B . 6.97 12.63 7.95
H102 BTI B . 8.62 19.15 5.29
H103 BTI B . 7.17 18.32 4.73
H92 BTI B . 9.13 17.40 6.87
H93 BTI B . 8.75 16.63 5.31
H82 BTI B . 6.37 16.27 6.21
H83 BTI B . 6.97 16.83 7.78
H72 BTI B . 8.70 15.01 7.72
H73 BTI B . 7.95 14.42 6.22
H2 BTI B . 5.75 14.32 7.53
H62 BTI B . 4.61 13.24 9.68
H63 BTI B . 5.65 12.84 11.06
H5 BTI B . 5.53 11.25 8.85
HN3 BTI B . 7.25 10.81 10.66
HN2 BTI B . 9.08 12.57 7.56
H4 BTI B . 6.62 12.18 7.02
N THR A 1 -6.36 -3.74 -5.69
CA THR A 1 -6.62 -4.64 -4.55
C THR A 1 -6.57 -3.85 -3.23
N VAL A 2 -5.39 -3.53 -2.67
CA VAL A 2 -5.30 -2.69 -1.47
C VAL A 2 -5.26 -1.24 -1.96
N SER A 3 -5.82 -0.33 -1.17
CA SER A 3 -5.90 1.09 -1.45
C SER A 3 -5.68 1.86 -0.16
N ILE A 4 -5.35 3.14 -0.30
CA ILE A 4 -5.20 4.08 0.80
C ILE A 4 -6.60 4.50 1.29
N GLN A 5 -6.67 4.97 2.53
CA GLN A 5 -7.89 5.23 3.30
C GLN A 5 -7.88 6.64 3.89
N MET A 6 -6.83 7.42 3.64
CA MET A 6 -6.63 8.74 4.24
C MET A 6 -5.84 9.61 3.26
N ALA A 7 -6.09 10.91 3.28
CA ALA A 7 -5.36 11.91 2.50
C ALA A 7 -3.91 11.99 3.00
N GLY A 8 -2.96 12.01 2.09
CA GLY A 8 -1.56 12.01 2.49
C GLY A 8 -0.58 11.88 1.34
N ASN A 9 0.64 11.52 1.72
CA ASN A 9 1.80 11.38 0.87
C ASN A 9 2.45 10.07 1.32
N LEU A 10 2.74 9.18 0.39
CA LEU A 10 3.14 7.81 0.65
C LEU A 10 4.61 7.71 1.05
N TRP A 11 4.95 8.32 2.18
CA TRP A 11 6.27 8.47 2.80
C TRP A 11 7.23 7.33 2.48
N LYS A 12 6.84 6.07 2.73
CA LYS A 12 7.65 4.91 2.35
C LYS A 12 6.75 3.82 1.80
N VAL A 13 7.35 2.89 1.07
CA VAL A 13 6.74 1.74 0.44
C VAL A 13 7.74 0.60 0.67
N HIS A 14 7.21 -0.60 0.89
CA HIS A 14 7.95 -1.78 1.36
C HIS A 14 7.57 -3.03 0.57
N VAL A 15 6.93 -2.85 -0.60
CA VAL A 15 6.51 -3.89 -1.52
C VAL A 15 7.13 -3.63 -2.89
N LYS A 16 7.23 -4.69 -3.69
CA LYS A 16 7.64 -4.64 -5.09
C LYS A 16 6.80 -5.69 -5.82
N ALA A 17 6.67 -5.58 -7.15
CA ALA A 17 6.08 -6.64 -7.97
C ALA A 17 6.83 -7.96 -7.70
N GLY A 18 6.07 -9.04 -7.51
CA GLY A 18 6.60 -10.37 -7.25
C GLY A 18 6.90 -10.63 -5.77
N ASP A 19 6.85 -9.63 -4.88
CA ASP A 19 7.05 -9.84 -3.45
C ASP A 19 5.85 -10.57 -2.83
N GLN A 20 6.03 -11.21 -1.67
CA GLN A 20 4.97 -11.84 -0.89
C GLN A 20 4.56 -10.87 0.21
N ILE A 21 3.26 -10.78 0.48
CA ILE A 21 2.71 -10.05 1.62
C ILE A 21 1.65 -10.90 2.32
N GLU A 22 1.26 -10.47 3.51
CA GLU A 22 0.36 -11.16 4.40
C GLU A 22 -0.43 -10.08 5.13
N LYS A 23 -1.72 -10.32 5.40
CA LYS A 23 -2.56 -9.38 6.11
C LYS A 23 -1.89 -8.97 7.42
N GLY A 24 -1.65 -7.67 7.62
CA GLY A 24 -0.99 -7.14 8.81
C GLY A 24 0.51 -6.87 8.64
N GLN A 25 1.14 -7.29 7.54
CA GLN A 25 2.53 -6.96 7.23
C GLN A 25 2.55 -5.52 6.71
N GLU A 26 3.54 -4.72 7.10
CA GLU A 26 3.68 -3.31 6.71
C GLU A 26 4.10 -3.23 5.24
N VAL A 27 3.30 -2.58 4.40
CA VAL A 27 3.54 -2.46 2.97
C VAL A 27 3.80 -1.02 2.55
N ALA A 28 3.34 -0.02 3.31
CA ALA A 28 3.68 1.38 3.09
C ALA A 28 3.51 2.17 4.38
N ILE A 29 3.83 3.46 4.34
CA ILE A 29 3.56 4.42 5.40
C ILE A 29 3.07 5.71 4.75
N LEU A 30 2.08 6.35 5.37
CA LEU A 30 1.64 7.70 5.03
C LEU A 30 2.32 8.67 5.98
N GLU A 31 2.86 9.73 5.41
CA GLU A 31 2.70 11.05 6.00
C GLU A 31 1.28 11.47 5.62
N SER A 32 0.58 12.06 6.57
CA SER A 32 -0.76 12.58 6.38
C SER A 32 -0.79 13.93 7.07
N MET A 33 -0.34 14.95 6.34
CA MET A 33 -0.29 16.33 6.80
C MET A 33 0.46 16.45 8.14
N LYS A 34 1.58 15.71 8.23
CA LYS A 34 2.55 15.59 9.32
C LYS A 34 2.17 14.55 10.38
N MET A 35 1.12 13.73 10.16
CA MET A 35 0.80 12.57 11.00
C MET A 35 1.43 11.32 10.37
N GLU A 36 2.00 10.44 11.20
CA GLU A 36 2.44 9.11 10.80
C GLU A 36 1.21 8.19 10.78
N ILE A 37 1.00 7.43 9.71
CA ILE A 37 -0.01 6.37 9.67
C ILE A 37 0.62 5.17 8.93
N PRO A 38 0.97 4.07 9.63
CA PRO A 38 1.37 2.82 9.01
C PRO A 38 0.28 2.30 8.06
N ILE A 39 0.69 1.65 6.96
CA ILE A 39 -0.21 1.02 6.01
C ILE A 39 0.22 -0.44 5.94
N VAL A 40 -0.45 -1.25 6.75
CA VAL A 40 -0.32 -2.70 6.71
C VAL A 40 -1.28 -3.26 5.65
N ALA A 41 -0.90 -4.38 5.05
CA ALA A 41 -1.67 -5.04 4.02
C ALA A 41 -3.03 -5.46 4.58
N ASP A 42 -4.08 -5.17 3.85
CA ASP A 42 -5.43 -5.68 4.14
C ASP A 42 -5.59 -7.15 3.74
N ARG A 43 -4.70 -7.69 2.91
CA ARG A 43 -4.83 -9.02 2.30
C ARG A 43 -3.46 -9.70 2.26
N SER A 44 -3.46 -10.97 1.85
CA SER A 44 -2.25 -11.78 1.69
C SER A 44 -2.15 -12.21 0.23
N GLY A 45 -0.93 -12.39 -0.28
CA GLY A 45 -0.71 -12.89 -1.64
C GLY A 45 0.63 -12.42 -2.20
N ILE A 46 0.88 -12.79 -3.47
CA ILE A 46 2.00 -12.26 -4.23
C ILE A 46 1.51 -10.92 -4.79
N VAL A 47 2.34 -9.88 -4.69
CA VAL A 47 2.11 -8.59 -5.30
C VAL A 47 2.21 -8.77 -6.81
N LYS A 48 1.16 -8.41 -7.55
CA LYS A 48 1.23 -8.31 -8.99
C LYS A 48 1.83 -6.96 -9.35
N GLU A 49 1.34 -5.86 -8.76
CA GLU A 49 1.77 -4.52 -9.13
C GLU A 49 1.67 -3.62 -7.90
N VAL A 50 2.50 -2.58 -7.81
CA VAL A 50 2.40 -1.53 -6.81
C VAL A 50 1.97 -0.29 -7.60
N LYS A 51 0.87 0.32 -7.19
CA LYS A 51 0.21 1.39 -7.95
C LYS A 51 0.74 2.78 -7.60
N LYS A 52 1.69 2.88 -6.66
CA LYS A 52 2.28 4.12 -6.15
C LYS A 52 3.76 3.83 -5.83
N LYS A 53 4.49 4.84 -5.37
CA LYS A 53 5.88 4.72 -4.94
C LYS A 53 6.11 5.66 -3.76
N GLU A 54 7.26 5.55 -3.11
CA GLU A 54 7.69 6.45 -2.05
C GLU A 54 7.50 7.91 -2.47
N GLY A 55 6.72 8.66 -1.69
CA GLY A 55 6.54 10.09 -1.85
C GLY A 55 5.46 10.45 -2.87
N ASP A 56 4.76 9.48 -3.47
CA ASP A 56 3.61 9.78 -4.34
C ASP A 56 2.49 10.38 -3.49
N PHE A 57 1.63 11.19 -4.09
CA PHE A 57 0.44 11.72 -3.44
C PHE A 57 -0.62 10.61 -3.43
N VAL A 58 -1.40 10.54 -2.36
CA VAL A 58 -2.38 9.49 -2.16
C VAL A 58 -3.58 10.04 -1.39
N ASN A 59 -4.73 9.38 -1.51
CA ASN A 59 -5.96 9.85 -0.89
C ASN A 59 -6.88 8.70 -0.52
N GLU A 60 -7.94 9.00 0.21
CA GLU A 60 -8.98 8.04 0.55
C GLU A 60 -9.54 7.41 -0.73
N GLY A 61 -9.38 6.10 -0.88
CA GLY A 61 -9.87 5.32 -2.01
C GLY A 61 -8.87 5.23 -3.17
N ASP A 62 -7.71 5.90 -3.08
CA ASP A 62 -6.69 5.86 -4.12
C ASP A 62 -5.90 4.56 -3.99
N VAL A 63 -5.68 3.85 -5.10
CA VAL A 63 -5.09 2.52 -5.13
C VAL A 63 -3.66 2.51 -4.58
N LEU A 64 -3.21 1.32 -4.14
CA LEU A 64 -1.86 1.10 -3.59
C LEU A 64 -1.23 -0.18 -4.16
N LEU A 65 -1.98 -1.29 -4.23
CA LEU A 65 -1.42 -2.59 -4.54
C LEU A 65 -2.44 -3.39 -5.33
N GLU A 66 -1.92 -4.26 -6.16
CA GLU A 66 -2.67 -5.21 -6.98
C GLU A 66 -1.99 -6.54 -6.73
N LEU A 67 -2.76 -7.57 -6.41
CA LEU A 67 -2.22 -8.83 -5.93
C LEU A 67 -2.69 -9.97 -6.82
N SER A 68 -1.78 -10.85 -7.20
CA SER A 68 -2.05 -12.02 -8.04
C SER A 68 -3.10 -12.93 -7.40
N ASN A 69 -3.12 -13.00 -6.06
CA ASN A 69 -4.09 -13.76 -5.29
C ASN A 69 -5.53 -13.24 -5.45
N SER A 70 -5.70 -12.04 -6.02
CA SER A 70 -7.00 -11.37 -6.12
C SER A 70 -7.35 -11.01 -7.57
N THR A 71 -6.37 -10.86 -8.47
CA THR A 71 -6.64 -10.63 -9.89
C THR A 71 -6.95 -11.92 -10.65
N GLN A 72 -6.58 -13.09 -10.10
CA GLN A 72 -6.89 -14.40 -10.67
C GLN A 72 -8.40 -14.54 -10.93
C11 BTI B . 6.51 19.74 7.34
O11 BTI B . 7.25 20.19 8.21
C10 BTI B . 7.11 19.03 6.12
C9 BTI B . 7.75 17.69 6.48
C8 BTI B . 6.77 16.71 7.15
C7 BTI B . 7.42 15.34 7.35
C2 BTI B . 6.51 14.40 8.13
S1 BTI B . 6.34 14.70 9.90
C6 BTI B . 5.61 13.07 10.08
C5 BTI B . 6.33 12.11 9.13
N3 BTI B . 7.55 11.60 9.73
C3 BTI B . 8.70 11.94 9.15
O3 BTI B . 9.84 11.63 9.48
N2 BTI B . 8.33 12.70 8.11
C4 BTI B . 6.89 12.91 7.95
H102 BTI B . 7.87 19.68 5.67
H103 BTI B . 6.33 18.87 5.37
H92 BTI B . 8.60 17.86 7.14
H93 BTI B . 8.12 17.23 5.55
H82 BTI B . 5.88 16.60 6.53
H83 BTI B . 6.48 17.11 8.12
H72 BTI B . 8.37 15.46 7.88
H73 BTI B . 7.63 14.92 6.37
H2 BTI B . 5.51 14.50 7.72
H62 BTI B . 4.56 13.12 9.77
H63 BTI B . 5.66 12.71 11.11
H5 BTI B . 5.68 11.31 8.79
HN3 BTI B . 7.50 10.96 10.52
HN2 BTI B . 8.99 13.10 7.46
H4 BTI B . 6.56 12.51 7.00
N THR A 1 -6.41 -3.75 -5.30
CA THR A 1 -6.57 -4.73 -4.19
C THR A 1 -6.41 -4.04 -2.83
N VAL A 2 -5.22 -3.50 -2.50
CA VAL A 2 -4.99 -2.73 -1.29
C VAL A 2 -4.97 -1.26 -1.72
N SER A 3 -5.48 -0.36 -0.88
CA SER A 3 -5.65 1.05 -1.20
C SER A 3 -5.40 1.89 0.06
N ILE A 4 -5.19 3.18 -0.16
CA ILE A 4 -4.92 4.17 0.86
C ILE A 4 -6.24 4.57 1.56
N GLN A 5 -6.13 5.08 2.79
CA GLN A 5 -7.25 5.33 3.69
C GLN A 5 -7.25 6.75 4.29
N MET A 6 -6.34 7.63 3.85
CA MET A 6 -6.29 9.02 4.29
C MET A 6 -5.68 9.89 3.18
N ALA A 7 -6.00 11.19 3.21
CA ALA A 7 -5.38 12.20 2.37
C ALA A 7 -3.95 12.43 2.86
N GLY A 8 -2.96 12.25 1.98
CA GLY A 8 -1.58 12.24 2.42
C GLY A 8 -0.58 12.00 1.32
N ASN A 9 0.62 11.60 1.72
CA ASN A 9 1.78 11.40 0.85
C ASN A 9 2.40 10.09 1.30
N LEU A 10 2.74 9.23 0.35
CA LEU A 10 3.14 7.85 0.61
C LEU A 10 4.60 7.76 1.05
N TRP A 11 4.90 8.33 2.22
CA TRP A 11 6.21 8.47 2.86
C TRP A 11 7.17 7.32 2.56
N LYS A 12 6.77 6.06 2.77
CA LYS A 12 7.59 4.90 2.41
C LYS A 12 6.71 3.80 1.86
N VAL A 13 7.33 2.86 1.15
CA VAL A 13 6.72 1.70 0.52
C VAL A 13 7.71 0.56 0.77
N HIS A 14 7.17 -0.63 0.97
CA HIS A 14 7.90 -1.82 1.44
C HIS A 14 7.49 -3.07 0.65
N VAL A 15 6.88 -2.88 -0.52
CA VAL A 15 6.45 -3.92 -1.44
C VAL A 15 7.04 -3.65 -2.83
N LYS A 16 7.14 -4.70 -3.64
CA LYS A 16 7.56 -4.64 -5.05
C LYS A 16 6.73 -5.69 -5.79
N ALA A 17 6.60 -5.56 -7.11
CA ALA A 17 6.01 -6.60 -7.94
C ALA A 17 6.73 -7.92 -7.70
N GLY A 18 5.97 -9.01 -7.55
CA GLY A 18 6.48 -10.36 -7.31
C GLY A 18 6.79 -10.65 -5.85
N ASP A 19 6.78 -9.66 -4.94
CA ASP A 19 7.01 -9.89 -3.51
C ASP A 19 5.80 -10.60 -2.88
N GLN A 20 5.99 -11.30 -1.76
CA GLN A 20 4.92 -11.92 -0.98
C GLN A 20 4.54 -10.97 0.16
N ILE A 21 3.25 -10.87 0.47
CA ILE A 21 2.72 -10.19 1.64
C ILE A 21 1.70 -11.09 2.33
N GLU A 22 1.39 -10.73 3.56
CA GLU A 22 0.60 -11.51 4.50
C GLU A 22 -0.19 -10.47 5.28
N LYS A 23 -1.48 -10.72 5.54
CA LYS A 23 -2.38 -9.77 6.18
C LYS A 23 -1.73 -9.24 7.46
N GLY A 24 -1.59 -7.92 7.57
CA GLY A 24 -1.00 -7.25 8.72
C GLY A 24 0.50 -6.94 8.58
N GLN A 25 1.18 -7.37 7.50
CA GLN A 25 2.57 -7.03 7.24
C GLN A 25 2.57 -5.60 6.69
N GLU A 26 3.56 -4.78 7.08
CA GLU A 26 3.67 -3.38 6.67
C GLU A 26 4.06 -3.30 5.20
N VAL A 27 3.22 -2.66 4.38
CA VAL A 27 3.41 -2.53 2.94
C VAL A 27 3.73 -1.08 2.56
N ALA A 28 3.31 -0.08 3.35
CA ALA A 28 3.66 1.32 3.13
C ALA A 28 3.49 2.11 4.42
N ILE A 29 3.82 3.40 4.39
CA ILE A 29 3.53 4.36 5.44
C ILE A 29 3.04 5.64 4.76
N LEU A 30 2.02 6.25 5.36
CA LEU A 30 1.56 7.58 5.01
C LEU A 30 2.21 8.58 5.95
N GLU A 31 2.73 9.65 5.35
CA GLU A 31 2.59 10.98 5.91
C GLU A 31 1.17 11.42 5.56
N SER A 32 0.57 12.20 6.43
CA SER A 32 -0.78 12.71 6.24
C SER A 32 -0.82 14.10 6.84
N MET A 33 -0.37 15.08 6.07
CA MET A 33 -0.34 16.50 6.47
C MET A 33 0.36 16.68 7.83
N LYS A 34 1.49 15.96 7.99
CA LYS A 34 2.39 15.90 9.14
C LYS A 34 1.95 14.91 10.25
N MET A 35 0.95 14.05 9.96
CA MET A 35 0.57 12.91 10.80
C MET A 35 1.19 11.65 10.20
N GLU A 36 1.17 10.53 10.92
CA GLU A 36 1.86 9.30 10.56
C GLU A 36 0.87 8.15 10.66
N ILE A 37 0.79 7.31 9.62
CA ILE A 37 -0.18 6.21 9.57
C ILE A 37 0.49 5.01 8.87
N PRO A 38 0.82 3.91 9.58
CA PRO A 38 1.24 2.66 8.97
C PRO A 38 0.17 2.15 8.00
N ILE A 39 0.59 1.52 6.89
CA ILE A 39 -0.30 0.88 5.94
C ILE A 39 0.16 -0.56 5.85
N VAL A 40 -0.73 -1.46 6.24
CA VAL A 40 -0.46 -2.89 6.36
C VAL A 40 -1.36 -3.63 5.37
N ALA A 41 -0.93 -4.82 4.96
CA ALA A 41 -1.59 -5.63 3.95
C ALA A 41 -3.00 -5.97 4.42
N ASP A 42 -4.00 -5.56 3.66
CA ASP A 42 -5.41 -5.82 3.96
C ASP A 42 -5.82 -7.27 3.63
N ARG A 43 -5.05 -7.93 2.76
CA ARG A 43 -5.18 -9.34 2.38
C ARG A 43 -3.79 -9.84 1.97
N SER A 44 -3.55 -11.13 2.10
CA SER A 44 -2.28 -11.76 1.76
C SER A 44 -2.22 -12.03 0.25
N GLY A 45 -1.01 -12.25 -0.27
CA GLY A 45 -0.82 -12.71 -1.65
C GLY A 45 0.54 -12.29 -2.20
N ILE A 46 0.79 -12.65 -3.45
CA ILE A 46 1.92 -12.17 -4.24
C ILE A 46 1.46 -10.83 -4.80
N VAL A 47 2.30 -9.81 -4.70
CA VAL A 47 2.06 -8.50 -5.30
C VAL A 47 2.14 -8.66 -6.82
N LYS A 48 1.09 -8.28 -7.54
CA LYS A 48 1.13 -8.17 -8.98
C LYS A 48 1.82 -6.84 -9.30
N GLU A 49 1.37 -5.73 -8.70
CA GLU A 49 1.87 -4.40 -9.05
C GLU A 49 1.69 -3.45 -7.89
N VAL A 50 2.61 -2.49 -7.73
CA VAL A 50 2.49 -1.38 -6.80
C VAL A 50 2.02 -0.18 -7.63
N LYS A 51 0.88 0.42 -7.25
CA LYS A 51 0.23 1.46 -8.03
C LYS A 51 0.76 2.86 -7.70
N LYS A 52 1.71 2.96 -6.76
CA LYS A 52 2.31 4.19 -6.25
C LYS A 52 3.79 3.90 -5.92
N LYS A 53 4.53 4.90 -5.43
CA LYS A 53 5.90 4.76 -4.97
C LYS A 53 6.12 5.68 -3.77
N GLU A 54 7.25 5.52 -3.08
CA GLU A 54 7.67 6.44 -2.03
C GLU A 54 7.53 7.89 -2.48
N GLY A 55 6.78 8.68 -1.72
CA GLY A 55 6.62 10.12 -1.90
C GLY A 55 5.52 10.48 -2.91
N ASP A 56 4.80 9.52 -3.50
CA ASP A 56 3.67 9.84 -4.35
C ASP A 56 2.55 10.46 -3.50
N PHE A 57 1.70 11.28 -4.13
CA PHE A 57 0.52 11.84 -3.48
C PHE A 57 -0.57 10.76 -3.50
N VAL A 58 -1.36 10.69 -2.44
CA VAL A 58 -2.35 9.65 -2.25
C VAL A 58 -3.55 10.19 -1.46
N ASN A 59 -4.68 9.48 -1.52
CA ASN A 59 -5.91 9.93 -0.88
C ASN A 59 -6.75 8.73 -0.45
N GLU A 60 -7.78 8.98 0.35
CA GLU A 60 -8.71 7.95 0.79
C GLU A 60 -9.34 7.29 -0.43
N GLY A 61 -9.16 5.97 -0.57
CA GLY A 61 -9.69 5.16 -1.66
C GLY A 61 -8.79 5.16 -2.89
N ASP A 62 -7.64 5.87 -2.88
CA ASP A 62 -6.68 5.83 -3.98
C ASP A 62 -5.91 4.52 -3.86
N VAL A 63 -5.68 3.84 -4.98
CA VAL A 63 -5.08 2.52 -5.02
C VAL A 63 -3.62 2.54 -4.51
N LEU A 64 -3.14 1.38 -4.05
CA LEU A 64 -1.76 1.19 -3.60
C LEU A 64 -1.16 -0.08 -4.19
N LEU A 65 -1.91 -1.19 -4.24
CA LEU A 65 -1.37 -2.48 -4.54
C LEU A 65 -2.40 -3.32 -5.26
N GLU A 66 -1.96 -4.14 -6.19
CA GLU A 66 -2.75 -5.17 -6.83
C GLU A 66 -2.00 -6.48 -6.65
N LEU A 67 -2.73 -7.56 -6.38
CA LEU A 67 -2.18 -8.84 -5.96
C LEU A 67 -2.65 -9.92 -6.94
N SER A 68 -1.82 -10.94 -7.14
CA SER A 68 -2.03 -11.99 -8.13
C SER A 68 -3.01 -13.07 -7.63
N ASN A 69 -3.08 -13.30 -6.32
CA ASN A 69 -3.78 -14.43 -5.69
C ASN A 69 -4.33 -14.01 -4.32
N SER A 70 -4.89 -12.80 -4.26
CA SER A 70 -5.52 -12.17 -3.10
C SER A 70 -6.35 -13.18 -2.30
N THR A 71 -6.06 -13.35 -1.00
CA THR A 71 -6.77 -14.30 -0.15
C THR A 71 -8.25 -13.89 0.07
N GLN A 72 -8.57 -12.62 -0.13
CA GLN A 72 -9.90 -12.04 -0.18
C GLN A 72 -9.84 -10.97 -1.27
C11 BTI B . 6.50 19.78 6.99
O11 BTI B . 7.25 20.24 7.83
C10 BTI B . 7.07 19.00 5.79
C9 BTI B . 7.66 17.65 6.20
C8 BTI B . 6.65 16.74 6.92
C7 BTI B . 7.23 15.34 7.15
C2 BTI B . 6.29 14.48 8.01
S1 BTI B . 6.19 14.92 9.76
C6 BTI B . 5.42 13.32 10.08
C5 BTI B . 6.07 12.28 9.17
N3 BTI B . 7.27 11.73 9.77
C3 BTI B . 8.41 12.00 9.14
O3 BTI B . 9.55 11.66 9.46
N2 BTI B . 8.05 12.71 8.05
C4 BTI B . 6.63 12.97 7.93
H102 BTI B . 7.84 19.60 5.32
H103 BTI B . 6.28 18.83 5.05
H92 BTI B . 8.51 17.81 6.86
H93 BTI B . 8.01 17.14 5.30
H82 BTI B . 5.74 16.65 6.31
H83 BTI B . 6.38 17.19 7.88
H72 BTI B . 8.20 15.44 7.66
H73 BTI B . 7.39 14.87 6.19
H2 BTI B . 5.29 14.60 7.62
H62 BTI B . 4.36 13.40 9.82
H63 BTI B . 5.51 13.05 11.13
H5 BTI B . 5.36 11.48 8.90
HN3 BTI B . 7.22 11.13 10.58
HN2 BTI B . 8.70 13.06 7.38
H4 BTI B . 6.25 12.52 7.02
N THR A 1 -6.53 -3.39 -5.27
CA THR A 1 -6.69 -4.36 -4.17
C THR A 1 -6.40 -3.70 -2.82
N VAL A 2 -5.14 -3.55 -2.38
CA VAL A 2 -4.87 -2.73 -1.20
C VAL A 2 -4.90 -1.27 -1.70
N SER A 3 -5.40 -0.37 -0.87
CA SER A 3 -5.60 1.03 -1.18
C SER A 3 -5.30 1.86 0.06
N ILE A 4 -4.95 3.12 -0.15
CA ILE A 4 -4.70 4.10 0.89
C ILE A 4 -6.05 4.43 1.56
N GLN A 5 -6.01 4.84 2.83
CA GLN A 5 -7.19 4.99 3.69
C GLN A 5 -7.34 6.42 4.25
N MET A 6 -6.42 7.33 3.93
CA MET A 6 -6.40 8.70 4.44
C MET A 6 -5.66 9.59 3.43
N ALA A 7 -5.99 10.89 3.41
CA ALA A 7 -5.30 11.90 2.62
C ALA A 7 -3.86 12.03 3.10
N GLY A 8 -2.91 12.06 2.17
CA GLY A 8 -1.51 12.11 2.57
C GLY A 8 -0.54 11.96 1.41
N ASN A 9 0.69 11.64 1.79
CA ASN A 9 1.83 11.47 0.91
C ASN A 9 2.46 10.16 1.35
N LEU A 10 2.74 9.29 0.38
CA LEU A 10 3.13 7.91 0.59
C LEU A 10 4.60 7.81 1.00
N TRP A 11 4.94 8.38 2.16
CA TRP A 11 6.26 8.55 2.75
C TRP A 11 7.20 7.39 2.45
N LYS A 12 6.78 6.14 2.68
CA LYS A 12 7.58 4.96 2.31
C LYS A 12 6.68 3.87 1.77
N VAL A 13 7.28 2.93 1.05
CA VAL A 13 6.66 1.77 0.44
C VAL A 13 7.66 0.63 0.70
N HIS A 14 7.11 -0.56 0.93
CA HIS A 14 7.84 -1.73 1.42
C HIS A 14 7.45 -2.99 0.63
N VAL A 15 6.85 -2.80 -0.54
CA VAL A 15 6.43 -3.84 -1.48
C VAL A 15 7.07 -3.59 -2.84
N LYS A 16 7.19 -4.64 -3.64
CA LYS A 16 7.62 -4.61 -5.03
C LYS A 16 6.81 -5.66 -5.79
N ALA A 17 6.71 -5.55 -7.12
CA ALA A 17 6.13 -6.60 -7.93
C ALA A 17 6.84 -7.93 -7.65
N GLY A 18 6.07 -9.00 -7.46
CA GLY A 18 6.57 -10.34 -7.19
C GLY A 18 6.94 -10.59 -5.72
N ASP A 19 6.87 -9.58 -4.83
CA ASP A 19 7.12 -9.80 -3.41
C ASP A 19 5.92 -10.48 -2.74
N GLN A 20 6.15 -11.22 -1.65
CA GLN A 20 5.11 -11.84 -0.84
C GLN A 20 4.67 -10.83 0.23
N ILE A 21 3.37 -10.80 0.54
CA ILE A 21 2.80 -10.07 1.67
C ILE A 21 1.79 -10.97 2.38
N GLU A 22 1.40 -10.57 3.59
CA GLU A 22 0.60 -11.35 4.50
C GLU A 22 -0.31 -10.36 5.21
N LYS A 23 -1.57 -10.71 5.46
CA LYS A 23 -2.56 -9.81 6.05
C LYS A 23 -1.99 -9.15 7.30
N GLY A 24 -2.02 -7.82 7.36
CA GLY A 24 -1.55 -7.05 8.49
C GLY A 24 -0.05 -6.73 8.46
N GLN A 25 0.72 -7.22 7.47
CA GLN A 25 2.10 -6.80 7.27
C GLN A 25 2.08 -5.36 6.80
N GLU A 26 3.01 -4.53 7.27
CA GLU A 26 3.23 -3.20 6.74
C GLU A 26 3.64 -3.32 5.27
N VAL A 27 3.00 -2.54 4.39
CA VAL A 27 3.32 -2.47 2.97
C VAL A 27 3.65 -1.04 2.55
N ALA A 28 3.17 0.00 3.27
CA ALA A 28 3.58 1.37 3.03
C ALA A 28 3.31 2.22 4.27
N ILE A 29 3.67 3.50 4.23
CA ILE A 29 3.46 4.46 5.30
C ILE A 29 2.98 5.77 4.68
N LEU A 30 2.04 6.43 5.35
CA LEU A 30 1.60 7.78 5.07
C LEU A 30 2.33 8.72 6.00
N GLU A 31 2.90 9.77 5.41
CA GLU A 31 2.78 11.09 5.99
C GLU A 31 1.35 11.54 5.65
N SER A 32 0.73 12.24 6.59
CA SER A 32 -0.60 12.78 6.42
C SER A 32 -0.58 14.17 7.02
N MET A 33 -0.10 15.13 6.23
CA MET A 33 -0.04 16.56 6.60
C MET A 33 0.68 16.76 7.94
N LYS A 34 1.78 15.99 8.14
CA LYS A 34 2.71 15.96 9.27
C LYS A 34 2.32 14.95 10.36
N MET A 35 1.30 14.11 10.12
CA MET A 35 0.95 12.95 10.95
C MET A 35 1.55 11.69 10.31
N GLU A 36 1.55 10.58 11.03
CA GLU A 36 2.18 9.33 10.61
C GLU A 36 1.16 8.20 10.73
N ILE A 37 0.98 7.39 9.67
CA ILE A 37 -0.04 6.34 9.64
C ILE A 37 0.52 5.14 8.85
N PRO A 38 0.62 3.93 9.44
CA PRO A 38 0.93 2.71 8.70
C PRO A 38 -0.11 2.42 7.61
N ILE A 39 0.28 1.63 6.60
CA ILE A 39 -0.61 1.08 5.61
C ILE A 39 -0.20 -0.39 5.52
N VAL A 40 -1.13 -1.27 5.83
CA VAL A 40 -0.89 -2.70 6.01
C VAL A 40 -1.68 -3.49 4.96
N ALA A 41 -1.20 -4.68 4.65
CA ALA A 41 -1.75 -5.55 3.63
C ALA A 41 -3.18 -5.93 4.03
N ASP A 42 -4.13 -5.55 3.17
CA ASP A 42 -5.54 -5.95 3.29
C ASP A 42 -5.72 -7.47 3.31
N ARG A 43 -4.88 -8.21 2.57
CA ARG A 43 -4.95 -9.66 2.44
C ARG A 43 -3.56 -10.19 2.08
N SER A 44 -3.30 -11.46 2.41
CA SER A 44 -2.07 -12.14 2.02
C SER A 44 -2.07 -12.37 0.51
N GLY A 45 -0.87 -12.44 -0.09
CA GLY A 45 -0.73 -12.78 -1.51
C GLY A 45 0.64 -12.39 -2.02
N ILE A 46 0.89 -12.65 -3.30
CA ILE A 46 2.07 -12.15 -3.99
C ILE A 46 1.61 -10.89 -4.71
N VAL A 47 2.42 -9.83 -4.65
CA VAL A 47 2.16 -8.57 -5.31
C VAL A 47 2.24 -8.78 -6.82
N LYS A 48 1.23 -8.31 -7.55
CA LYS A 48 1.25 -8.28 -9.00
C LYS A 48 1.78 -6.92 -9.46
N GLU A 49 1.35 -5.82 -8.84
CA GLU A 49 1.80 -4.48 -9.20
C GLU A 49 1.66 -3.57 -7.98
N VAL A 50 2.51 -2.54 -7.88
CA VAL A 50 2.38 -1.47 -6.90
C VAL A 50 1.95 -0.24 -7.68
N LYS A 51 0.82 0.36 -7.31
CA LYS A 51 0.16 1.43 -8.08
C LYS A 51 0.71 2.82 -7.75
N LYS A 52 1.65 2.93 -6.81
CA LYS A 52 2.24 4.18 -6.31
C LYS A 52 3.71 3.91 -5.97
N LYS A 53 4.44 4.92 -5.51
CA LYS A 53 5.82 4.80 -5.04
C LYS A 53 6.03 5.71 -3.83
N GLU A 54 7.18 5.56 -3.15
CA GLU A 54 7.62 6.48 -2.11
C GLU A 54 7.47 7.94 -2.57
N GLY A 55 6.77 8.73 -1.77
CA GLY A 55 6.65 10.17 -1.92
C GLY A 55 5.51 10.59 -2.86
N ASP A 56 4.81 9.64 -3.49
CA ASP A 56 3.67 9.98 -4.35
C ASP A 56 2.51 10.50 -3.48
N PHE A 57 1.65 11.33 -4.07
CA PHE A 57 0.46 11.85 -3.40
C PHE A 57 -0.62 10.77 -3.41
N VAL A 58 -1.38 10.65 -2.32
CA VAL A 58 -2.35 9.58 -2.13
C VAL A 58 -3.54 10.09 -1.31
N ASN A 59 -4.67 9.37 -1.38
CA ASN A 59 -5.89 9.78 -0.71
C ASN A 59 -6.73 8.59 -0.29
N GLU A 60 -7.77 8.84 0.51
CA GLU A 60 -8.70 7.82 0.94
C GLU A 60 -9.32 7.14 -0.30
N GLY A 61 -9.13 5.82 -0.42
CA GLY A 61 -9.67 5.02 -1.49
C GLY A 61 -8.80 5.03 -2.76
N ASP A 62 -7.65 5.71 -2.76
CA ASP A 62 -6.72 5.70 -3.88
C ASP A 62 -5.95 4.39 -3.82
N VAL A 63 -5.72 3.75 -4.97
CA VAL A 63 -5.12 2.42 -5.04
C VAL A 63 -3.65 2.44 -4.62
N LEU A 64 -3.17 1.31 -4.07
CA LEU A 64 -1.79 1.11 -3.66
C LEU A 64 -1.20 -0.16 -4.29
N LEU A 65 -1.97 -1.24 -4.41
CA LEU A 65 -1.44 -2.55 -4.79
C LEU A 65 -2.49 -3.34 -5.55
N GLU A 66 -2.01 -4.23 -6.40
CA GLU A 66 -2.78 -5.26 -7.08
C GLU A 66 -1.99 -6.54 -6.80
N LEU A 67 -2.69 -7.63 -6.52
CA LEU A 67 -2.10 -8.86 -6.02
C LEU A 67 -2.51 -10.01 -6.93
N SER A 68 -1.68 -11.02 -7.05
CA SER A 68 -2.02 -12.26 -7.74
C SER A 68 -3.05 -13.10 -6.94
N ASN A 69 -3.40 -12.66 -5.71
CA ASN A 69 -4.44 -13.24 -4.86
C ASN A 69 -5.57 -12.23 -4.61
N SER A 70 -5.75 -11.24 -5.50
CA SER A 70 -6.91 -10.37 -5.46
C SER A 70 -8.15 -11.28 -5.59
N THR A 71 -9.02 -11.22 -4.57
CA THR A 71 -10.15 -12.16 -4.38
C THR A 71 -11.40 -11.44 -3.85
N GLN A 72 -11.40 -10.09 -3.88
CA GLN A 72 -12.52 -9.26 -3.46
C GLN A 72 -13.79 -9.66 -4.22
C11 BTI B . 6.22 19.78 6.77
O11 BTI B . 5.43 19.68 5.83
C10 BTI B . 7.68 19.35 6.61
C9 BTI B . 7.85 17.85 6.31
C8 BTI B . 6.98 16.93 7.17
C7 BTI B . 7.51 15.49 7.16
C2 BTI B . 6.64 14.62 8.07
S1 BTI B . 6.70 14.98 9.83
C6 BTI B . 5.86 13.42 10.13
C5 BTI B . 6.42 12.38 9.15
N3 BTI B . 7.64 11.80 9.66
C3 BTI B . 8.75 12.06 8.96
O3 BTI B . 9.91 11.69 9.19
N2 BTI B . 8.33 12.80 7.92
C4 BTI B . 6.91 13.10 7.90
H102 BTI B . 8.22 19.57 7.54
H103 BTI B . 8.15 19.94 5.82
H92 BTI B . 8.91 17.61 6.48
H93 BTI B . 7.63 17.67 5.25
H82 BTI B . 5.97 16.95 6.78
H83 BTI B . 6.97 17.28 8.20
H72 BTI B . 8.54 15.47 7.50
H73 BTI B . 7.46 15.11 6.14
H2 BTI B . 5.61 14.80 7.77
H62 BTI B . 4.81 13.56 9.92
H63 BTI B . 5.98 13.09 11.17
H5 BTI B . 5.68 11.61 8.92
HN3 BTI B . 7.65 11.20 10.47
HN2 BTI B . 8.95 13.16 7.21
H4 BTI B . 6.46 12.70 7.00
N THR A 1 -6.58 -6.47 -4.25
CA THR A 1 -6.28 -5.02 -4.37
C THR A 1 -6.23 -4.39 -2.98
N VAL A 2 -5.37 -3.39 -2.77
CA VAL A 2 -5.32 -2.59 -1.55
C VAL A 2 -5.27 -1.12 -2.00
N SER A 3 -5.80 -0.22 -1.17
CA SER A 3 -5.92 1.20 -1.44
C SER A 3 -5.68 1.97 -0.15
N ILE A 4 -5.43 3.26 -0.31
CA ILE A 4 -5.25 4.21 0.78
C ILE A 4 -6.63 4.65 1.27
N GLN A 5 -6.69 5.13 2.51
CA GLN A 5 -7.90 5.42 3.28
C GLN A 5 -7.87 6.84 3.89
N MET A 6 -6.80 7.60 3.65
CA MET A 6 -6.58 8.91 4.23
C MET A 6 -5.74 9.75 3.26
N ALA A 7 -5.98 11.06 3.24
CA ALA A 7 -5.22 12.04 2.48
C ALA A 7 -3.79 12.09 3.00
N GLY A 8 -2.81 12.11 2.10
CA GLY A 8 -1.42 12.10 2.52
C GLY A 8 -0.43 11.93 1.38
N ASN A 9 0.78 11.55 1.77
CA ASN A 9 1.94 11.33 0.92
C ASN A 9 2.53 10.01 1.38
N LEU A 10 2.88 9.13 0.45
CA LEU A 10 3.26 7.76 0.71
C LEU A 10 4.72 7.68 1.14
N TRP A 11 5.01 8.26 2.30
CA TRP A 11 6.31 8.45 2.95
C TRP A 11 7.29 7.30 2.69
N LYS A 12 6.87 6.04 2.86
CA LYS A 12 7.68 4.88 2.51
C LYS A 12 6.80 3.80 1.91
N VAL A 13 7.43 2.89 1.16
CA VAL A 13 6.81 1.75 0.52
C VAL A 13 7.78 0.59 0.76
N HIS A 14 7.21 -0.60 0.96
CA HIS A 14 7.91 -1.81 1.42
C HIS A 14 7.48 -3.04 0.61
N VAL A 15 6.89 -2.82 -0.57
CA VAL A 15 6.45 -3.83 -1.52
C VAL A 15 7.06 -3.54 -2.88
N LYS A 16 7.15 -4.58 -3.72
CA LYS A 16 7.53 -4.50 -5.12
C LYS A 16 6.70 -5.54 -5.87
N ALA A 17 6.54 -5.41 -7.19
CA ALA A 17 5.96 -6.46 -8.02
C ALA A 17 6.70 -7.77 -7.79
N GLY A 18 5.97 -8.86 -7.60
CA GLY A 18 6.50 -10.19 -7.37
C GLY A 18 6.83 -10.49 -5.89
N ASP A 19 6.81 -9.49 -5.01
CA ASP A 19 7.07 -9.71 -3.58
C ASP A 19 5.89 -10.44 -2.92
N GLN A 20 6.14 -11.14 -1.81
CA GLN A 20 5.10 -11.76 -0.98
C GLN A 20 4.70 -10.79 0.12
N ILE A 21 3.41 -10.73 0.43
CA ILE A 21 2.88 -10.02 1.59
C ILE A 21 1.91 -10.93 2.33
N GLU A 22 1.56 -10.53 3.55
CA GLU A 22 0.80 -11.35 4.49
C GLU A 22 -0.11 -10.38 5.24
N LYS A 23 -1.35 -10.76 5.51
CA LYS A 23 -2.33 -9.91 6.20
C LYS A 23 -1.70 -9.29 7.44
N GLY A 24 -1.69 -7.96 7.51
CA GLY A 24 -1.17 -7.21 8.65
C GLY A 24 0.33 -6.88 8.55
N GLN A 25 1.05 -7.33 7.52
CA GLN A 25 2.42 -6.91 7.28
C GLN A 25 2.38 -5.46 6.82
N GLU A 26 3.32 -4.64 7.28
CA GLU A 26 3.51 -3.29 6.75
C GLU A 26 3.88 -3.37 5.26
N VAL A 27 3.19 -2.59 4.43
CA VAL A 27 3.45 -2.49 3.00
C VAL A 27 3.75 -1.05 2.58
N ALA A 28 3.28 -0.04 3.32
CA ALA A 28 3.65 1.35 3.10
C ALA A 28 3.45 2.15 4.39
N ILE A 29 3.78 3.44 4.36
CA ILE A 29 3.49 4.38 5.44
C ILE A 29 3.01 5.67 4.79
N LEU A 30 2.02 6.32 5.41
CA LEU A 30 1.57 7.66 5.09
C LEU A 30 2.25 8.62 6.05
N GLU A 31 2.85 9.65 5.46
CA GLU A 31 2.74 10.99 6.03
C GLU A 31 1.34 11.46 5.66
N SER A 32 0.70 12.16 6.57
CA SER A 32 -0.63 12.70 6.38
C SER A 32 -0.64 14.09 7.00
N MET A 33 -0.17 15.07 6.24
CA MET A 33 -0.21 16.49 6.61
C MET A 33 0.37 16.73 8.01
N LYS A 34 1.54 16.11 8.25
CA LYS A 34 2.38 16.13 9.46
C LYS A 34 1.98 15.07 10.51
N MET A 35 1.14 14.09 10.14
CA MET A 35 0.79 12.94 10.98
C MET A 35 1.36 11.66 10.33
N GLU A 36 1.33 10.55 11.06
CA GLU A 36 2.00 9.30 10.71
C GLU A 36 0.97 8.16 10.79
N ILE A 37 0.88 7.34 9.74
CA ILE A 37 -0.11 6.26 9.67
C ILE A 37 0.53 5.06 8.94
N PRO A 38 0.80 3.92 9.62
CA PRO A 38 1.19 2.68 8.97
C PRO A 38 0.12 2.24 7.97
N ILE A 39 0.54 1.60 6.88
CA ILE A 39 -0.35 0.99 5.89
C ILE A 39 0.09 -0.46 5.78
N VAL A 40 -0.82 -1.35 6.16
CA VAL A 40 -0.59 -2.78 6.29
C VAL A 40 -1.44 -3.52 5.26
N ALA A 41 -0.97 -4.69 4.84
CA ALA A 41 -1.59 -5.50 3.81
C ALA A 41 -2.97 -5.92 4.29
N ASP A 42 -3.98 -5.55 3.52
CA ASP A 42 -5.37 -5.98 3.75
C ASP A 42 -5.50 -7.50 3.73
N ARG A 43 -4.74 -8.20 2.88
CA ARG A 43 -4.76 -9.66 2.78
C ARG A 43 -3.42 -10.15 2.22
N SER A 44 -3.11 -11.43 2.47
CA SER A 44 -1.89 -12.07 2.01
C SER A 44 -1.93 -12.26 0.49
N GLY A 45 -0.76 -12.36 -0.15
CA GLY A 45 -0.64 -12.74 -1.56
C GLY A 45 0.68 -12.32 -2.16
N ILE A 46 0.88 -12.67 -3.44
CA ILE A 46 1.99 -12.16 -4.24
C ILE A 46 1.50 -10.82 -4.80
N VAL A 47 2.32 -9.78 -4.69
CA VAL A 47 2.06 -8.50 -5.31
C VAL A 47 2.13 -8.67 -6.83
N LYS A 48 1.07 -8.28 -7.54
CA LYS A 48 1.10 -8.20 -8.99
C LYS A 48 1.70 -6.84 -9.39
N GLU A 49 1.27 -5.75 -8.76
CA GLU A 49 1.74 -4.41 -9.10
C GLU A 49 1.59 -3.50 -7.88
N VAL A 50 2.44 -2.49 -7.77
CA VAL A 50 2.31 -1.42 -6.79
C VAL A 50 1.89 -0.19 -7.60
N LYS A 51 0.73 0.39 -7.26
CA LYS A 51 0.10 1.45 -8.04
C LYS A 51 0.68 2.84 -7.71
N LYS A 52 1.59 2.91 -6.74
CA LYS A 52 2.22 4.13 -6.21
C LYS A 52 3.69 3.82 -5.92
N LYS A 53 4.43 4.82 -5.46
CA LYS A 53 5.84 4.69 -5.08
C LYS A 53 6.10 5.52 -3.84
N GLU A 54 7.24 5.29 -3.19
CA GLU A 54 7.75 6.11 -2.11
C GLU A 54 7.70 7.59 -2.51
N GLY A 55 6.94 8.39 -1.76
CA GLY A 55 6.83 9.82 -1.91
C GLY A 55 5.71 10.27 -2.85
N ASP A 56 4.92 9.34 -3.43
CA ASP A 56 3.78 9.71 -4.27
C ASP A 56 2.69 10.37 -3.41
N PHE A 57 1.83 11.19 -4.02
CA PHE A 57 0.65 11.73 -3.39
C PHE A 57 -0.42 10.64 -3.38
N VAL A 58 -1.24 10.59 -2.32
CA VAL A 58 -2.24 9.55 -2.14
C VAL A 58 -3.43 10.13 -1.37
N ASN A 59 -4.59 9.48 -1.50
CA ASN A 59 -5.83 9.97 -0.91
C ASN A 59 -6.77 8.84 -0.54
N GLU A 60 -7.83 9.16 0.19
CA GLU A 60 -8.89 8.22 0.53
C GLU A 60 -9.47 7.62 -0.76
N GLY A 61 -9.39 6.30 -0.90
CA GLY A 61 -9.90 5.55 -2.04
C GLY A 61 -8.90 5.45 -3.20
N ASP A 62 -7.73 6.09 -3.10
CA ASP A 62 -6.70 6.04 -4.14
C ASP A 62 -5.96 4.70 -4.00
N VAL A 63 -5.76 4.00 -5.11
CA VAL A 63 -5.19 2.66 -5.13
C VAL A 63 -3.74 2.62 -4.63
N LEU A 64 -3.28 1.44 -4.19
CA LEU A 64 -1.93 1.21 -3.67
C LEU A 64 -1.32 -0.06 -4.25
N LEU A 65 -2.07 -1.16 -4.36
CA LEU A 65 -1.53 -2.47 -4.69
C LEU A 65 -2.56 -3.28 -5.45
N GLU A 66 -2.08 -4.16 -6.31
CA GLU A 66 -2.85 -5.19 -6.98
C GLU A 66 -2.09 -6.47 -6.71
N LEU A 67 -2.79 -7.55 -6.39
CA LEU A 67 -2.22 -8.79 -5.90
C LEU A 67 -2.71 -9.92 -6.79
N SER A 68 -1.86 -10.89 -7.09
CA SER A 68 -2.24 -12.07 -7.85
C SER A 68 -3.27 -12.92 -7.08
N ASN A 69 -3.35 -12.75 -5.75
CA ASN A 69 -4.28 -13.46 -4.86
C ASN A 69 -5.59 -12.67 -4.64
N SER A 70 -5.85 -11.58 -5.39
CA SER A 70 -7.09 -10.80 -5.24
C SER A 70 -8.36 -11.63 -5.50
N THR A 71 -8.22 -12.81 -6.10
CA THR A 71 -9.26 -13.82 -6.28
C THR A 71 -9.77 -14.42 -4.96
N GLN A 72 -9.18 -14.10 -3.80
CA GLN A 72 -9.52 -14.65 -2.49
C GLN A 72 -9.57 -13.49 -1.49
C11 BTI B . 6.85 19.30 6.63
O11 BTI B . 7.36 19.94 7.55
C10 BTI B . 7.72 18.51 5.65
C9 BTI B . 8.24 17.19 6.27
C8 BTI B . 7.13 16.36 6.95
C7 BTI B . 7.65 14.96 7.30
C2 BTI B . 6.60 14.18 8.12
S1 BTI B . 6.40 14.66 9.84
C6 BTI B . 5.52 13.12 10.15
C5 BTI B . 6.16 12.01 9.29
N3 BTI B . 7.29 11.42 9.98
C3 BTI B . 8.48 11.61 9.44
O3 BTI B . 9.58 11.22 9.84
N2 BTI B . 8.24 12.31 8.33
C4 BTI B . 6.85 12.66 8.09
H102 BTI B . 8.56 19.12 5.35
H103 BTI B . 7.14 18.27 4.77
H92 BTI B . 9.00 17.44 7.02
H93 BTI B . 8.70 16.61 5.48
H82 BTI B . 6.28 16.27 6.28
H83 BTI B . 6.82 16.87 7.86
H72 BTI B . 8.57 15.04 7.89
H73 BTI B . 7.85 14.43 6.38
H2 BTI B . 5.64 14.34 7.65
H62 BTI B . 4.48 13.24 9.82
H63 BTI B . 5.53 12.87 11.20
H5 BTI B . 5.43 11.26 9.00
HN3 BTI B . 7.15 10.83 10.79
HN2 BTI B . 8.97 12.61 7.69
H4 BTI B . 6.51 12.21 7.16
N THR A 1 -6.55 -4.13 -5.44
CA THR A 1 -6.65 -5.05 -4.28
C THR A 1 -6.56 -4.31 -2.94
N VAL A 2 -5.54 -3.45 -2.72
CA VAL A 2 -5.42 -2.64 -1.50
C VAL A 2 -5.33 -1.19 -1.96
N SER A 3 -5.84 -0.26 -1.14
CA SER A 3 -5.95 1.15 -1.45
C SER A 3 -5.72 1.96 -0.17
N ILE A 4 -5.39 3.23 -0.33
CA ILE A 4 -5.24 4.19 0.74
C ILE A 4 -6.63 4.62 1.22
N GLN A 5 -6.69 5.10 2.47
CA GLN A 5 -7.92 5.37 3.22
C GLN A 5 -7.93 6.79 3.81
N MET A 6 -6.85 7.56 3.60
CA MET A 6 -6.65 8.88 4.19
C MET A 6 -5.84 9.73 3.22
N ALA A 7 -6.02 11.05 3.27
CA ALA A 7 -5.26 12.00 2.47
C ALA A 7 -3.84 12.07 3.00
N GLY A 8 -2.86 12.10 2.10
CA GLY A 8 -1.47 12.10 2.52
C GLY A 8 -0.49 11.93 1.37
N ASN A 9 0.73 11.55 1.76
CA ASN A 9 1.91 11.41 0.93
C ASN A 9 2.54 10.10 1.37
N LEU A 10 2.89 9.24 0.41
CA LEU A 10 3.29 7.87 0.66
C LEU A 10 4.75 7.79 1.09
N TRP A 11 5.03 8.34 2.28
CA TRP A 11 6.33 8.49 2.93
C TRP A 11 7.29 7.35 2.64
N LYS A 12 6.88 6.08 2.80
CA LYS A 12 7.70 4.93 2.45
C LYS A 12 6.82 3.85 1.85
N VAL A 13 7.46 2.94 1.10
CA VAL A 13 6.84 1.79 0.46
C VAL A 13 7.82 0.63 0.70
N HIS A 14 7.27 -0.56 0.90
CA HIS A 14 7.99 -1.75 1.36
C HIS A 14 7.61 -3.00 0.54
N VAL A 15 6.94 -2.81 -0.60
CA VAL A 15 6.51 -3.84 -1.53
C VAL A 15 7.09 -3.55 -2.91
N LYS A 16 7.17 -4.59 -3.75
CA LYS A 16 7.55 -4.51 -5.16
C LYS A 16 6.73 -5.56 -5.90
N ALA A 17 6.57 -5.44 -7.22
CA ALA A 17 6.00 -6.51 -8.04
C ALA A 17 6.77 -7.82 -7.79
N GLY A 18 6.03 -8.91 -7.58
CA GLY A 18 6.59 -10.23 -7.33
C GLY A 18 7.01 -10.48 -5.87
N ASP A 19 6.90 -9.48 -4.99
CA ASP A 19 7.10 -9.68 -3.55
C ASP A 19 5.93 -10.46 -2.95
N GLN A 20 6.03 -10.94 -1.71
CA GLN A 20 4.99 -11.69 -1.02
C GLN A 20 4.67 -10.99 0.29
N ILE A 21 3.38 -10.85 0.60
CA ILE A 21 2.86 -10.13 1.75
C ILE A 21 1.82 -10.99 2.46
N GLU A 22 1.50 -10.59 3.69
CA GLU A 22 0.65 -11.35 4.60
C GLU A 22 -0.20 -10.30 5.30
N LYS A 23 -1.47 -10.61 5.58
CA LYS A 23 -2.40 -9.67 6.20
C LYS A 23 -1.77 -9.10 7.48
N GLY A 24 -1.66 -7.78 7.56
CA GLY A 24 -1.09 -7.07 8.70
C GLY A 24 0.40 -6.74 8.55
N GLN A 25 1.08 -7.17 7.48
CA GLN A 25 2.47 -6.83 7.22
C GLN A 25 2.49 -5.40 6.66
N GLU A 26 3.45 -4.58 7.07
CA GLU A 26 3.59 -3.18 6.67
C GLU A 26 4.04 -3.12 5.20
N VAL A 27 3.20 -2.57 4.33
CA VAL A 27 3.46 -2.45 2.91
C VAL A 27 3.80 -1.01 2.52
N ALA A 28 3.35 0.00 3.28
CA ALA A 28 3.72 1.39 3.05
C ALA A 28 3.52 2.19 4.35
N ILE A 29 3.84 3.47 4.32
CA ILE A 29 3.53 4.42 5.39
C ILE A 29 3.07 5.72 4.74
N LEU A 30 2.08 6.37 5.35
CA LEU A 30 1.65 7.72 5.03
C LEU A 30 2.31 8.67 6.01
N GLU A 31 2.87 9.74 5.47
CA GLU A 31 2.74 11.04 6.09
C GLU A 31 1.34 11.51 5.69
N SER A 32 0.64 12.12 6.63
CA SER A 32 -0.68 12.67 6.42
C SER A 32 -0.68 14.01 7.14
N MET A 33 -0.15 15.03 6.46
CA MET A 33 -0.07 16.40 6.96
C MET A 33 0.58 16.43 8.36
N LYS A 34 1.69 15.68 8.48
CA LYS A 34 2.59 15.52 9.62
C LYS A 34 2.14 14.44 10.62
N MET A 35 1.09 13.66 10.32
CA MET A 35 0.70 12.48 11.09
C MET A 35 1.33 11.24 10.45
N GLU A 36 1.85 10.33 11.27
CA GLU A 36 2.29 9.01 10.84
C GLU A 36 1.06 8.10 10.78
N ILE A 37 0.87 7.37 9.67
CA ILE A 37 -0.14 6.31 9.59
C ILE A 37 0.49 5.12 8.84
N PRO A 38 0.79 3.99 9.51
CA PRO A 38 1.19 2.74 8.85
C PRO A 38 0.13 2.30 7.84
N ILE A 39 0.57 1.64 6.76
CA ILE A 39 -0.31 1.03 5.77
C ILE A 39 0.13 -0.42 5.70
N VAL A 40 -0.78 -1.30 6.09
CA VAL A 40 -0.54 -2.73 6.22
C VAL A 40 -1.42 -3.46 5.21
N ALA A 41 -0.97 -4.64 4.78
CA ALA A 41 -1.66 -5.45 3.78
C ALA A 41 -3.02 -5.85 4.35
N ASP A 42 -4.09 -5.48 3.65
CA ASP A 42 -5.45 -5.85 4.03
C ASP A 42 -5.73 -7.34 3.77
N ARG A 43 -4.94 -7.98 2.91
CA ARG A 43 -5.01 -9.41 2.59
C ARG A 43 -3.62 -9.88 2.18
N SER A 44 -3.32 -11.15 2.46
CA SER A 44 -2.09 -11.81 2.03
C SER A 44 -2.08 -12.00 0.51
N GLY A 45 -0.89 -12.21 -0.07
CA GLY A 45 -0.75 -12.63 -1.46
C GLY A 45 0.62 -12.32 -2.05
N ILE A 46 0.79 -12.63 -3.33
CA ILE A 46 1.95 -12.20 -4.12
C ILE A 46 1.53 -10.86 -4.72
N VAL A 47 2.42 -9.87 -4.71
CA VAL A 47 2.16 -8.57 -5.31
C VAL A 47 2.19 -8.73 -6.84
N LYS A 48 1.13 -8.28 -7.52
CA LYS A 48 1.13 -8.16 -8.97
C LYS A 48 1.79 -6.84 -9.32
N GLU A 49 1.36 -5.74 -8.70
CA GLU A 49 1.85 -4.41 -9.04
C GLU A 49 1.62 -3.49 -7.85
N VAL A 50 2.52 -2.54 -7.64
CA VAL A 50 2.35 -1.47 -6.66
C VAL A 50 1.92 -0.25 -7.47
N LYS A 51 0.73 0.30 -7.17
CA LYS A 51 0.09 1.34 -7.97
C LYS A 51 0.63 2.73 -7.65
N LYS A 52 1.55 2.84 -6.68
CA LYS A 52 2.20 4.07 -6.21
C LYS A 52 3.64 3.72 -5.90
N LYS A 53 4.44 4.71 -5.51
CA LYS A 53 5.82 4.53 -5.07
C LYS A 53 6.12 5.52 -3.95
N GLU A 54 7.26 5.35 -3.30
CA GLU A 54 7.75 6.22 -2.23
C GLU A 54 7.67 7.68 -2.66
N GLY A 55 6.94 8.49 -1.89
CA GLY A 55 6.82 9.93 -2.06
C GLY A 55 5.65 10.36 -2.95
N ASP A 56 4.83 9.42 -3.48
CA ASP A 56 3.68 9.78 -4.30
C ASP A 56 2.60 10.45 -3.44
N PHE A 57 1.70 11.20 -4.06
CA PHE A 57 0.52 11.76 -3.39
C PHE A 57 -0.57 10.69 -3.41
N VAL A 58 -1.36 10.62 -2.34
CA VAL A 58 -2.35 9.56 -2.15
C VAL A 58 -3.54 10.11 -1.36
N ASN A 59 -4.71 9.47 -1.50
CA ASN A 59 -5.94 9.93 -0.90
C ASN A 59 -6.87 8.78 -0.56
N GLU A 60 -7.93 9.07 0.20
CA GLU A 60 -8.97 8.10 0.52
C GLU A 60 -9.55 7.53 -0.79
N GLY A 61 -9.40 6.21 -0.98
CA GLY A 61 -9.92 5.47 -2.13
C GLY A 61 -8.90 5.35 -3.27
N ASP A 62 -7.73 5.99 -3.16
CA ASP A 62 -6.70 5.94 -4.19
C ASP A 62 -5.96 4.61 -4.07
N VAL A 63 -5.77 3.91 -5.18
CA VAL A 63 -5.20 2.57 -5.23
C VAL A 63 -3.76 2.53 -4.70
N LEU A 64 -3.33 1.35 -4.22
CA LEU A 64 -2.02 1.15 -3.61
C LEU A 64 -1.36 -0.13 -4.12
N LEU A 65 -2.09 -1.25 -4.22
CA LEU A 65 -1.54 -2.56 -4.52
C LEU A 65 -2.56 -3.37 -5.30
N GLU A 66 -2.05 -4.23 -6.17
CA GLU A 66 -2.79 -5.25 -6.88
C GLU A 66 -2.00 -6.52 -6.67
N LEU A 67 -2.68 -7.63 -6.42
CA LEU A 67 -2.09 -8.89 -5.97
C LEU A 67 -2.48 -10.01 -6.94
N SER A 68 -1.83 -11.17 -6.83
CA SER A 68 -1.97 -12.30 -7.74
C SER A 68 -2.45 -13.58 -7.05
N ASN A 69 -2.55 -13.60 -5.71
CA ASN A 69 -3.02 -14.75 -4.93
C ASN A 69 -4.14 -14.30 -4.00
N SER A 70 -4.93 -13.32 -4.46
CA SER A 70 -5.91 -12.58 -3.70
C SER A 70 -6.99 -12.07 -4.66
N THR A 71 -7.96 -11.35 -4.14
CA THR A 71 -9.02 -10.70 -4.92
C THR A 71 -8.38 -9.71 -5.89
N GLN A 72 -8.50 -10.01 -7.18
CA GLN A 72 -7.86 -9.30 -8.29
C GLN A 72 -8.84 -9.22 -9.46
C11 BTI B . 6.65 19.66 7.88
O11 BTI B . 7.39 20.04 8.79
C10 BTI B . 7.24 19.01 6.63
C9 BTI B . 7.85 17.62 6.92
C8 BTI B . 6.83 16.65 7.54
C7 BTI B . 7.45 15.25 7.69
C2 BTI B . 6.50 14.29 8.42
S1 BTI B . 6.30 14.57 10.19
C6 BTI B . 5.54 12.93 10.31
C5 BTI B . 6.28 11.99 9.36
N3 BTI B . 7.46 11.44 9.99
C3 BTI B . 8.63 11.79 9.43
O3 BTI B . 9.75 11.45 9.78
N2 BTI B . 8.30 12.57 8.39
C4 BTI B . 6.87 12.81 8.22
H102 BTI B . 8.01 19.66 6.23
H103 BTI B . 6.46 18.90 5.87
H92 BTI B . 8.68 17.73 7.61
H93 BTI B . 8.21 17.21 5.98
H82 BTI B . 5.96 16.58 6.91
H83 BTI B . 6.54 17.01 8.52
H72 BTI B . 8.39 15.33 8.24
H73 BTI B . 7.67 14.86 6.69
H2 BTI B . 5.52 14.43 7.99
H62 BTI B . 4.50 13.01 9.98
H63 BTI B . 5.56 12.55 11.34
H5 BTI B . 5.62 11.21 9.00
HN3 BTI B . 7.39 10.81 10.76
HN2 BTI B . 8.98 12.98 7.77
H4 BTI B . 6.55 12.44 7.25
N THR A 1 -6.41 -3.61 -5.77
CA THR A 1 -6.63 -4.52 -4.62
C THR A 1 -6.57 -3.72 -3.31
N VAL A 2 -5.38 -3.43 -2.76
CA VAL A 2 -5.26 -2.62 -1.54
C VAL A 2 -5.21 -1.15 -1.99
N SER A 3 -5.75 -0.26 -1.15
CA SER A 3 -5.86 1.17 -1.43
C SER A 3 -5.62 1.95 -0.15
N ILE A 4 -5.33 3.23 -0.31
CA ILE A 4 -5.10 4.18 0.76
C ILE A 4 -6.46 4.61 1.35
N GLN A 5 -6.45 5.05 2.61
CA GLN A 5 -7.65 5.30 3.41
C GLN A 5 -7.70 6.72 3.99
N MET A 6 -6.72 7.56 3.67
CA MET A 6 -6.57 8.92 4.21
C MET A 6 -5.80 9.78 3.19
N ALA A 7 -6.05 11.08 3.19
CA ALA A 7 -5.30 12.06 2.42
C ALA A 7 -3.86 12.11 2.92
N GLY A 8 -2.88 12.11 2.02
CA GLY A 8 -1.49 12.11 2.46
C GLY A 8 -0.49 11.94 1.34
N ASN A 9 0.71 11.53 1.74
CA ASN A 9 1.90 11.38 0.93
C ASN A 9 2.50 10.06 1.37
N LEU A 10 2.85 9.20 0.42
CA LEU A 10 3.22 7.82 0.67
C LEU A 10 4.68 7.72 1.11
N TRP A 11 4.96 8.29 2.28
CA TRP A 11 6.25 8.45 2.95
C TRP A 11 7.23 7.32 2.65
N LYS A 12 6.81 6.05 2.82
CA LYS A 12 7.63 4.90 2.46
C LYS A 12 6.75 3.81 1.87
N VAL A 13 7.37 2.92 1.11
CA VAL A 13 6.76 1.76 0.48
C VAL A 13 7.72 0.60 0.72
N HIS A 14 7.16 -0.59 0.92
CA HIS A 14 7.86 -1.79 1.39
C HIS A 14 7.45 -3.03 0.59
N VAL A 15 6.86 -2.81 -0.60
CA VAL A 15 6.42 -3.83 -1.54
C VAL A 15 7.04 -3.57 -2.91
N LYS A 16 7.13 -4.62 -3.72
CA LYS A 16 7.53 -4.56 -5.13
C LYS A 16 6.71 -5.62 -5.87
N ALA A 17 6.57 -5.49 -7.19
CA ALA A 17 5.99 -6.55 -8.02
C ALA A 17 6.75 -7.85 -7.78
N GLY A 18 6.01 -8.94 -7.57
CA GLY A 18 6.54 -10.27 -7.34
C GLY A 18 6.87 -10.57 -5.88
N ASP A 19 6.82 -9.58 -4.98
CA ASP A 19 7.10 -9.80 -3.56
C ASP A 19 5.92 -10.48 -2.86
N GLN A 20 6.18 -11.24 -1.80
CA GLN A 20 5.16 -11.84 -0.94
C GLN A 20 4.77 -10.84 0.14
N ILE A 21 3.50 -10.79 0.51
CA ILE A 21 2.98 -10.06 1.66
C ILE A 21 2.02 -10.96 2.42
N GLU A 22 1.70 -10.56 3.65
CA GLU A 22 0.97 -11.36 4.62
C GLU A 22 0.05 -10.38 5.35
N LYS A 23 -1.18 -10.77 5.66
CA LYS A 23 -2.18 -9.89 6.26
C LYS A 23 -1.59 -9.22 7.51
N GLY A 24 -1.65 -7.89 7.56
CA GLY A 24 -1.14 -7.11 8.69
C GLY A 24 0.35 -6.78 8.59
N GLN A 25 1.08 -7.24 7.57
CA GLN A 25 2.45 -6.81 7.30
C GLN A 25 2.38 -5.36 6.82
N GLU A 26 3.30 -4.52 7.26
CA GLU A 26 3.48 -3.18 6.71
C GLU A 26 3.83 -3.29 5.23
N VAL A 27 3.13 -2.54 4.37
CA VAL A 27 3.38 -2.47 2.94
C VAL A 27 3.68 -1.04 2.51
N ALA A 28 3.20 -0.02 3.24
CA ALA A 28 3.56 1.37 3.01
C ALA A 28 3.36 2.17 4.29
N ILE A 29 3.68 3.46 4.27
CA ILE A 29 3.39 4.39 5.36
C ILE A 29 2.93 5.70 4.72
N LEU A 30 1.96 6.36 5.35
CA LEU A 30 1.53 7.71 5.04
C LEU A 30 2.22 8.64 6.01
N GLU A 31 2.77 9.72 5.48
CA GLU A 31 2.63 11.01 6.12
C GLU A 31 1.27 11.51 5.68
N SER A 32 0.53 12.10 6.61
CA SER A 32 -0.77 12.68 6.37
C SER A 32 -0.81 13.96 7.17
N MET A 33 -0.58 15.11 6.52
CA MET A 33 -0.52 16.43 7.16
C MET A 33 0.39 16.39 8.41
N LYS A 34 1.58 15.80 8.22
CA LYS A 34 2.63 15.52 9.19
C LYS A 34 2.20 14.64 10.39
N MET A 35 1.30 13.67 10.15
CA MET A 35 0.93 12.61 11.08
C MET A 35 1.30 11.27 10.45
N GLU A 36 1.88 10.37 11.24
CA GLU A 36 2.26 9.02 10.82
C GLU A 36 1.01 8.13 10.75
N ILE A 37 0.84 7.35 9.67
CA ILE A 37 -0.19 6.31 9.59
C ILE A 37 0.41 5.11 8.84
N PRO A 38 0.70 3.97 9.52
CA PRO A 38 1.08 2.72 8.85
C PRO A 38 0.01 2.28 7.85
N ILE A 39 0.42 1.63 6.77
CA ILE A 39 -0.48 1.02 5.80
C ILE A 39 -0.02 -0.43 5.69
N VAL A 40 -0.93 -1.33 6.05
CA VAL A 40 -0.66 -2.76 6.21
C VAL A 40 -1.50 -3.54 5.20
N ALA A 41 -1.03 -4.73 4.82
CA ALA A 41 -1.64 -5.58 3.84
C ALA A 41 -3.02 -6.00 4.31
N ASP A 42 -4.05 -5.61 3.56
CA ASP A 42 -5.45 -5.99 3.81
C ASP A 42 -5.64 -7.51 3.76
N ARG A 43 -4.83 -8.23 2.97
CA ARG A 43 -4.75 -9.69 2.98
C ARG A 43 -3.37 -10.12 2.49
N SER A 44 -3.01 -11.37 2.78
CA SER A 44 -1.82 -12.02 2.25
C SER A 44 -1.91 -12.17 0.72
N GLY A 45 -0.77 -12.33 0.06
CA GLY A 45 -0.71 -12.66 -1.36
C GLY A 45 0.65 -12.33 -1.94
N ILE A 46 0.83 -12.59 -3.24
CA ILE A 46 1.98 -12.11 -3.99
C ILE A 46 1.52 -10.85 -4.71
N VAL A 47 2.34 -9.80 -4.65
CA VAL A 47 2.08 -8.54 -5.29
C VAL A 47 2.16 -8.73 -6.80
N LYS A 48 1.10 -8.38 -7.52
CA LYS A 48 1.14 -8.30 -8.97
C LYS A 48 1.75 -6.96 -9.35
N GLU A 49 1.32 -5.86 -8.74
CA GLU A 49 1.77 -4.52 -9.12
C GLU A 49 1.63 -3.58 -7.92
N VAL A 50 2.40 -2.50 -7.90
CA VAL A 50 2.27 -1.42 -6.91
C VAL A 50 1.86 -0.19 -7.71
N LYS A 51 0.72 0.41 -7.37
CA LYS A 51 0.09 1.49 -8.14
C LYS A 51 0.68 2.86 -7.77
N LYS A 52 1.57 2.94 -6.79
CA LYS A 52 2.20 4.16 -6.28
C LYS A 52 3.67 3.84 -5.98
N LYS A 53 4.41 4.85 -5.52
CA LYS A 53 5.81 4.72 -5.14
C LYS A 53 6.07 5.56 -3.89
N GLU A 54 7.20 5.32 -3.24
CA GLU A 54 7.71 6.13 -2.15
C GLU A 54 7.68 7.61 -2.55
N GLY A 55 6.93 8.41 -1.79
CA GLY A 55 6.82 9.85 -1.95
C GLY A 55 5.71 10.30 -2.89
N ASP A 56 4.92 9.39 -3.47
CA ASP A 56 3.78 9.77 -4.31
C ASP A 56 2.69 10.42 -3.44
N PHE A 57 1.84 11.25 -4.05
CA PHE A 57 0.66 11.80 -3.41
C PHE A 57 -0.43 10.72 -3.45
N VAL A 58 -1.26 10.66 -2.40
CA VAL A 58 -2.26 9.62 -2.23
C VAL A 58 -3.46 10.18 -1.46
N ASN A 59 -4.61 9.51 -1.56
CA ASN A 59 -5.84 9.99 -0.95
C ASN A 59 -6.74 8.83 -0.55
N GLU A 60 -7.79 9.13 0.22
CA GLU A 60 -8.80 8.14 0.58
C GLU A 60 -9.41 7.52 -0.68
N GLY A 61 -9.29 6.19 -0.82
CA GLY A 61 -9.80 5.42 -1.93
C GLY A 61 -8.84 5.37 -3.12
N ASP A 62 -7.68 6.02 -3.05
CA ASP A 62 -6.67 5.99 -4.11
C ASP A 62 -5.92 4.66 -4.00
N VAL A 63 -5.72 3.97 -5.12
CA VAL A 63 -5.14 2.63 -5.15
C VAL A 63 -3.69 2.59 -4.66
N LEU A 64 -3.23 1.42 -4.22
CA LEU A 64 -1.88 1.20 -3.72
C LEU A 64 -1.26 -0.08 -4.30
N LEU A 65 -2.01 -1.18 -4.37
CA LEU A 65 -1.46 -2.50 -4.68
C LEU A 65 -2.47 -3.29 -5.48
N GLU A 66 -1.97 -4.19 -6.31
CA GLU A 66 -2.72 -5.22 -7.00
C GLU A 66 -2.01 -6.52 -6.68
N LEU A 67 -2.76 -7.57 -6.33
CA LEU A 67 -2.22 -8.80 -5.78
C LEU A 67 -2.73 -9.95 -6.64
N SER A 68 -1.88 -10.90 -6.99
CA SER A 68 -2.25 -12.08 -7.76
C SER A 68 -3.34 -12.87 -7.02
N ASN A 69 -3.29 -12.92 -5.69
CA ASN A 69 -4.30 -13.57 -4.85
C ASN A 69 -5.70 -12.98 -5.06
N SER A 70 -5.80 -11.71 -5.48
CA SER A 70 -7.05 -10.99 -5.72
C SER A 70 -7.31 -10.73 -7.21
N THR A 71 -6.45 -11.24 -8.11
CA THR A 71 -6.53 -10.97 -9.55
C THR A 71 -6.58 -12.28 -10.36
N GLN A 72 -6.29 -13.43 -9.73
CA GLN A 72 -6.49 -14.77 -10.28
C GLN A 72 -7.94 -14.94 -10.76
C11 BTI B . 6.30 19.39 8.56
O11 BTI B . 7.05 19.71 9.49
C10 BTI B . 6.87 18.84 7.26
C9 BTI B . 7.60 17.50 7.42
C8 BTI B . 6.68 16.42 7.99
C7 BTI B . 7.34 15.04 8.02
C2 BTI B . 6.43 14.02 8.73
S1 BTI B . 6.26 14.23 10.51
C6 BTI B . 5.50 12.60 10.60
C5 BTI B . 6.22 11.69 9.59
N3 BTI B . 7.40 11.10 10.17
C3 BTI B . 8.56 11.48 9.63
O3 BTI B . 9.69 11.12 9.95
N2 BTI B . 8.23 12.31 8.64
C4 BTI B . 6.80 12.55 8.47
H102 BTI B . 7.56 19.58 6.84
H103 BTI B . 6.06 18.71 6.53
H92 BTI B . 8.45 17.64 8.08
H93 BTI B . 7.96 17.19 6.44
H82 BTI B . 5.77 16.36 7.38
H83 BTI B . 6.41 16.69 9.00
H72 BTI B . 8.30 15.09 8.54
H73 BTI B . 7.52 14.71 6.99
H2 BTI B . 5.43 14.15 8.31
H62 BTI B . 4.46 12.69 10.32
H63 BTI B . 5.57 12.20 11.61
H5 BTI B . 5.54 10.93 9.19
HN3 BTI B . 7.34 10.43 10.92
HN2 BTI B . 8.91 12.76 8.03
H4 BTI B . 6.48 12.21 7.49
N THR A 1 -6.54 -3.96 -5.61
CA THR A 1 -6.68 -4.96 -4.53
C THR A 1 -6.56 -4.33 -3.13
N VAL A 2 -5.47 -3.60 -2.82
CA VAL A 2 -5.38 -2.80 -1.60
C VAL A 2 -5.31 -1.32 -2.05
N SER A 3 -5.77 -0.42 -1.20
CA SER A 3 -5.90 1.01 -1.46
C SER A 3 -5.52 1.78 -0.20
N ILE A 4 -5.06 3.01 -0.37
CA ILE A 4 -4.78 3.94 0.71
C ILE A 4 -6.12 4.32 1.38
N GLN A 5 -6.08 4.68 2.66
CA GLN A 5 -7.26 4.86 3.51
C GLN A 5 -7.41 6.28 4.08
N MET A 6 -6.47 7.18 3.76
CA MET A 6 -6.43 8.54 4.30
C MET A 6 -5.68 9.44 3.32
N ALA A 7 -5.98 10.75 3.32
CA ALA A 7 -5.28 11.76 2.57
C ALA A 7 -3.85 11.88 3.06
N GLY A 8 -2.88 11.93 2.15
CA GLY A 8 -1.50 12.01 2.56
C GLY A 8 -0.51 11.83 1.42
N ASN A 9 0.71 11.47 1.80
CA ASN A 9 1.86 11.25 0.93
C ASN A 9 2.46 9.95 1.39
N LEU A 10 2.81 9.07 0.46
CA LEU A 10 3.21 7.70 0.72
C LEU A 10 4.67 7.62 1.14
N TRP A 11 4.97 8.24 2.29
CA TRP A 11 6.27 8.45 2.94
C TRP A 11 7.27 7.33 2.66
N LYS A 12 6.88 6.06 2.85
CA LYS A 12 7.71 4.92 2.48
C LYS A 12 6.83 3.83 1.89
N VAL A 13 7.43 2.96 1.11
CA VAL A 13 6.82 1.81 0.46
C VAL A 13 7.79 0.64 0.69
N HIS A 14 7.22 -0.55 0.89
CA HIS A 14 7.93 -1.75 1.34
C HIS A 14 7.49 -2.98 0.55
N VAL A 15 6.83 -2.79 -0.60
CA VAL A 15 6.39 -3.81 -1.53
C VAL A 15 7.06 -3.57 -2.88
N LYS A 16 7.15 -4.62 -3.68
CA LYS A 16 7.59 -4.60 -5.06
C LYS A 16 6.76 -5.63 -5.81
N ALA A 17 6.63 -5.50 -7.14
CA ALA A 17 6.05 -6.56 -7.96
C ALA A 17 6.80 -7.87 -7.71
N GLY A 18 6.07 -8.97 -7.51
CA GLY A 18 6.61 -10.29 -7.24
C GLY A 18 6.94 -10.54 -5.76
N ASP A 19 6.89 -9.53 -4.87
CA ASP A 19 7.10 -9.74 -3.43
C ASP A 19 5.88 -10.43 -2.80
N GLN A 20 6.07 -11.09 -1.66
CA GLN A 20 4.99 -11.73 -0.88
C GLN A 20 4.51 -10.74 0.19
N ILE A 21 3.20 -10.69 0.44
CA ILE A 21 2.59 -9.99 1.56
C ILE A 21 1.55 -10.87 2.23
N GLU A 22 1.12 -10.43 3.41
CA GLU A 22 0.28 -11.14 4.36
C GLU A 22 -0.51 -10.05 5.07
N LYS A 23 -1.78 -10.29 5.38
CA LYS A 23 -2.63 -9.32 6.08
C LYS A 23 -1.93 -8.95 7.40
N GLY A 24 -1.64 -7.65 7.58
CA GLY A 24 -0.95 -7.13 8.76
C GLY A 24 0.54 -6.85 8.52
N GLN A 25 1.12 -7.24 7.38
CA GLN A 25 2.49 -6.91 7.02
C GLN A 25 2.49 -5.44 6.56
N GLU A 26 3.48 -4.66 6.98
CA GLU A 26 3.63 -3.24 6.64
C GLU A 26 4.05 -3.12 5.17
N VAL A 27 3.19 -2.56 4.32
CA VAL A 27 3.45 -2.43 2.89
C VAL A 27 3.77 -0.99 2.50
N ALA A 28 3.29 0.01 3.26
CA ALA A 28 3.68 1.40 3.09
C ALA A 28 3.48 2.15 4.41
N ILE A 29 3.80 3.43 4.42
CA ILE A 29 3.51 4.37 5.51
C ILE A 29 3.02 5.65 4.85
N LEU A 30 2.04 6.31 5.47
CA LEU A 30 1.58 7.64 5.14
C LEU A 30 2.26 8.63 6.07
N GLU A 31 2.83 9.66 5.47
CA GLU A 31 2.73 10.99 6.03
C GLU A 31 1.33 11.47 5.66
N SER A 32 0.70 12.22 6.56
CA SER A 32 -0.62 12.77 6.36
C SER A 32 -0.59 14.16 6.94
N MET A 33 -0.10 15.13 6.17
CA MET A 33 -0.10 16.55 6.48
C MET A 33 0.42 16.82 7.90
N LYS A 34 1.57 16.20 8.21
CA LYS A 34 2.35 16.25 9.45
C LYS A 34 1.91 15.21 10.51
N MET A 35 1.12 14.21 10.11
CA MET A 35 0.77 13.05 10.94
C MET A 35 1.37 11.78 10.31
N GLU A 36 1.35 10.67 11.05
CA GLU A 36 2.06 9.44 10.73
C GLU A 36 1.09 8.27 10.87
N ILE A 37 0.97 7.42 9.84
CA ILE A 37 0.02 6.32 9.82
C ILE A 37 0.66 5.15 9.04
N PRO A 38 0.88 3.96 9.64
CA PRO A 38 1.32 2.79 8.89
C PRO A 38 0.21 2.30 7.96
N ILE A 39 0.60 1.70 6.85
CA ILE A 39 -0.31 1.09 5.89
C ILE A 39 0.12 -0.37 5.83
N VAL A 40 -0.52 -1.20 6.65
CA VAL A 40 -0.38 -2.63 6.63
C VAL A 40 -1.35 -3.18 5.57
N ALA A 41 -0.97 -4.30 4.93
CA ALA A 41 -1.79 -4.96 3.94
C ALA A 41 -3.08 -5.42 4.60
N ASP A 42 -4.20 -5.16 3.94
CA ASP A 42 -5.50 -5.70 4.35
C ASP A 42 -5.76 -7.10 3.76
N ARG A 43 -4.86 -7.62 2.93
CA ARG A 43 -4.98 -8.91 2.26
C ARG A 43 -3.62 -9.61 2.23
N SER A 44 -3.60 -10.86 1.78
CA SER A 44 -2.41 -11.68 1.64
C SER A 44 -2.29 -12.15 0.19
N GLY A 45 -1.06 -12.32 -0.29
CA GLY A 45 -0.81 -12.81 -1.64
C GLY A 45 0.55 -12.35 -2.15
N ILE A 46 0.90 -12.73 -3.37
CA ILE A 46 2.05 -12.18 -4.06
C ILE A 46 1.57 -10.90 -4.75
N VAL A 47 2.37 -9.85 -4.67
CA VAL A 47 2.11 -8.57 -5.32
C VAL A 47 2.23 -8.77 -6.84
N LYS A 48 1.23 -8.33 -7.59
CA LYS A 48 1.29 -8.25 -9.04
C LYS A 48 1.85 -6.88 -9.42
N GLU A 49 1.38 -5.80 -8.78
CA GLU A 49 1.82 -4.44 -9.10
C GLU A 49 1.67 -3.57 -7.86
N VAL A 50 2.46 -2.50 -7.79
CA VAL A 50 2.34 -1.45 -6.78
C VAL A 50 1.91 -0.20 -7.56
N LYS A 51 0.71 0.30 -7.28
CA LYS A 51 0.08 1.37 -8.04
C LYS A 51 0.61 2.76 -7.68
N LYS A 52 1.53 2.85 -6.70
CA LYS A 52 2.13 4.08 -6.18
C LYS A 52 3.59 3.79 -5.85
N LYS A 53 4.30 4.80 -5.36
CA LYS A 53 5.73 4.73 -5.06
C LYS A 53 6.03 5.59 -3.84
N GLU A 54 7.18 5.38 -3.23
CA GLU A 54 7.70 6.19 -2.13
C GLU A 54 7.61 7.68 -2.48
N GLY A 55 6.87 8.43 -1.66
CA GLY A 55 6.74 9.88 -1.73
C GLY A 55 5.61 10.35 -2.66
N ASP A 56 4.86 9.44 -3.31
CA ASP A 56 3.76 9.83 -4.19
C ASP A 56 2.59 10.39 -3.36
N PHE A 57 1.74 11.22 -3.96
CA PHE A 57 0.55 11.76 -3.34
C PHE A 57 -0.55 10.69 -3.40
N VAL A 58 -1.34 10.56 -2.34
CA VAL A 58 -2.31 9.50 -2.17
C VAL A 58 -3.50 9.99 -1.36
N ASN A 59 -4.64 9.28 -1.44
CA ASN A 59 -5.86 9.70 -0.79
C ASN A 59 -6.72 8.52 -0.38
N GLU A 60 -7.76 8.78 0.41
CA GLU A 60 -8.74 7.78 0.81
C GLU A 60 -9.35 7.14 -0.44
N GLY A 61 -9.20 5.82 -0.58
CA GLY A 61 -9.73 5.03 -1.68
C GLY A 61 -8.88 5.07 -2.94
N ASP A 62 -7.71 5.73 -2.91
CA ASP A 62 -6.78 5.73 -4.03
C ASP A 62 -6.03 4.40 -4.02
N VAL A 63 -5.81 3.79 -5.17
CA VAL A 63 -5.24 2.45 -5.28
C VAL A 63 -3.79 2.41 -4.81
N LEU A 64 -3.37 1.27 -4.27
CA LEU A 64 -2.04 1.05 -3.70
C LEU A 64 -1.38 -0.21 -4.28
N LEU A 65 -2.12 -1.31 -4.42
CA LEU A 65 -1.56 -2.62 -4.75
C LEU A 65 -2.56 -3.42 -5.56
N GLU A 66 -2.04 -4.26 -6.43
CA GLU A 66 -2.77 -5.29 -7.15
C GLU A 66 -2.02 -6.58 -6.87
N LEU A 67 -2.74 -7.67 -6.60
CA LEU A 67 -2.15 -8.91 -6.11
C LEU A 67 -2.52 -10.05 -7.05
N SER A 68 -1.58 -10.97 -7.25
CA SER A 68 -1.80 -12.20 -8.00
C SER A 68 -2.89 -13.05 -7.35
N ASN A 69 -3.03 -12.97 -6.01
CA ASN A 69 -4.16 -13.53 -5.28
C ASN A 69 -5.33 -12.56 -5.42
N SER A 70 -5.80 -12.31 -6.64
CA SER A 70 -6.96 -11.46 -6.90
C SER A 70 -8.23 -12.07 -6.27
N THR A 71 -8.22 -13.38 -6.03
CA THR A 71 -9.21 -14.14 -5.27
C THR A 71 -9.28 -13.73 -3.79
N GLN A 72 -8.27 -13.01 -3.28
CA GLN A 72 -8.18 -12.40 -1.96
C GLN A 72 -8.57 -13.41 -0.86
C11 BTI B . 7.04 18.80 9.31
O11 BTI B . 7.50 18.48 10.41
C10 BTI B . 7.78 18.42 8.02
C9 BTI B . 6.86 17.81 6.94
C8 BTI B . 6.02 16.61 7.41
C7 BTI B . 6.83 15.34 7.65
C2 BTI B . 5.99 14.31 8.43
S1 BTI B . 5.82 14.63 10.19
C6 BTI B . 5.17 12.97 10.38
C5 BTI B . 5.92 12.03 9.43
N3 BTI B . 7.14 11.53 10.02
C3 BTI B . 8.28 11.95 9.48
O3 BTI B . 9.43 11.66 9.83
N2 BTI B . 7.91 12.73 8.46
C4 BTI B . 6.48 12.86 8.27
H102 BTI B . 8.57 17.71 8.26
H103 BTI B . 8.23 19.32 7.61
H92 BTI B . 7.46 17.50 6.09
H93 BTI B . 6.17 18.58 6.59
H82 BTI B . 5.27 16.40 6.66
H83 BTI B . 5.49 16.88 8.33
H72 BTI B . 7.74 15.55 8.23
H73 BTI B . 7.13 14.92 6.68
H2 BTI B . 4.98 14.34 8.01
H62 BTI B . 4.12 13.00 10.08
H63 BTI B . 5.24 12.62 11.42
H5 BTI B . 5.28 11.22 9.08
HN3 BTI B . 7.11 10.85 10.77
HN2 BTI B . 8.57 13.19 7.85
H4 BTI B . 6.19 12.44 7.31
#